data_3S8L
# 
_entry.id   3S8L 
# 
_audit_conform.dict_name       mmcif_pdbx.dic 
_audit_conform.dict_version    5.399 
_audit_conform.dict_location   http://mmcif.pdb.org/dictionaries/ascii/mmcif_pdbx.dic 
# 
loop_
_database_2.database_id 
_database_2.database_code 
_database_2.pdbx_database_accession 
_database_2.pdbx_DOI 
PDB   3S8L         pdb_00003s8l 10.2210/pdb3s8l/pdb 
RCSB  RCSB065897   ?            ?                   
WWPDB D_1000065897 ?            ?                   
# 
loop_
_pdbx_audit_revision_history.ordinal 
_pdbx_audit_revision_history.data_content_type 
_pdbx_audit_revision_history.major_revision 
_pdbx_audit_revision_history.minor_revision 
_pdbx_audit_revision_history.revision_date 
1 'Structure model' 1 0 2011-11-02 
2 'Structure model' 1 1 2011-12-07 
3 'Structure model' 1 2 2023-09-13 
4 'Structure model' 1 3 2023-12-06 
5 'Structure model' 1 4 2024-11-20 
# 
_pdbx_audit_revision_details.ordinal             1 
_pdbx_audit_revision_details.revision_ordinal    1 
_pdbx_audit_revision_details.data_content_type   'Structure model' 
_pdbx_audit_revision_details.provider            repository 
_pdbx_audit_revision_details.type                'Initial release' 
_pdbx_audit_revision_details.description         ? 
_pdbx_audit_revision_details.details             ? 
# 
loop_
_pdbx_audit_revision_group.ordinal 
_pdbx_audit_revision_group.revision_ordinal 
_pdbx_audit_revision_group.data_content_type 
_pdbx_audit_revision_group.group 
1 2 'Structure model' 'Database references'    
2 3 'Structure model' 'Data collection'        
3 3 'Structure model' 'Database references'    
4 3 'Structure model' 'Derived calculations'   
5 3 'Structure model' 'Refinement description' 
6 4 'Structure model' 'Data collection'        
7 5 'Structure model' 'Structure summary'      
# 
loop_
_pdbx_audit_revision_category.ordinal 
_pdbx_audit_revision_category.revision_ordinal 
_pdbx_audit_revision_category.data_content_type 
_pdbx_audit_revision_category.category 
1  3 'Structure model' chem_comp_atom                
2  3 'Structure model' chem_comp_bond                
3  3 'Structure model' database_2                    
4  3 'Structure model' pdbx_initial_refinement_model 
5  3 'Structure model' struct_conn                   
6  3 'Structure model' struct_ref_seq_dif            
7  4 'Structure model' chem_comp_atom                
8  4 'Structure model' chem_comp_bond                
9  5 'Structure model' pdbx_entry_details            
10 5 'Structure model' pdbx_modification_feature     
# 
loop_
_pdbx_audit_revision_item.ordinal 
_pdbx_audit_revision_item.revision_ordinal 
_pdbx_audit_revision_item.data_content_type 
_pdbx_audit_revision_item.item 
1  3 'Structure model' '_database_2.pdbx_DOI'                
2  3 'Structure model' '_database_2.pdbx_database_accession' 
3  3 'Structure model' '_struct_conn.pdbx_dist_value'        
4  3 'Structure model' '_struct_conn.pdbx_leaving_atom_flag' 
5  3 'Structure model' '_struct_conn.ptnr1_auth_comp_id'     
6  3 'Structure model' '_struct_conn.ptnr1_auth_seq_id'      
7  3 'Structure model' '_struct_conn.ptnr1_label_comp_id'    
8  3 'Structure model' '_struct_conn.ptnr1_label_seq_id'     
9  3 'Structure model' '_struct_conn.ptnr2_auth_comp_id'     
10 3 'Structure model' '_struct_conn.ptnr2_auth_seq_id'      
11 3 'Structure model' '_struct_conn.ptnr2_label_comp_id'    
12 3 'Structure model' '_struct_conn.ptnr2_label_seq_id'     
13 3 'Structure model' '_struct_ref_seq_dif.details'         
14 4 'Structure model' '_chem_comp_atom.atom_id'             
15 4 'Structure model' '_chem_comp_bond.atom_id_2'           
# 
_pdbx_database_status.status_code                     REL 
_pdbx_database_status.entry_id                        3S8L 
_pdbx_database_status.recvd_initial_deposition_date   2011-05-29 
_pdbx_database_status.deposit_site                    RCSB 
_pdbx_database_status.process_site                    RCSB 
_pdbx_database_status.status_code_sf                  REL 
_pdbx_database_status.status_code_mr                  ? 
_pdbx_database_status.SG_entry                        ? 
_pdbx_database_status.status_code_cs                  ? 
_pdbx_database_status.pdb_format_compatible           Y 
_pdbx_database_status.status_code_nmr_data            ? 
_pdbx_database_status.methods_development_category    ? 
# 
loop_
_pdbx_database_related.db_name 
_pdbx_database_related.db_id 
_pdbx_database_related.details 
_pdbx_database_related.content_type 
PDB 3OV1 . unspecified 
PDB 3OVE . unspecified 
PDB 3S8N . unspecified 
PDB 3S8O . unspecified 
# 
loop_
_audit_author.name 
_audit_author.pdbx_ordinal 
'Clements, J.H.' 1 
'Stephen, F.M.'  2 
# 
_citation.id                        primary 
_citation.title                     
'Protein-ligand interactions: thermodynamic effects associated with increasing nonpolar surface area.' 
_citation.journal_abbrev            J.Am.Chem.Soc. 
_citation.journal_volume            133 
_citation.page_first                18518 
_citation.page_last                 18521 
_citation.year                      2011 
_citation.journal_id_ASTM           JACSAT 
_citation.country                   US 
_citation.journal_id_ISSN           0002-7863 
_citation.journal_id_CSD            0004 
_citation.book_publisher            ? 
_citation.pdbx_database_id_PubMed   22007755 
_citation.pdbx_database_id_DOI      10.1021/ja2068752 
# 
loop_
_citation_author.citation_id 
_citation_author.name 
_citation_author.ordinal 
_citation_author.identifier_ORCID 
primary 'Myslinski, J.M.' 1 ? 
primary 'Delorbe, J.E.'   2 ? 
primary 'Clements, J.H.'  3 ? 
primary 'Martin, S.F.'    4 ? 
# 
loop_
_entity.id 
_entity.type 
_entity.src_method 
_entity.pdbx_description 
_entity.formula_weight 
_entity.pdbx_number_of_molecules 
_entity.pdbx_ec 
_entity.pdbx_mutation 
_entity.pdbx_fragment 
_entity.details 
1 polymer     man 'Growth factor receptor-bound protein 2' 13758.543 1  ? ? 'unp residues 53-163' ? 
2 polymer     syn pYAc4cN                                  496.431   1  ? ? ?                     ? 
3 non-polymer syn 'CHLORIDE ION'                           35.453    1  ? ? ?                     ? 
4 non-polymer syn GLYCEROL                                 92.094    1  ? ? ?                     ? 
5 water       nat water                                    18.015    58 ? ? ?                     ? 
# 
_entity_name_com.entity_id   1 
_entity_name_com.name        'Adapter protein GRB2, Protein Ash, SH2/SH3 adapter GRB2' 
# 
loop_
_entity_poly.entity_id 
_entity_poly.type 
_entity_poly.nstd_linkage 
_entity_poly.nstd_monomer 
_entity_poly.pdbx_seq_one_letter_code 
_entity_poly.pdbx_seq_one_letter_code_can 
_entity_poly.pdbx_strand_id 
_entity_poly.pdbx_target_identifier 
1 'polypeptide(L)' no no  
;IEMKPHPWFFGKIPRAKAEEMLSKQRHDGAFLIRESESAPGDFSLSVKFGNDVQHFKVLRDGAGKYFLWVVKFNSLNELV
DYHRSTSVSRNQQIFLRDIEQVPQQPTYVQAHHHHHH
;
;IEMKPHPWFFGKIPRAKAEEMLSKQRHDGAFLIRESESAPGDFSLSVKFGNDVQHFKVLRDGAGKYFLWVVKFNSLNELV
DYHRSTSVSRNQQIFLRDIEQVPQQPTYVQAHHHHHH
;
A ? 
2 'polypeptide(L)' no yes '(ACE)(PTR)(192)N(NH2)' XYXNX B ? 
# 
loop_
_pdbx_entity_nonpoly.entity_id 
_pdbx_entity_nonpoly.name 
_pdbx_entity_nonpoly.comp_id 
3 'CHLORIDE ION' CL  
4 GLYCEROL       GOL 
5 water          HOH 
# 
loop_
_entity_poly_seq.entity_id 
_entity_poly_seq.num 
_entity_poly_seq.mon_id 
_entity_poly_seq.hetero 
1 1   ILE n 
1 2   GLU n 
1 3   MET n 
1 4   LYS n 
1 5   PRO n 
1 6   HIS n 
1 7   PRO n 
1 8   TRP n 
1 9   PHE n 
1 10  PHE n 
1 11  GLY n 
1 12  LYS n 
1 13  ILE n 
1 14  PRO n 
1 15  ARG n 
1 16  ALA n 
1 17  LYS n 
1 18  ALA n 
1 19  GLU n 
1 20  GLU n 
1 21  MET n 
1 22  LEU n 
1 23  SER n 
1 24  LYS n 
1 25  GLN n 
1 26  ARG n 
1 27  HIS n 
1 28  ASP n 
1 29  GLY n 
1 30  ALA n 
1 31  PHE n 
1 32  LEU n 
1 33  ILE n 
1 34  ARG n 
1 35  GLU n 
1 36  SER n 
1 37  GLU n 
1 38  SER n 
1 39  ALA n 
1 40  PRO n 
1 41  GLY n 
1 42  ASP n 
1 43  PHE n 
1 44  SER n 
1 45  LEU n 
1 46  SER n 
1 47  VAL n 
1 48  LYS n 
1 49  PHE n 
1 50  GLY n 
1 51  ASN n 
1 52  ASP n 
1 53  VAL n 
1 54  GLN n 
1 55  HIS n 
1 56  PHE n 
1 57  LYS n 
1 58  VAL n 
1 59  LEU n 
1 60  ARG n 
1 61  ASP n 
1 62  GLY n 
1 63  ALA n 
1 64  GLY n 
1 65  LYS n 
1 66  TYR n 
1 67  PHE n 
1 68  LEU n 
1 69  TRP n 
1 70  VAL n 
1 71  VAL n 
1 72  LYS n 
1 73  PHE n 
1 74  ASN n 
1 75  SER n 
1 76  LEU n 
1 77  ASN n 
1 78  GLU n 
1 79  LEU n 
1 80  VAL n 
1 81  ASP n 
1 82  TYR n 
1 83  HIS n 
1 84  ARG n 
1 85  SER n 
1 86  THR n 
1 87  SER n 
1 88  VAL n 
1 89  SER n 
1 90  ARG n 
1 91  ASN n 
1 92  GLN n 
1 93  GLN n 
1 94  ILE n 
1 95  PHE n 
1 96  LEU n 
1 97  ARG n 
1 98  ASP n 
1 99  ILE n 
1 100 GLU n 
1 101 GLN n 
1 102 VAL n 
1 103 PRO n 
1 104 GLN n 
1 105 GLN n 
1 106 PRO n 
1 107 THR n 
1 108 TYR n 
1 109 VAL n 
1 110 GLN n 
1 111 ALA n 
1 112 HIS n 
1 113 HIS n 
1 114 HIS n 
1 115 HIS n 
1 116 HIS n 
1 117 HIS n 
2 1   ACE n 
2 2   PTR n 
2 3   192 n 
2 4   ASN n 
2 5   NH2 n 
# 
_entity_src_gen.entity_id                          1 
_entity_src_gen.pdbx_src_id                        1 
_entity_src_gen.pdbx_alt_source_flag               sample 
_entity_src_gen.pdbx_seq_type                      ? 
_entity_src_gen.pdbx_beg_seq_num                   ? 
_entity_src_gen.pdbx_end_seq_num                   ? 
_entity_src_gen.gene_src_common_name               human 
_entity_src_gen.gene_src_genus                     ? 
_entity_src_gen.pdbx_gene_src_gene                 'GRB2, ASH' 
_entity_src_gen.gene_src_species                   ? 
_entity_src_gen.gene_src_strain                    ? 
_entity_src_gen.gene_src_tissue                    ? 
_entity_src_gen.gene_src_tissue_fraction           ? 
_entity_src_gen.gene_src_details                   ? 
_entity_src_gen.pdbx_gene_src_fragment             ? 
_entity_src_gen.pdbx_gene_src_scientific_name      'Homo sapiens' 
_entity_src_gen.pdbx_gene_src_ncbi_taxonomy_id     9606 
_entity_src_gen.pdbx_gene_src_variant              ? 
_entity_src_gen.pdbx_gene_src_cell_line            ? 
_entity_src_gen.pdbx_gene_src_atcc                 ? 
_entity_src_gen.pdbx_gene_src_organ                ? 
_entity_src_gen.pdbx_gene_src_organelle            ? 
_entity_src_gen.pdbx_gene_src_cell                 ? 
_entity_src_gen.pdbx_gene_src_cellular_location    ? 
_entity_src_gen.host_org_common_name               ? 
_entity_src_gen.pdbx_host_org_scientific_name      'Escherichia coli' 
_entity_src_gen.pdbx_host_org_ncbi_taxonomy_id     562 
_entity_src_gen.host_org_genus                     ? 
_entity_src_gen.pdbx_host_org_gene                 ? 
_entity_src_gen.pdbx_host_org_organ                ? 
_entity_src_gen.host_org_species                   ? 
_entity_src_gen.pdbx_host_org_tissue               ? 
_entity_src_gen.pdbx_host_org_tissue_fraction      ? 
_entity_src_gen.pdbx_host_org_strain               SG13009 
_entity_src_gen.pdbx_host_org_variant              ? 
_entity_src_gen.pdbx_host_org_cell_line            ? 
_entity_src_gen.pdbx_host_org_atcc                 ? 
_entity_src_gen.pdbx_host_org_culture_collection   ? 
_entity_src_gen.pdbx_host_org_cell                 ? 
_entity_src_gen.pdbx_host_org_organelle            ? 
_entity_src_gen.pdbx_host_org_cellular_location    ? 
_entity_src_gen.pdbx_host_org_vector_type          plasmid 
_entity_src_gen.pdbx_host_org_vector               ? 
_entity_src_gen.host_org_details                   ? 
_entity_src_gen.expression_system_id               ? 
_entity_src_gen.plasmid_name                       pQE-60 
_entity_src_gen.plasmid_details                    ? 
_entity_src_gen.pdbx_description                   ? 
# 
loop_
_chem_comp.id 
_chem_comp.type 
_chem_comp.mon_nstd_flag 
_chem_comp.name 
_chem_comp.pdbx_synonyms 
_chem_comp.formula 
_chem_comp.formula_weight 
192 'peptide linking'   . '1-AMINOCYCLOBUTANECARBOXLIC ACID' ?                               'C5 H9 N O2'     115.130 
ACE non-polymer         . 'ACETYL GROUP'                     ?                               'C2 H4 O'        44.053  
ALA 'L-peptide linking' y ALANINE                            ?                               'C3 H7 N O2'     89.093  
ARG 'L-peptide linking' y ARGININE                           ?                               'C6 H15 N4 O2 1' 175.209 
ASN 'L-peptide linking' y ASPARAGINE                         ?                               'C4 H8 N2 O3'    132.118 
ASP 'L-peptide linking' y 'ASPARTIC ACID'                    ?                               'C4 H7 N O4'     133.103 
CL  non-polymer         . 'CHLORIDE ION'                     ?                               'Cl -1'          35.453  
GLN 'L-peptide linking' y GLUTAMINE                          ?                               'C5 H10 N2 O3'   146.144 
GLU 'L-peptide linking' y 'GLUTAMIC ACID'                    ?                               'C5 H9 N O4'     147.129 
GLY 'peptide linking'   y GLYCINE                            ?                               'C2 H5 N O2'     75.067  
GOL non-polymer         . GLYCEROL                           'GLYCERIN; PROPANE-1,2,3-TRIOL' 'C3 H8 O3'       92.094  
HIS 'L-peptide linking' y HISTIDINE                          ?                               'C6 H10 N3 O2 1' 156.162 
HOH non-polymer         . WATER                              ?                               'H2 O'           18.015  
ILE 'L-peptide linking' y ISOLEUCINE                         ?                               'C6 H13 N O2'    131.173 
LEU 'L-peptide linking' y LEUCINE                            ?                               'C6 H13 N O2'    131.173 
LYS 'L-peptide linking' y LYSINE                             ?                               'C6 H15 N2 O2 1' 147.195 
MET 'L-peptide linking' y METHIONINE                         ?                               'C5 H11 N O2 S'  149.211 
NH2 non-polymer         . 'AMINO GROUP'                      ?                               'H2 N'           16.023  
PHE 'L-peptide linking' y PHENYLALANINE                      ?                               'C9 H11 N O2'    165.189 
PRO 'L-peptide linking' y PROLINE                            ?                               'C5 H9 N O2'     115.130 
PTR 'L-peptide linking' n O-PHOSPHOTYROSINE                  PHOSPHONOTYROSINE               'C9 H12 N O6 P'  261.168 
SER 'L-peptide linking' y SERINE                             ?                               'C3 H7 N O3'     105.093 
THR 'L-peptide linking' y THREONINE                          ?                               'C4 H9 N O3'     119.119 
TRP 'L-peptide linking' y TRYPTOPHAN                         ?                               'C11 H12 N2 O2'  204.225 
TYR 'L-peptide linking' y TYROSINE                           ?                               'C9 H11 N O3'    181.189 
VAL 'L-peptide linking' y VALINE                             ?                               'C5 H11 N O2'    117.146 
# 
loop_
_pdbx_poly_seq_scheme.asym_id 
_pdbx_poly_seq_scheme.entity_id 
_pdbx_poly_seq_scheme.seq_id 
_pdbx_poly_seq_scheme.mon_id 
_pdbx_poly_seq_scheme.ndb_seq_num 
_pdbx_poly_seq_scheme.pdb_seq_num 
_pdbx_poly_seq_scheme.auth_seq_num 
_pdbx_poly_seq_scheme.pdb_mon_id 
_pdbx_poly_seq_scheme.auth_mon_id 
_pdbx_poly_seq_scheme.pdb_strand_id 
_pdbx_poly_seq_scheme.pdb_ins_code 
_pdbx_poly_seq_scheme.hetero 
A 1 1   ILE 1   53  ?   ?   ?   A . n 
A 1 2   GLU 2   54  54  GLU GLU A . n 
A 1 3   MET 3   55  55  MET MET A . n 
A 1 4   LYS 4   56  56  LYS LYS A . n 
A 1 5   PRO 5   57  57  PRO PRO A . n 
A 1 6   HIS 6   58  58  HIS HIS A . n 
A 1 7   PRO 7   59  59  PRO PRO A . n 
A 1 8   TRP 8   60  60  TRP TRP A . n 
A 1 9   PHE 9   61  61  PHE PHE A . n 
A 1 10  PHE 10  62  62  PHE PHE A . n 
A 1 11  GLY 11  63  63  GLY GLY A . n 
A 1 12  LYS 12  64  64  LYS LYS A . n 
A 1 13  ILE 13  65  65  ILE ILE A . n 
A 1 14  PRO 14  66  66  PRO PRO A . n 
A 1 15  ARG 15  67  67  ARG ARG A . n 
A 1 16  ALA 16  68  68  ALA ALA A . n 
A 1 17  LYS 17  69  69  LYS LYS A . n 
A 1 18  ALA 18  70  70  ALA ALA A . n 
A 1 19  GLU 19  71  71  GLU GLU A . n 
A 1 20  GLU 20  72  72  GLU GLU A . n 
A 1 21  MET 21  73  73  MET MET A . n 
A 1 22  LEU 22  74  74  LEU LEU A . n 
A 1 23  SER 23  75  75  SER SER A . n 
A 1 24  LYS 24  76  76  LYS LYS A . n 
A 1 25  GLN 25  77  77  GLN GLN A . n 
A 1 26  ARG 26  78  78  ARG ARG A . n 
A 1 27  HIS 27  79  79  HIS HIS A . n 
A 1 28  ASP 28  80  80  ASP ASP A . n 
A 1 29  GLY 29  81  81  GLY GLY A . n 
A 1 30  ALA 30  82  82  ALA ALA A . n 
A 1 31  PHE 31  83  83  PHE PHE A . n 
A 1 32  LEU 32  84  84  LEU LEU A . n 
A 1 33  ILE 33  85  85  ILE ILE A . n 
A 1 34  ARG 34  86  86  ARG ARG A . n 
A 1 35  GLU 35  87  87  GLU GLU A . n 
A 1 36  SER 36  88  88  SER SER A . n 
A 1 37  GLU 37  89  89  GLU GLU A . n 
A 1 38  SER 38  90  90  SER SER A . n 
A 1 39  ALA 39  91  91  ALA ALA A . n 
A 1 40  PRO 40  92  92  PRO PRO A . n 
A 1 41  GLY 41  93  93  GLY GLY A . n 
A 1 42  ASP 42  94  94  ASP ASP A . n 
A 1 43  PHE 43  95  95  PHE PHE A . n 
A 1 44  SER 44  96  96  SER SER A . n 
A 1 45  LEU 45  97  97  LEU LEU A . n 
A 1 46  SER 46  98  98  SER SER A . n 
A 1 47  VAL 47  99  99  VAL VAL A . n 
A 1 48  LYS 48  100 100 LYS LYS A . n 
A 1 49  PHE 49  101 101 PHE PHE A . n 
A 1 50  GLY 50  102 102 GLY GLY A . n 
A 1 51  ASN 51  103 103 ASN ASN A . n 
A 1 52  ASP 52  104 104 ASP ASP A . n 
A 1 53  VAL 53  105 105 VAL VAL A . n 
A 1 54  GLN 54  106 106 GLN GLN A . n 
A 1 55  HIS 55  107 107 HIS HIS A . n 
A 1 56  PHE 56  108 108 PHE PHE A . n 
A 1 57  LYS 57  109 109 LYS LYS A . n 
A 1 58  VAL 58  110 110 VAL VAL A . n 
A 1 59  LEU 59  111 111 LEU LEU A . n 
A 1 60  ARG 60  112 112 ARG ARG A . n 
A 1 61  ASP 61  113 113 ASP ASP A . n 
A 1 62  GLY 62  114 114 GLY GLY A . n 
A 1 63  ALA 63  115 115 ALA ALA A . n 
A 1 64  GLY 64  116 116 GLY GLY A . n 
A 1 65  LYS 65  117 117 LYS LYS A . n 
A 1 66  TYR 66  118 118 TYR TYR A . n 
A 1 67  PHE 67  119 119 PHE PHE A . n 
A 1 68  LEU 68  120 120 LEU LEU A . n 
A 1 69  TRP 69  121 121 TRP TRP A . n 
A 1 70  VAL 70  122 122 VAL VAL A . n 
A 1 71  VAL 71  123 123 VAL VAL A . n 
A 1 72  LYS 72  124 124 LYS LYS A . n 
A 1 73  PHE 73  125 125 PHE PHE A . n 
A 1 74  ASN 74  126 126 ASN ASN A . n 
A 1 75  SER 75  127 127 SER SER A . n 
A 1 76  LEU 76  128 128 LEU LEU A . n 
A 1 77  ASN 77  129 129 ASN ASN A . n 
A 1 78  GLU 78  130 130 GLU GLU A . n 
A 1 79  LEU 79  131 131 LEU LEU A . n 
A 1 80  VAL 80  132 132 VAL VAL A . n 
A 1 81  ASP 81  133 133 ASP ASP A . n 
A 1 82  TYR 82  134 134 TYR TYR A . n 
A 1 83  HIS 83  135 135 HIS HIS A . n 
A 1 84  ARG 84  136 136 ARG ARG A . n 
A 1 85  SER 85  137 137 SER SER A . n 
A 1 86  THR 86  138 138 THR THR A . n 
A 1 87  SER 87  139 139 SER SER A . n 
A 1 88  VAL 88  140 140 VAL VAL A . n 
A 1 89  SER 89  141 141 SER SER A . n 
A 1 90  ARG 90  142 142 ARG ARG A . n 
A 1 91  ASN 91  143 143 ASN ASN A . n 
A 1 92  GLN 92  144 144 GLN GLN A . n 
A 1 93  GLN 93  145 145 GLN GLN A . n 
A 1 94  ILE 94  146 146 ILE ILE A . n 
A 1 95  PHE 95  147 147 PHE PHE A . n 
A 1 96  LEU 96  148 148 LEU LEU A . n 
A 1 97  ARG 97  149 149 ARG ARG A . n 
A 1 98  ASP 98  150 150 ASP ASP A . n 
A 1 99  ILE 99  151 151 ILE ILE A . n 
A 1 100 GLU 100 152 152 GLU GLU A . n 
A 1 101 GLN 101 153 153 GLN GLN A . n 
A 1 102 VAL 102 154 154 VAL VAL A . n 
A 1 103 PRO 103 155 ?   ?   ?   A . n 
A 1 104 GLN 104 156 ?   ?   ?   A . n 
A 1 105 GLN 105 157 ?   ?   ?   A . n 
A 1 106 PRO 106 158 ?   ?   ?   A . n 
A 1 107 THR 107 159 ?   ?   ?   A . n 
A 1 108 TYR 108 160 ?   ?   ?   A . n 
A 1 109 VAL 109 161 ?   ?   ?   A . n 
A 1 110 GLN 110 162 ?   ?   ?   A . n 
A 1 111 ALA 111 163 ?   ?   ?   A . n 
A 1 112 HIS 112 164 ?   ?   ?   A . n 
A 1 113 HIS 113 165 ?   ?   ?   A . n 
A 1 114 HIS 114 166 ?   ?   ?   A . n 
A 1 115 HIS 115 167 ?   ?   ?   A . n 
A 1 116 HIS 116 168 ?   ?   ?   A . n 
A 1 117 HIS 117 169 ?   ?   ?   A . n 
B 2 1   ACE 1   1   1   ACE ACE B . n 
B 2 2   PTR 2   2   2   PTR PTR B . n 
B 2 3   192 3   3   3   192 192 B . n 
B 2 4   ASN 4   4   4   ASN ASN B . n 
B 2 5   NH2 5   5   5   NH2 NH2 B . n 
# 
loop_
_pdbx_nonpoly_scheme.asym_id 
_pdbx_nonpoly_scheme.entity_id 
_pdbx_nonpoly_scheme.mon_id 
_pdbx_nonpoly_scheme.ndb_seq_num 
_pdbx_nonpoly_scheme.pdb_seq_num 
_pdbx_nonpoly_scheme.auth_seq_num 
_pdbx_nonpoly_scheme.pdb_mon_id 
_pdbx_nonpoly_scheme.auth_mon_id 
_pdbx_nonpoly_scheme.pdb_strand_id 
_pdbx_nonpoly_scheme.pdb_ins_code 
C 3 CL  1  1   1  CL  CL  A . 
D 4 GOL 1  2   2  GOL GOL A . 
E 5 HOH 1  4   4  HOH HOH A . 
E 5 HOH 2  5   5  HOH HOH A . 
E 5 HOH 3  6   6  HOH HOH A . 
E 5 HOH 4  7   7  HOH HOH A . 
E 5 HOH 5  8   8  HOH HOH A . 
E 5 HOH 6  9   9  HOH HOH A . 
E 5 HOH 7  10  10 HOH HOH A . 
E 5 HOH 8  11  11 HOH HOH A . 
E 5 HOH 9  12  12 HOH HOH A . 
E 5 HOH 10 13  13 HOH HOH A . 
E 5 HOH 11 14  14 HOH HOH A . 
E 5 HOH 12 15  15 HOH HOH A . 
E 5 HOH 13 16  16 HOH HOH A . 
E 5 HOH 14 17  17 HOH HOH A . 
E 5 HOH 15 18  18 HOH HOH A . 
E 5 HOH 16 19  19 HOH HOH A . 
E 5 HOH 17 20  20 HOH HOH A . 
E 5 HOH 18 21  21 HOH HOH A . 
E 5 HOH 19 22  22 HOH HOH A . 
E 5 HOH 20 23  23 HOH HOH A . 
E 5 HOH 21 24  24 HOH HOH A . 
E 5 HOH 22 25  25 HOH HOH A . 
E 5 HOH 23 26  26 HOH HOH A . 
E 5 HOH 24 27  27 HOH HOH A . 
E 5 HOH 25 28  28 HOH HOH A . 
E 5 HOH 26 29  29 HOH HOH A . 
E 5 HOH 27 30  30 HOH HOH A . 
E 5 HOH 28 31  31 HOH HOH A . 
E 5 HOH 29 32  32 HOH HOH A . 
E 5 HOH 30 33  33 HOH HOH A . 
E 5 HOH 31 34  34 HOH HOH A . 
E 5 HOH 32 35  35 HOH HOH A . 
E 5 HOH 33 36  36 HOH HOH A . 
E 5 HOH 34 37  37 HOH HOH A . 
E 5 HOH 35 38  38 HOH HOH A . 
E 5 HOH 36 39  39 HOH HOH A . 
E 5 HOH 37 40  40 HOH HOH A . 
E 5 HOH 38 41  41 HOH HOH A . 
E 5 HOH 39 42  42 HOH HOH A . 
E 5 HOH 40 43  43 HOH HOH A . 
E 5 HOH 41 44  44 HOH HOH A . 
E 5 HOH 42 45  45 HOH HOH A . 
E 5 HOH 43 49  49 HOH HOH A . 
E 5 HOH 44 50  50 HOH HOH A . 
E 5 HOH 45 51  51 HOH HOH A . 
E 5 HOH 46 52  52 HOH HOH A . 
E 5 HOH 47 170 1  HOH HOH A . 
E 5 HOH 48 171 2  HOH HOH A . 
E 5 HOH 49 172 53 HOH HOH A . 
E 5 HOH 50 173 54 HOH HOH A . 
E 5 HOH 51 174 55 HOH HOH A . 
E 5 HOH 52 175 56 HOH HOH A . 
E 5 HOH 53 176 57 HOH HOH A . 
E 5 HOH 54 177 58 HOH HOH A . 
F 5 HOH 1  6   3  HOH HOH B . 
F 5 HOH 2  46  46 HOH HOH B . 
F 5 HOH 3  47  47 HOH HOH B . 
F 5 HOH 4  48  48 HOH HOH B . 
# 
loop_
_software.name 
_software.classification 
_software.version 
_software.citation_id 
_software.pdbx_ordinal 
CrystalClear 'data collection' .        ? 1 
PHASER       phasing           .        ? 2 
REFMAC       refinement        5.5.0109 ? 3 
HKL-2000     'data reduction'  .        ? 4 
HKL-2000     'data scaling'    .        ? 5 
# 
_cell.entry_id           3S8L 
_cell.length_a           42.072 
_cell.length_b           42.072 
_cell.length_c           108.755 
_cell.angle_alpha        90.00 
_cell.angle_beta         90.00 
_cell.angle_gamma        90.00 
_cell.Z_PDB              8 
_cell.pdbx_unique_axis   ? 
_cell.length_a_esd       ? 
_cell.length_b_esd       ? 
_cell.length_c_esd       ? 
_cell.angle_alpha_esd    ? 
_cell.angle_beta_esd     ? 
_cell.angle_gamma_esd    ? 
# 
_symmetry.entry_id                         3S8L 
_symmetry.space_group_name_H-M             'P 43 21 2' 
_symmetry.pdbx_full_space_group_name_H-M   ? 
_symmetry.cell_setting                     ? 
_symmetry.Int_Tables_number                96 
_symmetry.space_group_name_Hall            ? 
# 
_exptl.entry_id          3S8L 
_exptl.method            'X-RAY DIFFRACTION' 
_exptl.crystals_number   1 
# 
_exptl_crystal.id                    1 
_exptl_crystal.density_meas          ? 
_exptl_crystal.density_Matthews      1.69 
_exptl_crystal.density_percent_sol   27.06 
_exptl_crystal.description           ? 
_exptl_crystal.F_000                 ? 
_exptl_crystal.preparation           ? 
# 
_exptl_crystal_grow.crystal_id      1 
_exptl_crystal_grow.method          'VAPOR DIFFUSION, HANGING DROP' 
_exptl_crystal_grow.temp            298 
_exptl_crystal_grow.temp_details    ? 
_exptl_crystal_grow.pH              7.5 
_exptl_crystal_grow.pdbx_details    '0.1 M HEPES, 3.5 M sodium chloride, pH 7.5, VAPOR DIFFUSION, HANGING DROP, temperature 298K' 
_exptl_crystal_grow.pdbx_pH_range   ? 
# 
_diffrn.id                     1 
_diffrn.ambient_temp           100 
_diffrn.ambient_temp_details   ? 
_diffrn.crystal_id             1 
# 
_diffrn_detector.diffrn_id              1 
_diffrn_detector.detector               'IMAGE PLATE' 
_diffrn_detector.type                   'RIGAKU RAXIS IV++' 
_diffrn_detector.pdbx_collection_date   2011-05-22 
_diffrn_detector.details                ? 
# 
_diffrn_radiation.diffrn_id                        1 
_diffrn_radiation.wavelength_id                    1 
_diffrn_radiation.pdbx_monochromatic_or_laue_m_l   M 
_diffrn_radiation.monochromator                    'Blue max-flux confocal' 
_diffrn_radiation.pdbx_diffrn_protocol             'SINGLE WAVELENGTH' 
_diffrn_radiation.pdbx_scattering_type             x-ray 
# 
_diffrn_radiation_wavelength.id           1 
_diffrn_radiation_wavelength.wavelength   1.5418 
_diffrn_radiation_wavelength.wt           1.0 
# 
_diffrn_source.diffrn_id                   1 
_diffrn_source.source                      'ROTATING ANODE' 
_diffrn_source.type                        'RIGAKU RU200' 
_diffrn_source.pdbx_synchrotron_site       ? 
_diffrn_source.pdbx_synchrotron_beamline   ? 
_diffrn_source.pdbx_wavelength             ? 
_diffrn_source.pdbx_wavelength_list        1.5418 
# 
_reflns.entry_id                     3S8L 
_reflns.observed_criterion_sigma_I   ? 
_reflns.observed_criterion_sigma_F   ? 
_reflns.d_resolution_low             50.00 
_reflns.d_resolution_high            1.71 
_reflns.number_obs                   9628 
_reflns.number_all                   11314 
_reflns.percent_possible_obs         85.1 
_reflns.pdbx_Rmerge_I_obs            ? 
_reflns.pdbx_Rsym_value              0.073 
_reflns.pdbx_netI_over_sigmaI        12.8 
_reflns.B_iso_Wilson_estimate        ? 
_reflns.pdbx_redundancy              2.9 
_reflns.R_free_details               ? 
_reflns.limit_h_max                  ? 
_reflns.limit_h_min                  ? 
_reflns.limit_k_max                  ? 
_reflns.limit_k_min                  ? 
_reflns.limit_l_max                  ? 
_reflns.limit_l_min                  ? 
_reflns.observed_criterion_F_max     ? 
_reflns.observed_criterion_F_min     ? 
_reflns.pdbx_chi_squared             ? 
_reflns.pdbx_scaling_rejects         ? 
_reflns.pdbx_ordinal                 1 
_reflns.pdbx_diffrn_id               1 
# 
_reflns_shell.d_res_high             1.71 
_reflns_shell.d_res_low              1.77 
_reflns_shell.percent_possible_all   ? 
_reflns_shell.Rmerge_I_obs           ? 
_reflns_shell.pdbx_Rsym_value        0.334 
_reflns_shell.meanI_over_sigI_obs    3.8 
_reflns_shell.pdbx_redundancy        2.7 
_reflns_shell.percent_possible_obs   ? 
_reflns_shell.number_unique_all      1100 
_reflns_shell.number_measured_all    ? 
_reflns_shell.number_measured_obs    ? 
_reflns_shell.number_unique_obs      ? 
_reflns_shell.pdbx_chi_squared       ? 
_reflns_shell.pdbx_ordinal           1 
_reflns_shell.pdbx_diffrn_id         1 
# 
_refine.entry_id                                 3S8L 
_refine.ls_number_reflns_obs                     9086 
_refine.ls_number_reflns_all                     ? 
_refine.pdbx_ls_sigma_I                          ? 
_refine.pdbx_ls_sigma_F                          . 
_refine.pdbx_data_cutoff_high_absF               ? 
_refine.pdbx_data_cutoff_low_absF                ? 
_refine.pdbx_data_cutoff_high_rms_absF           ? 
_refine.ls_d_res_low                             39.24 
_refine.ls_d_res_high                            1.71 
_refine.ls_percent_reflns_obs                    85.24 
_refine.ls_R_factor_obs                          0.19887 
_refine.ls_R_factor_all                          ? 
_refine.ls_R_factor_R_work                       0.19602 
_refine.ls_R_factor_R_free                       0.25558 
_refine.ls_R_factor_R_free_error                 ? 
_refine.ls_R_factor_R_free_error_details         ? 
_refine.ls_percent_reflns_R_free                 4.8 
_refine.ls_number_reflns_R_free                  459 
_refine.ls_number_parameters                     ? 
_refine.ls_number_restraints                     ? 
_refine.occupancy_min                            ? 
_refine.occupancy_max                            ? 
_refine.correlation_coeff_Fo_to_Fc               0.956 
_refine.correlation_coeff_Fo_to_Fc_free          0.924 
_refine.B_iso_mean                               26.500 
_refine.aniso_B[1][1]                            -1.10 
_refine.aniso_B[2][2]                            -1.10 
_refine.aniso_B[3][3]                            2.21 
_refine.aniso_B[1][2]                            0.00 
_refine.aniso_B[1][3]                            0.00 
_refine.aniso_B[2][3]                            0.00 
_refine.solvent_model_details                    MASK 
_refine.solvent_model_param_ksol                 ? 
_refine.solvent_model_param_bsol                 ? 
_refine.pdbx_solvent_vdw_probe_radii             1.40 
_refine.pdbx_solvent_ion_probe_radii             0.80 
_refine.pdbx_solvent_shrinkage_radii             0.80 
_refine.pdbx_ls_cross_valid_method               THROUGHOUT 
_refine.details                                  'HYDROGENS HAVE BEEN ADDED IN THE RIDING POSITIONS' 
_refine.pdbx_starting_model                      'pdb entry 3OV1' 
_refine.pdbx_method_to_determine_struct          'MOLECULAR REPLACEMENT' 
_refine.pdbx_isotropic_thermal_model             ? 
_refine.pdbx_stereochemistry_target_values       'MAXIMUM LIKELIHOOD' 
_refine.pdbx_stereochem_target_val_spec_case     ? 
_refine.pdbx_R_Free_selection_details            RANDOM 
_refine.pdbx_overall_ESU_R_Free                  0.152 
_refine.overall_SU_ML                            0.000 
_refine.pdbx_overall_phase_error                 ? 
_refine.overall_SU_B                             0.007 
_refine.overall_SU_R_Cruickshank_DPI             ? 
_refine.ls_redundancy_reflns_obs                 ? 
_refine.B_iso_min                                ? 
_refine.B_iso_max                                ? 
_refine.overall_SU_R_free                        ? 
_refine.ls_wR_factor_R_free                      ? 
_refine.ls_wR_factor_R_work                      ? 
_refine.overall_FOM_free_R_set                   ? 
_refine.overall_FOM_work_R_set                   ? 
_refine.pdbx_diffrn_id                           1 
_refine.pdbx_refine_id                           'X-RAY DIFFRACTION' 
_refine.pdbx_overall_ESU_R                       ? 
_refine.pdbx_TLS_residual_ADP_flag               ? 
_refine.pdbx_overall_SU_R_free_Cruickshank_DPI   ? 
_refine.pdbx_overall_SU_R_Blow_DPI               ? 
_refine.pdbx_overall_SU_R_free_Blow_DPI          ? 
# 
_refine_hist.pdbx_refine_id                   'X-RAY DIFFRACTION' 
_refine_hist.cycle_id                         LAST 
_refine_hist.pdbx_number_atoms_protein        869 
_refine_hist.pdbx_number_atoms_nucleic_acid   0 
_refine_hist.pdbx_number_atoms_ligand         7 
_refine_hist.number_atoms_solvent             58 
_refine_hist.number_atoms_total               934 
_refine_hist.d_res_high                       1.71 
_refine_hist.d_res_low                        39.24 
# 
loop_
_refine_ls_restr.type 
_refine_ls_restr.dev_ideal 
_refine_ls_restr.dev_ideal_target 
_refine_ls_restr.weight 
_refine_ls_restr.number 
_refine_ls_restr.pdbx_restraint_function 
_refine_ls_restr.pdbx_refine_id 
r_bond_refined_d    0.022 ? ? ? ? 'X-RAY DIFFRACTION' 
r_angle_refined_deg 1.99  ? ? ? ? 'X-RAY DIFFRACTION' 
# 
_refine_ls_shell.pdbx_total_number_of_bins_used   20 
_refine_ls_shell.d_res_high                       1.711 
_refine_ls_shell.d_res_low                        1.756 
_refine_ls_shell.number_reflns_R_work             702 
_refine_ls_shell.R_factor_R_work                  0.397 
_refine_ls_shell.percent_reflns_obs               89.57 
_refine_ls_shell.R_factor_R_free                  0.349 
_refine_ls_shell.R_factor_R_free_error            ? 
_refine_ls_shell.percent_reflns_R_free            ? 
_refine_ls_shell.number_reflns_R_free             28 
_refine_ls_shell.number_reflns_all                ? 
_refine_ls_shell.R_factor_all                     ? 
_refine_ls_shell.number_reflns_obs                ? 
_refine_ls_shell.redundancy_reflns_obs            ? 
_refine_ls_shell.pdbx_refine_id                   'X-RAY DIFFRACTION' 
# 
_struct.entry_id                  3S8L 
_struct.title                     
'Protein-Ligand Interactions: Thermodynamic Effects Associated with Increasing Hydrophobic Surface Area' 
_struct.pdbx_model_details        ? 
_struct.pdbx_CASP_flag            ? 
_struct.pdbx_model_type_details   ? 
# 
_struct_keywords.entry_id        3S8L 
_struct_keywords.pdbx_keywords   'SIGNALING PROTEIN/ANTAGONIST' 
_struct_keywords.text            'Grb2 SH2 domain, phosphotyrosine-containing tripeptide, SIGNALING PROTEIN-ANTAGONIST complex' 
# 
loop_
_struct_asym.id 
_struct_asym.pdbx_blank_PDB_chainid_flag 
_struct_asym.pdbx_modified 
_struct_asym.entity_id 
_struct_asym.details 
A N N 1 ? 
B N N 2 ? 
C N N 3 ? 
D N N 4 ? 
E N N 5 ? 
F N N 5 ? 
# 
loop_
_struct_ref.id 
_struct_ref.db_name 
_struct_ref.db_code 
_struct_ref.pdbx_db_accession 
_struct_ref.entity_id 
_struct_ref.pdbx_seq_one_letter_code 
_struct_ref.pdbx_align_begin 
_struct_ref.pdbx_db_isoform 
1 UNP GRB2_HUMAN P62993 1 
;IEMKPHPWFFGKIPRAKAEEMLSKQRHDGAFLIRESESAPGDFSLSVKFGNDVQHFKVLRDGAGKYFLWVVKFNSLNELV
DYHRSTSVSRNQQIFLRDIEQVPQQPTYVQA
;
53 ? 
2 PDB 3S8L       3S8L   2 ? ?  ? 
# 
loop_
_struct_ref_seq.align_id 
_struct_ref_seq.ref_id 
_struct_ref_seq.pdbx_PDB_id_code 
_struct_ref_seq.pdbx_strand_id 
_struct_ref_seq.seq_align_beg 
_struct_ref_seq.pdbx_seq_align_beg_ins_code 
_struct_ref_seq.seq_align_end 
_struct_ref_seq.pdbx_seq_align_end_ins_code 
_struct_ref_seq.pdbx_db_accession 
_struct_ref_seq.db_align_beg 
_struct_ref_seq.pdbx_db_align_beg_ins_code 
_struct_ref_seq.db_align_end 
_struct_ref_seq.pdbx_db_align_end_ins_code 
_struct_ref_seq.pdbx_auth_seq_align_beg 
_struct_ref_seq.pdbx_auth_seq_align_end 
1 1 3S8L A 1 ? 111 ? P62993 53 ? 163 ? 53 163 
2 2 3S8L B 1 ? 5   ? 3S8L   1  ? 5   ? 1  5   
# 
loop_
_struct_ref_seq_dif.align_id 
_struct_ref_seq_dif.pdbx_pdb_id_code 
_struct_ref_seq_dif.mon_id 
_struct_ref_seq_dif.pdbx_pdb_strand_id 
_struct_ref_seq_dif.seq_num 
_struct_ref_seq_dif.pdbx_pdb_ins_code 
_struct_ref_seq_dif.pdbx_seq_db_name 
_struct_ref_seq_dif.pdbx_seq_db_accession_code 
_struct_ref_seq_dif.db_mon_id 
_struct_ref_seq_dif.pdbx_seq_db_seq_num 
_struct_ref_seq_dif.details 
_struct_ref_seq_dif.pdbx_auth_seq_num 
_struct_ref_seq_dif.pdbx_ordinal 
1 3S8L HIS A 112 ? UNP P62993 ? ? 'expression tag' 164 1 
1 3S8L HIS A 113 ? UNP P62993 ? ? 'expression tag' 165 2 
1 3S8L HIS A 114 ? UNP P62993 ? ? 'expression tag' 166 3 
1 3S8L HIS A 115 ? UNP P62993 ? ? 'expression tag' 167 4 
1 3S8L HIS A 116 ? UNP P62993 ? ? 'expression tag' 168 5 
1 3S8L HIS A 117 ? UNP P62993 ? ? 'expression tag' 169 6 
# 
_pdbx_struct_assembly.id                   1 
_pdbx_struct_assembly.details              author_and_software_defined_assembly 
_pdbx_struct_assembly.method_details       PISA 
_pdbx_struct_assembly.oligomeric_details   dimeric 
_pdbx_struct_assembly.oligomeric_count     2 
# 
loop_
_pdbx_struct_assembly_prop.biol_id 
_pdbx_struct_assembly_prop.type 
_pdbx_struct_assembly_prop.value 
_pdbx_struct_assembly_prop.details 
1 'ABSA (A^2)' 1320 ? 
1 MORE         -15  ? 
1 'SSA (A^2)'  6340 ? 
# 
_pdbx_struct_assembly_gen.assembly_id       1 
_pdbx_struct_assembly_gen.oper_expression   1 
_pdbx_struct_assembly_gen.asym_id_list      A,B,C,D,E,F 
# 
_pdbx_struct_oper_list.id                   1 
_pdbx_struct_oper_list.type                 'identity operation' 
_pdbx_struct_oper_list.name                 1_555 
_pdbx_struct_oper_list.symmetry_operation   x,y,z 
_pdbx_struct_oper_list.matrix[1][1]         1.0000000000 
_pdbx_struct_oper_list.matrix[1][2]         0.0000000000 
_pdbx_struct_oper_list.matrix[1][3]         0.0000000000 
_pdbx_struct_oper_list.vector[1]            0.0000000000 
_pdbx_struct_oper_list.matrix[2][1]         0.0000000000 
_pdbx_struct_oper_list.matrix[2][2]         1.0000000000 
_pdbx_struct_oper_list.matrix[2][3]         0.0000000000 
_pdbx_struct_oper_list.vector[2]            0.0000000000 
_pdbx_struct_oper_list.matrix[3][1]         0.0000000000 
_pdbx_struct_oper_list.matrix[3][2]         0.0000000000 
_pdbx_struct_oper_list.matrix[3][3]         1.0000000000 
_pdbx_struct_oper_list.vector[3]            0.0000000000 
# 
_struct_biol.id        1 
_struct_biol.details   ? 
# 
loop_
_struct_conf.conf_type_id 
_struct_conf.id 
_struct_conf.pdbx_PDB_helix_id 
_struct_conf.beg_label_comp_id 
_struct_conf.beg_label_asym_id 
_struct_conf.beg_label_seq_id 
_struct_conf.pdbx_beg_PDB_ins_code 
_struct_conf.end_label_comp_id 
_struct_conf.end_label_asym_id 
_struct_conf.end_label_seq_id 
_struct_conf.pdbx_end_PDB_ins_code 
_struct_conf.beg_auth_comp_id 
_struct_conf.beg_auth_asym_id 
_struct_conf.beg_auth_seq_id 
_struct_conf.end_auth_comp_id 
_struct_conf.end_auth_asym_id 
_struct_conf.end_auth_seq_id 
_struct_conf.pdbx_PDB_helix_class 
_struct_conf.details 
_struct_conf.pdbx_PDB_helix_length 
HELX_P HELX_P1 1 PRO A 14 ? SER A 23 ? PRO A 66  SER A 75  1 ? 10 
HELX_P HELX_P2 2 SER A 75 ? HIS A 83 ? SER A 127 HIS A 135 1 ? 9  
# 
_struct_conf_type.id          HELX_P 
_struct_conf_type.criteria    ? 
_struct_conf_type.reference   ? 
# 
loop_
_struct_conn.id 
_struct_conn.conn_type_id 
_struct_conn.pdbx_leaving_atom_flag 
_struct_conn.pdbx_PDB_id 
_struct_conn.ptnr1_label_asym_id 
_struct_conn.ptnr1_label_comp_id 
_struct_conn.ptnr1_label_seq_id 
_struct_conn.ptnr1_label_atom_id 
_struct_conn.pdbx_ptnr1_label_alt_id 
_struct_conn.pdbx_ptnr1_PDB_ins_code 
_struct_conn.pdbx_ptnr1_standard_comp_id 
_struct_conn.ptnr1_symmetry 
_struct_conn.ptnr2_label_asym_id 
_struct_conn.ptnr2_label_comp_id 
_struct_conn.ptnr2_label_seq_id 
_struct_conn.ptnr2_label_atom_id 
_struct_conn.pdbx_ptnr2_label_alt_id 
_struct_conn.pdbx_ptnr2_PDB_ins_code 
_struct_conn.ptnr1_auth_asym_id 
_struct_conn.ptnr1_auth_comp_id 
_struct_conn.ptnr1_auth_seq_id 
_struct_conn.ptnr2_auth_asym_id 
_struct_conn.ptnr2_auth_comp_id 
_struct_conn.ptnr2_auth_seq_id 
_struct_conn.ptnr2_symmetry 
_struct_conn.pdbx_ptnr3_label_atom_id 
_struct_conn.pdbx_ptnr3_label_seq_id 
_struct_conn.pdbx_ptnr3_label_comp_id 
_struct_conn.pdbx_ptnr3_label_asym_id 
_struct_conn.pdbx_ptnr3_label_alt_id 
_struct_conn.pdbx_ptnr3_PDB_ins_code 
_struct_conn.details 
_struct_conn.pdbx_dist_value 
_struct_conn.pdbx_value_order 
_struct_conn.pdbx_role 
covale1 covale both ? B ACE 1 C ? ? ? 1_555 B PTR 2 N ? ? B ACE 1 B PTR 2 1_555 ? ? ? ? ? ? ? 1.349 ? ? 
covale2 covale both ? B PTR 2 C ? ? ? 1_555 B 192 3 N ? ? B PTR 2 B 192 3 1_555 ? ? ? ? ? ? ? 1.307 ? ? 
covale3 covale both ? B 192 3 C ? ? ? 1_555 B ASN 4 N ? ? B 192 3 B ASN 4 1_555 ? ? ? ? ? ? ? 1.306 ? ? 
covale4 covale both ? B ASN 4 C ? ? ? 1_555 B NH2 5 N ? ? B ASN 4 B NH2 5 1_555 ? ? ? ? ? ? ? 1.349 ? ? 
# 
_struct_conn_type.id          covale 
_struct_conn_type.criteria    ? 
_struct_conn_type.reference   ? 
# 
loop_
_pdbx_modification_feature.ordinal 
_pdbx_modification_feature.label_comp_id 
_pdbx_modification_feature.label_asym_id 
_pdbx_modification_feature.label_seq_id 
_pdbx_modification_feature.label_alt_id 
_pdbx_modification_feature.modified_residue_label_comp_id 
_pdbx_modification_feature.modified_residue_label_asym_id 
_pdbx_modification_feature.modified_residue_label_seq_id 
_pdbx_modification_feature.modified_residue_label_alt_id 
_pdbx_modification_feature.auth_comp_id 
_pdbx_modification_feature.auth_asym_id 
_pdbx_modification_feature.auth_seq_id 
_pdbx_modification_feature.PDB_ins_code 
_pdbx_modification_feature.symmetry 
_pdbx_modification_feature.modified_residue_auth_comp_id 
_pdbx_modification_feature.modified_residue_auth_asym_id 
_pdbx_modification_feature.modified_residue_auth_seq_id 
_pdbx_modification_feature.modified_residue_PDB_ins_code 
_pdbx_modification_feature.modified_residue_symmetry 
_pdbx_modification_feature.comp_id_linking_atom 
_pdbx_modification_feature.modified_residue_id_linking_atom 
_pdbx_modification_feature.modified_residue_id 
_pdbx_modification_feature.ref_pcm_id 
_pdbx_modification_feature.ref_comp_id 
_pdbx_modification_feature.type 
_pdbx_modification_feature.category 
1 PTR B 2 ? .   . . . PTR B 2 ? 1_555 .   . . . .     . . TYR 1  PTR Phosphorylation 'Named protein modification' 
2 192 B 3 ? .   . . . 192 B 3 ? 1_555 .   . . . .     . . ?   1  192 None            'Non-standard residue'       
3 ACE B 1 ? PTR B 2 ? ACE B 1 ? 1_555 PTR B 2 ? 1_555 . . PTR 42 ACE None            'Terminal acetylation'       
4 NH2 B 5 ? ASN B 4 ? NH2 B 5 ? 1_555 ASN B 4 ? 1_555 . . ASN 17 NH2 None            'Terminal amidation'         
# 
loop_
_struct_sheet.id 
_struct_sheet.type 
_struct_sheet.number_strands 
_struct_sheet.details 
A ? 4 ? 
B ? 3 ? 
# 
loop_
_struct_sheet_order.sheet_id 
_struct_sheet_order.range_id_1 
_struct_sheet_order.range_id_2 
_struct_sheet_order.offset 
_struct_sheet_order.sense 
A 1 2 ? anti-parallel 
A 2 3 ? anti-parallel 
A 3 4 ? parallel      
B 1 2 ? anti-parallel 
B 2 3 ? anti-parallel 
# 
loop_
_struct_sheet_range.sheet_id 
_struct_sheet_range.id 
_struct_sheet_range.beg_label_comp_id 
_struct_sheet_range.beg_label_asym_id 
_struct_sheet_range.beg_label_seq_id 
_struct_sheet_range.pdbx_beg_PDB_ins_code 
_struct_sheet_range.end_label_comp_id 
_struct_sheet_range.end_label_asym_id 
_struct_sheet_range.end_label_seq_id 
_struct_sheet_range.pdbx_end_PDB_ins_code 
_struct_sheet_range.beg_auth_comp_id 
_struct_sheet_range.beg_auth_asym_id 
_struct_sheet_range.beg_auth_seq_id 
_struct_sheet_range.end_auth_comp_id 
_struct_sheet_range.end_auth_asym_id 
_struct_sheet_range.end_auth_seq_id 
A 1 ASP A 52 ? LYS A 57 ? ASP A 104 LYS A 109 
A 2 PHE A 43 ? PHE A 49 ? PHE A 95  PHE A 101 
A 3 ALA A 30 ? GLU A 35 ? ALA A 82  GLU A 87  
A 4 ARG A 97 ? ASP A 98 ? ARG A 149 ASP A 150 
B 1 LEU A 59 ? ARG A 60 ? LEU A 111 ARG A 112 
B 2 TYR A 66 ? PHE A 67 ? TYR A 118 PHE A 119 
B 3 LYS A 72 ? PHE A 73 ? LYS A 124 PHE A 125 
# 
loop_
_pdbx_struct_sheet_hbond.sheet_id 
_pdbx_struct_sheet_hbond.range_id_1 
_pdbx_struct_sheet_hbond.range_id_2 
_pdbx_struct_sheet_hbond.range_1_label_atom_id 
_pdbx_struct_sheet_hbond.range_1_label_comp_id 
_pdbx_struct_sheet_hbond.range_1_label_asym_id 
_pdbx_struct_sheet_hbond.range_1_label_seq_id 
_pdbx_struct_sheet_hbond.range_1_PDB_ins_code 
_pdbx_struct_sheet_hbond.range_1_auth_atom_id 
_pdbx_struct_sheet_hbond.range_1_auth_comp_id 
_pdbx_struct_sheet_hbond.range_1_auth_asym_id 
_pdbx_struct_sheet_hbond.range_1_auth_seq_id 
_pdbx_struct_sheet_hbond.range_2_label_atom_id 
_pdbx_struct_sheet_hbond.range_2_label_comp_id 
_pdbx_struct_sheet_hbond.range_2_label_asym_id 
_pdbx_struct_sheet_hbond.range_2_label_seq_id 
_pdbx_struct_sheet_hbond.range_2_PDB_ins_code 
_pdbx_struct_sheet_hbond.range_2_auth_atom_id 
_pdbx_struct_sheet_hbond.range_2_auth_comp_id 
_pdbx_struct_sheet_hbond.range_2_auth_asym_id 
_pdbx_struct_sheet_hbond.range_2_auth_seq_id 
A 1 2 O GLN A 54 ? O GLN A 106 N VAL A 47 ? N VAL A 99  
A 2 3 O LYS A 48 ? O LYS A 100 N ALA A 30 ? N ALA A 82  
A 3 4 N PHE A 31 ? N PHE A 83  O ARG A 97 ? O ARG A 149 
B 1 2 N LEU A 59 ? N LEU A 111 O PHE A 67 ? O PHE A 119 
B 2 3 N TYR A 66 ? N TYR A 118 O PHE A 73 ? O PHE A 125 
# 
loop_
_struct_site.id 
_struct_site.pdbx_evidence_code 
_struct_site.pdbx_auth_asym_id 
_struct_site.pdbx_auth_comp_id 
_struct_site.pdbx_auth_seq_id 
_struct_site.pdbx_auth_ins_code 
_struct_site.pdbx_num_residues 
_struct_site.details 
AC1 Software A CL  1 ? 2  'BINDING SITE FOR RESIDUE CL A 1'     
AC2 Software A GOL 2 ? 7  'BINDING SITE FOR RESIDUE GOL A 2'    
AC3 Software ? ?   ? ? 17 'BINDING SITE FOR CHAIN B OF PYAC4CN' 
# 
loop_
_struct_site_gen.id 
_struct_site_gen.site_id 
_struct_site_gen.pdbx_num_res 
_struct_site_gen.label_comp_id 
_struct_site_gen.label_asym_id 
_struct_site_gen.label_seq_id 
_struct_site_gen.pdbx_auth_ins_code 
_struct_site_gen.auth_comp_id 
_struct_site_gen.auth_asym_id 
_struct_site_gen.auth_seq_id 
_struct_site_gen.label_atom_id 
_struct_site_gen.label_alt_id 
_struct_site_gen.symmetry 
_struct_site_gen.details 
1  AC1 2  SER A 87  ? SER A 139 . ? 1_555 ? 
2  AC1 2  GLN A 93  ? GLN A 145 . ? 1_555 ? 
3  AC2 7  SER A 23  ? SER A 75  . ? 1_555 ? 
4  AC2 7  GLN A 25  ? GLN A 77  . ? 1_555 ? 
5  AC2 7  ARG A 26  ? ARG A 78  . ? 1_555 ? 
6  AC2 7  ASP A 42  ? ASP A 94  . ? 7_455 ? 
7  AC2 7  LYS A 48  ? LYS A 100 . ? 1_555 ? 
8  AC2 7  ARG A 60  ? ARG A 112 . ? 7_455 ? 
9  AC2 7  HOH E .   ? HOH A 174 . ? 1_555 ? 
10 AC3 17 HOH E .   ? HOH A 7   . ? 1_555 ? 
11 AC3 17 ARG A 15  ? ARG A 67  . ? 1_555 ? 
12 AC3 17 ARG A 26  ? ARG A 78  . ? 7_565 ? 
13 AC3 17 ARG A 34  ? ARG A 86  . ? 1_555 ? 
14 AC3 17 SER A 36  ? SER A 88  . ? 1_555 ? 
15 AC3 17 SER A 38  ? SER A 90  . ? 1_555 ? 
16 AC3 17 SER A 44  ? SER A 96  . ? 1_555 ? 
17 AC3 17 HIS A 55  ? HIS A 107 . ? 1_555 ? 
18 AC3 17 PHE A 56  ? PHE A 108 . ? 1_555 ? 
19 AC3 17 LYS A 57  ? LYS A 109 . ? 1_555 ? 
20 AC3 17 LEU A 68  ? LEU A 120 . ? 1_555 ? 
21 AC3 17 TRP A 69  ? TRP A 121 . ? 1_555 ? 
22 AC3 17 VAL A 102 ? VAL A 154 . ? 7_565 ? 
23 AC3 17 HOH F .   ? HOH B 6   . ? 1_555 ? 
24 AC3 17 HOH F .   ? HOH B 46  . ? 1_555 ? 
25 AC3 17 HOH F .   ? HOH B 47  . ? 1_555 ? 
26 AC3 17 HOH F .   ? HOH B 48  . ? 1_555 ? 
# 
_pdbx_entry_details.entry_id                   3S8L 
_pdbx_entry_details.compound_details           ? 
_pdbx_entry_details.source_details             ? 
_pdbx_entry_details.nonpolymer_details         ? 
_pdbx_entry_details.sequence_details           ? 
_pdbx_entry_details.has_ligand_of_interest     ? 
_pdbx_entry_details.has_protein_modification   Y 
# 
_pdbx_validate_symm_contact.id                1 
_pdbx_validate_symm_contact.PDB_model_num     1 
_pdbx_validate_symm_contact.auth_atom_id_1    OE2 
_pdbx_validate_symm_contact.auth_asym_id_1    A 
_pdbx_validate_symm_contact.auth_comp_id_1    GLU 
_pdbx_validate_symm_contact.auth_seq_id_1     54 
_pdbx_validate_symm_contact.PDB_ins_code_1    ? 
_pdbx_validate_symm_contact.label_alt_id_1    ? 
_pdbx_validate_symm_contact.site_symmetry_1   1_555 
_pdbx_validate_symm_contact.auth_atom_id_2    O 
_pdbx_validate_symm_contact.auth_asym_id_2    A 
_pdbx_validate_symm_contact.auth_comp_id_2    HOH 
_pdbx_validate_symm_contact.auth_seq_id_2     41 
_pdbx_validate_symm_contact.PDB_ins_code_2    ? 
_pdbx_validate_symm_contact.label_alt_id_2    ? 
_pdbx_validate_symm_contact.site_symmetry_2   1_455 
_pdbx_validate_symm_contact.dist              2.14 
# 
loop_
_pdbx_validate_torsion.id 
_pdbx_validate_torsion.PDB_model_num 
_pdbx_validate_torsion.auth_comp_id 
_pdbx_validate_torsion.auth_asym_id 
_pdbx_validate_torsion.auth_seq_id 
_pdbx_validate_torsion.PDB_ins_code 
_pdbx_validate_torsion.label_alt_id 
_pdbx_validate_torsion.phi 
_pdbx_validate_torsion.psi 
1 1 TRP A 121 ? ? -124.68 -71.76 
2 1 VAL A 122 ? ? -132.46 -48.15 
3 1 GLN A 153 ? ? 98.85   114.33 
# 
_pdbx_struct_mod_residue.id               1 
_pdbx_struct_mod_residue.label_asym_id    B 
_pdbx_struct_mod_residue.label_comp_id    PTR 
_pdbx_struct_mod_residue.label_seq_id     2 
_pdbx_struct_mod_residue.auth_asym_id     B 
_pdbx_struct_mod_residue.auth_comp_id     PTR 
_pdbx_struct_mod_residue.auth_seq_id      2 
_pdbx_struct_mod_residue.PDB_ins_code     ? 
_pdbx_struct_mod_residue.parent_comp_id   TYR 
_pdbx_struct_mod_residue.details          O-PHOSPHOTYROSINE 
# 
loop_
_pdbx_unobs_or_zero_occ_residues.id 
_pdbx_unobs_or_zero_occ_residues.PDB_model_num 
_pdbx_unobs_or_zero_occ_residues.polymer_flag 
_pdbx_unobs_or_zero_occ_residues.occupancy_flag 
_pdbx_unobs_or_zero_occ_residues.auth_asym_id 
_pdbx_unobs_or_zero_occ_residues.auth_comp_id 
_pdbx_unobs_or_zero_occ_residues.auth_seq_id 
_pdbx_unobs_or_zero_occ_residues.PDB_ins_code 
_pdbx_unobs_or_zero_occ_residues.label_asym_id 
_pdbx_unobs_or_zero_occ_residues.label_comp_id 
_pdbx_unobs_or_zero_occ_residues.label_seq_id 
1  1 Y 1 A ILE 53  ? A ILE 1   
2  1 Y 1 A PRO 155 ? A PRO 103 
3  1 Y 1 A GLN 156 ? A GLN 104 
4  1 Y 1 A GLN 157 ? A GLN 105 
5  1 Y 1 A PRO 158 ? A PRO 106 
6  1 Y 1 A THR 159 ? A THR 107 
7  1 Y 1 A TYR 160 ? A TYR 108 
8  1 Y 1 A VAL 161 ? A VAL 109 
9  1 Y 1 A GLN 162 ? A GLN 110 
10 1 Y 1 A ALA 163 ? A ALA 111 
11 1 Y 1 A HIS 164 ? A HIS 112 
12 1 Y 1 A HIS 165 ? A HIS 113 
13 1 Y 1 A HIS 166 ? A HIS 114 
14 1 Y 1 A HIS 167 ? A HIS 115 
15 1 Y 1 A HIS 168 ? A HIS 116 
16 1 Y 1 A HIS 169 ? A HIS 117 
# 
loop_
_chem_comp_atom.comp_id 
_chem_comp_atom.atom_id 
_chem_comp_atom.type_symbol 
_chem_comp_atom.pdbx_aromatic_flag 
_chem_comp_atom.pdbx_stereo_config 
_chem_comp_atom.pdbx_ordinal 
192 N    N  N N 1   
192 O    O  N N 2   
192 CA   C  N N 3   
192 C    C  N N 4   
192 CB1  C  N N 5   
192 CG   C  N N 6   
192 CB2  C  N N 7   
192 OXT  O  N N 8   
192 H    H  N N 9   
192 H2   H  N N 10  
192 HB11 H  N N 11  
192 HB12 H  N N 12  
192 HG1  H  N N 13  
192 HG2  H  N N 14  
192 HB21 H  N N 15  
192 HB22 H  N N 16  
192 HXT  H  N N 17  
ACE C    C  N N 18  
ACE O    O  N N 19  
ACE CH3  C  N N 20  
ACE H    H  N N 21  
ACE H1   H  N N 22  
ACE H2   H  N N 23  
ACE H3   H  N N 24  
ALA N    N  N N 25  
ALA CA   C  N S 26  
ALA C    C  N N 27  
ALA O    O  N N 28  
ALA CB   C  N N 29  
ALA OXT  O  N N 30  
ALA H    H  N N 31  
ALA H2   H  N N 32  
ALA HA   H  N N 33  
ALA HB1  H  N N 34  
ALA HB2  H  N N 35  
ALA HB3  H  N N 36  
ALA HXT  H  N N 37  
ARG N    N  N N 38  
ARG CA   C  N S 39  
ARG C    C  N N 40  
ARG O    O  N N 41  
ARG CB   C  N N 42  
ARG CG   C  N N 43  
ARG CD   C  N N 44  
ARG NE   N  N N 45  
ARG CZ   C  N N 46  
ARG NH1  N  N N 47  
ARG NH2  N  N N 48  
ARG OXT  O  N N 49  
ARG H    H  N N 50  
ARG H2   H  N N 51  
ARG HA   H  N N 52  
ARG HB2  H  N N 53  
ARG HB3  H  N N 54  
ARG HG2  H  N N 55  
ARG HG3  H  N N 56  
ARG HD2  H  N N 57  
ARG HD3  H  N N 58  
ARG HE   H  N N 59  
ARG HH11 H  N N 60  
ARG HH12 H  N N 61  
ARG HH21 H  N N 62  
ARG HH22 H  N N 63  
ARG HXT  H  N N 64  
ASN N    N  N N 65  
ASN CA   C  N S 66  
ASN C    C  N N 67  
ASN O    O  N N 68  
ASN CB   C  N N 69  
ASN CG   C  N N 70  
ASN OD1  O  N N 71  
ASN ND2  N  N N 72  
ASN OXT  O  N N 73  
ASN H    H  N N 74  
ASN H2   H  N N 75  
ASN HA   H  N N 76  
ASN HB2  H  N N 77  
ASN HB3  H  N N 78  
ASN HD21 H  N N 79  
ASN HD22 H  N N 80  
ASN HXT  H  N N 81  
ASP N    N  N N 82  
ASP CA   C  N S 83  
ASP C    C  N N 84  
ASP O    O  N N 85  
ASP CB   C  N N 86  
ASP CG   C  N N 87  
ASP OD1  O  N N 88  
ASP OD2  O  N N 89  
ASP OXT  O  N N 90  
ASP H    H  N N 91  
ASP H2   H  N N 92  
ASP HA   H  N N 93  
ASP HB2  H  N N 94  
ASP HB3  H  N N 95  
ASP HD2  H  N N 96  
ASP HXT  H  N N 97  
CL  CL   CL N N 98  
GLN N    N  N N 99  
GLN CA   C  N S 100 
GLN C    C  N N 101 
GLN O    O  N N 102 
GLN CB   C  N N 103 
GLN CG   C  N N 104 
GLN CD   C  N N 105 
GLN OE1  O  N N 106 
GLN NE2  N  N N 107 
GLN OXT  O  N N 108 
GLN H    H  N N 109 
GLN H2   H  N N 110 
GLN HA   H  N N 111 
GLN HB2  H  N N 112 
GLN HB3  H  N N 113 
GLN HG2  H  N N 114 
GLN HG3  H  N N 115 
GLN HE21 H  N N 116 
GLN HE22 H  N N 117 
GLN HXT  H  N N 118 
GLU N    N  N N 119 
GLU CA   C  N S 120 
GLU C    C  N N 121 
GLU O    O  N N 122 
GLU CB   C  N N 123 
GLU CG   C  N N 124 
GLU CD   C  N N 125 
GLU OE1  O  N N 126 
GLU OE2  O  N N 127 
GLU OXT  O  N N 128 
GLU H    H  N N 129 
GLU H2   H  N N 130 
GLU HA   H  N N 131 
GLU HB2  H  N N 132 
GLU HB3  H  N N 133 
GLU HG2  H  N N 134 
GLU HG3  H  N N 135 
GLU HE2  H  N N 136 
GLU HXT  H  N N 137 
GLY N    N  N N 138 
GLY CA   C  N N 139 
GLY C    C  N N 140 
GLY O    O  N N 141 
GLY OXT  O  N N 142 
GLY H    H  N N 143 
GLY H2   H  N N 144 
GLY HA2  H  N N 145 
GLY HA3  H  N N 146 
GLY HXT  H  N N 147 
GOL C1   C  N N 148 
GOL O1   O  N N 149 
GOL C2   C  N N 150 
GOL O2   O  N N 151 
GOL C3   C  N N 152 
GOL O3   O  N N 153 
GOL H11  H  N N 154 
GOL H12  H  N N 155 
GOL HO1  H  N N 156 
GOL H2   H  N N 157 
GOL HO2  H  N N 158 
GOL H31  H  N N 159 
GOL H32  H  N N 160 
GOL HO3  H  N N 161 
HIS N    N  N N 162 
HIS CA   C  N S 163 
HIS C    C  N N 164 
HIS O    O  N N 165 
HIS CB   C  N N 166 
HIS CG   C  Y N 167 
HIS ND1  N  Y N 168 
HIS CD2  C  Y N 169 
HIS CE1  C  Y N 170 
HIS NE2  N  Y N 171 
HIS OXT  O  N N 172 
HIS H    H  N N 173 
HIS H2   H  N N 174 
HIS HA   H  N N 175 
HIS HB2  H  N N 176 
HIS HB3  H  N N 177 
HIS HD1  H  N N 178 
HIS HD2  H  N N 179 
HIS HE1  H  N N 180 
HIS HE2  H  N N 181 
HIS HXT  H  N N 182 
HOH O    O  N N 183 
HOH H1   H  N N 184 
HOH H2   H  N N 185 
ILE N    N  N N 186 
ILE CA   C  N S 187 
ILE C    C  N N 188 
ILE O    O  N N 189 
ILE CB   C  N S 190 
ILE CG1  C  N N 191 
ILE CG2  C  N N 192 
ILE CD1  C  N N 193 
ILE OXT  O  N N 194 
ILE H    H  N N 195 
ILE H2   H  N N 196 
ILE HA   H  N N 197 
ILE HB   H  N N 198 
ILE HG12 H  N N 199 
ILE HG13 H  N N 200 
ILE HG21 H  N N 201 
ILE HG22 H  N N 202 
ILE HG23 H  N N 203 
ILE HD11 H  N N 204 
ILE HD12 H  N N 205 
ILE HD13 H  N N 206 
ILE HXT  H  N N 207 
LEU N    N  N N 208 
LEU CA   C  N S 209 
LEU C    C  N N 210 
LEU O    O  N N 211 
LEU CB   C  N N 212 
LEU CG   C  N N 213 
LEU CD1  C  N N 214 
LEU CD2  C  N N 215 
LEU OXT  O  N N 216 
LEU H    H  N N 217 
LEU H2   H  N N 218 
LEU HA   H  N N 219 
LEU HB2  H  N N 220 
LEU HB3  H  N N 221 
LEU HG   H  N N 222 
LEU HD11 H  N N 223 
LEU HD12 H  N N 224 
LEU HD13 H  N N 225 
LEU HD21 H  N N 226 
LEU HD22 H  N N 227 
LEU HD23 H  N N 228 
LEU HXT  H  N N 229 
LYS N    N  N N 230 
LYS CA   C  N S 231 
LYS C    C  N N 232 
LYS O    O  N N 233 
LYS CB   C  N N 234 
LYS CG   C  N N 235 
LYS CD   C  N N 236 
LYS CE   C  N N 237 
LYS NZ   N  N N 238 
LYS OXT  O  N N 239 
LYS H    H  N N 240 
LYS H2   H  N N 241 
LYS HA   H  N N 242 
LYS HB2  H  N N 243 
LYS HB3  H  N N 244 
LYS HG2  H  N N 245 
LYS HG3  H  N N 246 
LYS HD2  H  N N 247 
LYS HD3  H  N N 248 
LYS HE2  H  N N 249 
LYS HE3  H  N N 250 
LYS HZ1  H  N N 251 
LYS HZ2  H  N N 252 
LYS HZ3  H  N N 253 
LYS HXT  H  N N 254 
MET N    N  N N 255 
MET CA   C  N S 256 
MET C    C  N N 257 
MET O    O  N N 258 
MET CB   C  N N 259 
MET CG   C  N N 260 
MET SD   S  N N 261 
MET CE   C  N N 262 
MET OXT  O  N N 263 
MET H    H  N N 264 
MET H2   H  N N 265 
MET HA   H  N N 266 
MET HB2  H  N N 267 
MET HB3  H  N N 268 
MET HG2  H  N N 269 
MET HG3  H  N N 270 
MET HE1  H  N N 271 
MET HE2  H  N N 272 
MET HE3  H  N N 273 
MET HXT  H  N N 274 
NH2 N    N  N N 275 
NH2 HN1  H  N N 276 
NH2 HN2  H  N N 277 
PHE N    N  N N 278 
PHE CA   C  N S 279 
PHE C    C  N N 280 
PHE O    O  N N 281 
PHE CB   C  N N 282 
PHE CG   C  Y N 283 
PHE CD1  C  Y N 284 
PHE CD2  C  Y N 285 
PHE CE1  C  Y N 286 
PHE CE2  C  Y N 287 
PHE CZ   C  Y N 288 
PHE OXT  O  N N 289 
PHE H    H  N N 290 
PHE H2   H  N N 291 
PHE HA   H  N N 292 
PHE HB2  H  N N 293 
PHE HB3  H  N N 294 
PHE HD1  H  N N 295 
PHE HD2  H  N N 296 
PHE HE1  H  N N 297 
PHE HE2  H  N N 298 
PHE HZ   H  N N 299 
PHE HXT  H  N N 300 
PRO N    N  N N 301 
PRO CA   C  N S 302 
PRO C    C  N N 303 
PRO O    O  N N 304 
PRO CB   C  N N 305 
PRO CG   C  N N 306 
PRO CD   C  N N 307 
PRO OXT  O  N N 308 
PRO H    H  N N 309 
PRO HA   H  N N 310 
PRO HB2  H  N N 311 
PRO HB3  H  N N 312 
PRO HG2  H  N N 313 
PRO HG3  H  N N 314 
PRO HD2  H  N N 315 
PRO HD3  H  N N 316 
PRO HXT  H  N N 317 
PTR N    N  N N 318 
PTR CA   C  N S 319 
PTR C    C  N N 320 
PTR O    O  N N 321 
PTR OXT  O  N N 322 
PTR CB   C  N N 323 
PTR CG   C  Y N 324 
PTR CD1  C  Y N 325 
PTR CD2  C  Y N 326 
PTR CE1  C  Y N 327 
PTR CE2  C  Y N 328 
PTR CZ   C  Y N 329 
PTR OH   O  N N 330 
PTR P    P  N N 331 
PTR O1P  O  N N 332 
PTR O2P  O  N N 333 
PTR O3P  O  N N 334 
PTR H    H  N N 335 
PTR H2   H  N N 336 
PTR HA   H  N N 337 
PTR HXT  H  N N 338 
PTR HB2  H  N N 339 
PTR HB3  H  N N 340 
PTR HD1  H  N N 341 
PTR HD2  H  N N 342 
PTR HE1  H  N N 343 
PTR HE2  H  N N 344 
PTR HO2P H  N N 345 
PTR HO3P H  N N 346 
SER N    N  N N 347 
SER CA   C  N S 348 
SER C    C  N N 349 
SER O    O  N N 350 
SER CB   C  N N 351 
SER OG   O  N N 352 
SER OXT  O  N N 353 
SER H    H  N N 354 
SER H2   H  N N 355 
SER HA   H  N N 356 
SER HB2  H  N N 357 
SER HB3  H  N N 358 
SER HG   H  N N 359 
SER HXT  H  N N 360 
THR N    N  N N 361 
THR CA   C  N S 362 
THR C    C  N N 363 
THR O    O  N N 364 
THR CB   C  N R 365 
THR OG1  O  N N 366 
THR CG2  C  N N 367 
THR OXT  O  N N 368 
THR H    H  N N 369 
THR H2   H  N N 370 
THR HA   H  N N 371 
THR HB   H  N N 372 
THR HG1  H  N N 373 
THR HG21 H  N N 374 
THR HG22 H  N N 375 
THR HG23 H  N N 376 
THR HXT  H  N N 377 
TRP N    N  N N 378 
TRP CA   C  N S 379 
TRP C    C  N N 380 
TRP O    O  N N 381 
TRP CB   C  N N 382 
TRP CG   C  Y N 383 
TRP CD1  C  Y N 384 
TRP CD2  C  Y N 385 
TRP NE1  N  Y N 386 
TRP CE2  C  Y N 387 
TRP CE3  C  Y N 388 
TRP CZ2  C  Y N 389 
TRP CZ3  C  Y N 390 
TRP CH2  C  Y N 391 
TRP OXT  O  N N 392 
TRP H    H  N N 393 
TRP H2   H  N N 394 
TRP HA   H  N N 395 
TRP HB2  H  N N 396 
TRP HB3  H  N N 397 
TRP HD1  H  N N 398 
TRP HE1  H  N N 399 
TRP HE3  H  N N 400 
TRP HZ2  H  N N 401 
TRP HZ3  H  N N 402 
TRP HH2  H  N N 403 
TRP HXT  H  N N 404 
TYR N    N  N N 405 
TYR CA   C  N S 406 
TYR C    C  N N 407 
TYR O    O  N N 408 
TYR CB   C  N N 409 
TYR CG   C  Y N 410 
TYR CD1  C  Y N 411 
TYR CD2  C  Y N 412 
TYR CE1  C  Y N 413 
TYR CE2  C  Y N 414 
TYR CZ   C  Y N 415 
TYR OH   O  N N 416 
TYR OXT  O  N N 417 
TYR H    H  N N 418 
TYR H2   H  N N 419 
TYR HA   H  N N 420 
TYR HB2  H  N N 421 
TYR HB3  H  N N 422 
TYR HD1  H  N N 423 
TYR HD2  H  N N 424 
TYR HE1  H  N N 425 
TYR HE2  H  N N 426 
TYR HH   H  N N 427 
TYR HXT  H  N N 428 
VAL N    N  N N 429 
VAL CA   C  N S 430 
VAL C    C  N N 431 
VAL O    O  N N 432 
VAL CB   C  N N 433 
VAL CG1  C  N N 434 
VAL CG2  C  N N 435 
VAL OXT  O  N N 436 
VAL H    H  N N 437 
VAL H2   H  N N 438 
VAL HA   H  N N 439 
VAL HB   H  N N 440 
VAL HG11 H  N N 441 
VAL HG12 H  N N 442 
VAL HG13 H  N N 443 
VAL HG21 H  N N 444 
VAL HG22 H  N N 445 
VAL HG23 H  N N 446 
VAL HXT  H  N N 447 
# 
loop_
_chem_comp_bond.comp_id 
_chem_comp_bond.atom_id_1 
_chem_comp_bond.atom_id_2 
_chem_comp_bond.value_order 
_chem_comp_bond.pdbx_aromatic_flag 
_chem_comp_bond.pdbx_stereo_config 
_chem_comp_bond.pdbx_ordinal 
192 N   CA   sing N N 1   
192 N   H    sing N N 2   
192 N   H2   sing N N 3   
192 O   C    doub N N 4   
192 CA  C    sing N N 5   
192 CA  CB1  sing N N 6   
192 CA  CB2  sing N N 7   
192 C   OXT  sing N N 8   
192 CB1 CG   sing N N 9   
192 CB1 HB11 sing N N 10  
192 CB1 HB12 sing N N 11  
192 CG  CB2  sing N N 12  
192 CG  HG1  sing N N 13  
192 CG  HG2  sing N N 14  
192 CB2 HB21 sing N N 15  
192 CB2 HB22 sing N N 16  
192 OXT HXT  sing N N 17  
ACE C   O    doub N N 18  
ACE C   CH3  sing N N 19  
ACE C   H    sing N N 20  
ACE CH3 H1   sing N N 21  
ACE CH3 H2   sing N N 22  
ACE CH3 H3   sing N N 23  
ALA N   CA   sing N N 24  
ALA N   H    sing N N 25  
ALA N   H2   sing N N 26  
ALA CA  C    sing N N 27  
ALA CA  CB   sing N N 28  
ALA CA  HA   sing N N 29  
ALA C   O    doub N N 30  
ALA C   OXT  sing N N 31  
ALA CB  HB1  sing N N 32  
ALA CB  HB2  sing N N 33  
ALA CB  HB3  sing N N 34  
ALA OXT HXT  sing N N 35  
ARG N   CA   sing N N 36  
ARG N   H    sing N N 37  
ARG N   H2   sing N N 38  
ARG CA  C    sing N N 39  
ARG CA  CB   sing N N 40  
ARG CA  HA   sing N N 41  
ARG C   O    doub N N 42  
ARG C   OXT  sing N N 43  
ARG CB  CG   sing N N 44  
ARG CB  HB2  sing N N 45  
ARG CB  HB3  sing N N 46  
ARG CG  CD   sing N N 47  
ARG CG  HG2  sing N N 48  
ARG CG  HG3  sing N N 49  
ARG CD  NE   sing N N 50  
ARG CD  HD2  sing N N 51  
ARG CD  HD3  sing N N 52  
ARG NE  CZ   sing N N 53  
ARG NE  HE   sing N N 54  
ARG CZ  NH1  sing N N 55  
ARG CZ  NH2  doub N N 56  
ARG NH1 HH11 sing N N 57  
ARG NH1 HH12 sing N N 58  
ARG NH2 HH21 sing N N 59  
ARG NH2 HH22 sing N N 60  
ARG OXT HXT  sing N N 61  
ASN N   CA   sing N N 62  
ASN N   H    sing N N 63  
ASN N   H2   sing N N 64  
ASN CA  C    sing N N 65  
ASN CA  CB   sing N N 66  
ASN CA  HA   sing N N 67  
ASN C   O    doub N N 68  
ASN C   OXT  sing N N 69  
ASN CB  CG   sing N N 70  
ASN CB  HB2  sing N N 71  
ASN CB  HB3  sing N N 72  
ASN CG  OD1  doub N N 73  
ASN CG  ND2  sing N N 74  
ASN ND2 HD21 sing N N 75  
ASN ND2 HD22 sing N N 76  
ASN OXT HXT  sing N N 77  
ASP N   CA   sing N N 78  
ASP N   H    sing N N 79  
ASP N   H2   sing N N 80  
ASP CA  C    sing N N 81  
ASP CA  CB   sing N N 82  
ASP CA  HA   sing N N 83  
ASP C   O    doub N N 84  
ASP C   OXT  sing N N 85  
ASP CB  CG   sing N N 86  
ASP CB  HB2  sing N N 87  
ASP CB  HB3  sing N N 88  
ASP CG  OD1  doub N N 89  
ASP CG  OD2  sing N N 90  
ASP OD2 HD2  sing N N 91  
ASP OXT HXT  sing N N 92  
GLN N   CA   sing N N 93  
GLN N   H    sing N N 94  
GLN N   H2   sing N N 95  
GLN CA  C    sing N N 96  
GLN CA  CB   sing N N 97  
GLN CA  HA   sing N N 98  
GLN C   O    doub N N 99  
GLN C   OXT  sing N N 100 
GLN CB  CG   sing N N 101 
GLN CB  HB2  sing N N 102 
GLN CB  HB3  sing N N 103 
GLN CG  CD   sing N N 104 
GLN CG  HG2  sing N N 105 
GLN CG  HG3  sing N N 106 
GLN CD  OE1  doub N N 107 
GLN CD  NE2  sing N N 108 
GLN NE2 HE21 sing N N 109 
GLN NE2 HE22 sing N N 110 
GLN OXT HXT  sing N N 111 
GLU N   CA   sing N N 112 
GLU N   H    sing N N 113 
GLU N   H2   sing N N 114 
GLU CA  C    sing N N 115 
GLU CA  CB   sing N N 116 
GLU CA  HA   sing N N 117 
GLU C   O    doub N N 118 
GLU C   OXT  sing N N 119 
GLU CB  CG   sing N N 120 
GLU CB  HB2  sing N N 121 
GLU CB  HB3  sing N N 122 
GLU CG  CD   sing N N 123 
GLU CG  HG2  sing N N 124 
GLU CG  HG3  sing N N 125 
GLU CD  OE1  doub N N 126 
GLU CD  OE2  sing N N 127 
GLU OE2 HE2  sing N N 128 
GLU OXT HXT  sing N N 129 
GLY N   CA   sing N N 130 
GLY N   H    sing N N 131 
GLY N   H2   sing N N 132 
GLY CA  C    sing N N 133 
GLY CA  HA2  sing N N 134 
GLY CA  HA3  sing N N 135 
GLY C   O    doub N N 136 
GLY C   OXT  sing N N 137 
GLY OXT HXT  sing N N 138 
GOL C1  O1   sing N N 139 
GOL C1  C2   sing N N 140 
GOL C1  H11  sing N N 141 
GOL C1  H12  sing N N 142 
GOL O1  HO1  sing N N 143 
GOL C2  O2   sing N N 144 
GOL C2  C3   sing N N 145 
GOL C2  H2   sing N N 146 
GOL O2  HO2  sing N N 147 
GOL C3  O3   sing N N 148 
GOL C3  H31  sing N N 149 
GOL C3  H32  sing N N 150 
GOL O3  HO3  sing N N 151 
HIS N   CA   sing N N 152 
HIS N   H    sing N N 153 
HIS N   H2   sing N N 154 
HIS CA  C    sing N N 155 
HIS CA  CB   sing N N 156 
HIS CA  HA   sing N N 157 
HIS C   O    doub N N 158 
HIS C   OXT  sing N N 159 
HIS CB  CG   sing N N 160 
HIS CB  HB2  sing N N 161 
HIS CB  HB3  sing N N 162 
HIS CG  ND1  sing Y N 163 
HIS CG  CD2  doub Y N 164 
HIS ND1 CE1  doub Y N 165 
HIS ND1 HD1  sing N N 166 
HIS CD2 NE2  sing Y N 167 
HIS CD2 HD2  sing N N 168 
HIS CE1 NE2  sing Y N 169 
HIS CE1 HE1  sing N N 170 
HIS NE2 HE2  sing N N 171 
HIS OXT HXT  sing N N 172 
HOH O   H1   sing N N 173 
HOH O   H2   sing N N 174 
ILE N   CA   sing N N 175 
ILE N   H    sing N N 176 
ILE N   H2   sing N N 177 
ILE CA  C    sing N N 178 
ILE CA  CB   sing N N 179 
ILE CA  HA   sing N N 180 
ILE C   O    doub N N 181 
ILE C   OXT  sing N N 182 
ILE CB  CG1  sing N N 183 
ILE CB  CG2  sing N N 184 
ILE CB  HB   sing N N 185 
ILE CG1 CD1  sing N N 186 
ILE CG1 HG12 sing N N 187 
ILE CG1 HG13 sing N N 188 
ILE CG2 HG21 sing N N 189 
ILE CG2 HG22 sing N N 190 
ILE CG2 HG23 sing N N 191 
ILE CD1 HD11 sing N N 192 
ILE CD1 HD12 sing N N 193 
ILE CD1 HD13 sing N N 194 
ILE OXT HXT  sing N N 195 
LEU N   CA   sing N N 196 
LEU N   H    sing N N 197 
LEU N   H2   sing N N 198 
LEU CA  C    sing N N 199 
LEU CA  CB   sing N N 200 
LEU CA  HA   sing N N 201 
LEU C   O    doub N N 202 
LEU C   OXT  sing N N 203 
LEU CB  CG   sing N N 204 
LEU CB  HB2  sing N N 205 
LEU CB  HB3  sing N N 206 
LEU CG  CD1  sing N N 207 
LEU CG  CD2  sing N N 208 
LEU CG  HG   sing N N 209 
LEU CD1 HD11 sing N N 210 
LEU CD1 HD12 sing N N 211 
LEU CD1 HD13 sing N N 212 
LEU CD2 HD21 sing N N 213 
LEU CD2 HD22 sing N N 214 
LEU CD2 HD23 sing N N 215 
LEU OXT HXT  sing N N 216 
LYS N   CA   sing N N 217 
LYS N   H    sing N N 218 
LYS N   H2   sing N N 219 
LYS CA  C    sing N N 220 
LYS CA  CB   sing N N 221 
LYS CA  HA   sing N N 222 
LYS C   O    doub N N 223 
LYS C   OXT  sing N N 224 
LYS CB  CG   sing N N 225 
LYS CB  HB2  sing N N 226 
LYS CB  HB3  sing N N 227 
LYS CG  CD   sing N N 228 
LYS CG  HG2  sing N N 229 
LYS CG  HG3  sing N N 230 
LYS CD  CE   sing N N 231 
LYS CD  HD2  sing N N 232 
LYS CD  HD3  sing N N 233 
LYS CE  NZ   sing N N 234 
LYS CE  HE2  sing N N 235 
LYS CE  HE3  sing N N 236 
LYS NZ  HZ1  sing N N 237 
LYS NZ  HZ2  sing N N 238 
LYS NZ  HZ3  sing N N 239 
LYS OXT HXT  sing N N 240 
MET N   CA   sing N N 241 
MET N   H    sing N N 242 
MET N   H2   sing N N 243 
MET CA  C    sing N N 244 
MET CA  CB   sing N N 245 
MET CA  HA   sing N N 246 
MET C   O    doub N N 247 
MET C   OXT  sing N N 248 
MET CB  CG   sing N N 249 
MET CB  HB2  sing N N 250 
MET CB  HB3  sing N N 251 
MET CG  SD   sing N N 252 
MET CG  HG2  sing N N 253 
MET CG  HG3  sing N N 254 
MET SD  CE   sing N N 255 
MET CE  HE1  sing N N 256 
MET CE  HE2  sing N N 257 
MET CE  HE3  sing N N 258 
MET OXT HXT  sing N N 259 
NH2 N   HN1  sing N N 260 
NH2 N   HN2  sing N N 261 
PHE N   CA   sing N N 262 
PHE N   H    sing N N 263 
PHE N   H2   sing N N 264 
PHE CA  C    sing N N 265 
PHE CA  CB   sing N N 266 
PHE CA  HA   sing N N 267 
PHE C   O    doub N N 268 
PHE C   OXT  sing N N 269 
PHE CB  CG   sing N N 270 
PHE CB  HB2  sing N N 271 
PHE CB  HB3  sing N N 272 
PHE CG  CD1  doub Y N 273 
PHE CG  CD2  sing Y N 274 
PHE CD1 CE1  sing Y N 275 
PHE CD1 HD1  sing N N 276 
PHE CD2 CE2  doub Y N 277 
PHE CD2 HD2  sing N N 278 
PHE CE1 CZ   doub Y N 279 
PHE CE1 HE1  sing N N 280 
PHE CE2 CZ   sing Y N 281 
PHE CE2 HE2  sing N N 282 
PHE CZ  HZ   sing N N 283 
PHE OXT HXT  sing N N 284 
PRO N   CA   sing N N 285 
PRO N   CD   sing N N 286 
PRO N   H    sing N N 287 
PRO CA  C    sing N N 288 
PRO CA  CB   sing N N 289 
PRO CA  HA   sing N N 290 
PRO C   O    doub N N 291 
PRO C   OXT  sing N N 292 
PRO CB  CG   sing N N 293 
PRO CB  HB2  sing N N 294 
PRO CB  HB3  sing N N 295 
PRO CG  CD   sing N N 296 
PRO CG  HG2  sing N N 297 
PRO CG  HG3  sing N N 298 
PRO CD  HD2  sing N N 299 
PRO CD  HD3  sing N N 300 
PRO OXT HXT  sing N N 301 
PTR N   CA   sing N N 302 
PTR N   H    sing N N 303 
PTR N   H2   sing N N 304 
PTR CA  C    sing N N 305 
PTR CA  CB   sing N N 306 
PTR CA  HA   sing N N 307 
PTR C   O    doub N N 308 
PTR C   OXT  sing N N 309 
PTR OXT HXT  sing N N 310 
PTR CB  CG   sing N N 311 
PTR CB  HB2  sing N N 312 
PTR CB  HB3  sing N N 313 
PTR CG  CD1  doub Y N 314 
PTR CG  CD2  sing Y N 315 
PTR CD1 CE1  sing Y N 316 
PTR CD1 HD1  sing N N 317 
PTR CD2 CE2  doub Y N 318 
PTR CD2 HD2  sing N N 319 
PTR CE1 CZ   doub Y N 320 
PTR CE1 HE1  sing N N 321 
PTR CE2 CZ   sing Y N 322 
PTR CE2 HE2  sing N N 323 
PTR CZ  OH   sing N N 324 
PTR OH  P    sing N N 325 
PTR P   O1P  doub N N 326 
PTR P   O2P  sing N N 327 
PTR P   O3P  sing N N 328 
PTR O2P HO2P sing N N 329 
PTR O3P HO3P sing N N 330 
SER N   CA   sing N N 331 
SER N   H    sing N N 332 
SER N   H2   sing N N 333 
SER CA  C    sing N N 334 
SER CA  CB   sing N N 335 
SER CA  HA   sing N N 336 
SER C   O    doub N N 337 
SER C   OXT  sing N N 338 
SER CB  OG   sing N N 339 
SER CB  HB2  sing N N 340 
SER CB  HB3  sing N N 341 
SER OG  HG   sing N N 342 
SER OXT HXT  sing N N 343 
THR N   CA   sing N N 344 
THR N   H    sing N N 345 
THR N   H2   sing N N 346 
THR CA  C    sing N N 347 
THR CA  CB   sing N N 348 
THR CA  HA   sing N N 349 
THR C   O    doub N N 350 
THR C   OXT  sing N N 351 
THR CB  OG1  sing N N 352 
THR CB  CG2  sing N N 353 
THR CB  HB   sing N N 354 
THR OG1 HG1  sing N N 355 
THR CG2 HG21 sing N N 356 
THR CG2 HG22 sing N N 357 
THR CG2 HG23 sing N N 358 
THR OXT HXT  sing N N 359 
TRP N   CA   sing N N 360 
TRP N   H    sing N N 361 
TRP N   H2   sing N N 362 
TRP CA  C    sing N N 363 
TRP CA  CB   sing N N 364 
TRP CA  HA   sing N N 365 
TRP C   O    doub N N 366 
TRP C   OXT  sing N N 367 
TRP CB  CG   sing N N 368 
TRP CB  HB2  sing N N 369 
TRP CB  HB3  sing N N 370 
TRP CG  CD1  doub Y N 371 
TRP CG  CD2  sing Y N 372 
TRP CD1 NE1  sing Y N 373 
TRP CD1 HD1  sing N N 374 
TRP CD2 CE2  doub Y N 375 
TRP CD2 CE3  sing Y N 376 
TRP NE1 CE2  sing Y N 377 
TRP NE1 HE1  sing N N 378 
TRP CE2 CZ2  sing Y N 379 
TRP CE3 CZ3  doub Y N 380 
TRP CE3 HE3  sing N N 381 
TRP CZ2 CH2  doub Y N 382 
TRP CZ2 HZ2  sing N N 383 
TRP CZ3 CH2  sing Y N 384 
TRP CZ3 HZ3  sing N N 385 
TRP CH2 HH2  sing N N 386 
TRP OXT HXT  sing N N 387 
TYR N   CA   sing N N 388 
TYR N   H    sing N N 389 
TYR N   H2   sing N N 390 
TYR CA  C    sing N N 391 
TYR CA  CB   sing N N 392 
TYR CA  HA   sing N N 393 
TYR C   O    doub N N 394 
TYR C   OXT  sing N N 395 
TYR CB  CG   sing N N 396 
TYR CB  HB2  sing N N 397 
TYR CB  HB3  sing N N 398 
TYR CG  CD1  doub Y N 399 
TYR CG  CD2  sing Y N 400 
TYR CD1 CE1  sing Y N 401 
TYR CD1 HD1  sing N N 402 
TYR CD2 CE2  doub Y N 403 
TYR CD2 HD2  sing N N 404 
TYR CE1 CZ   doub Y N 405 
TYR CE1 HE1  sing N N 406 
TYR CE2 CZ   sing Y N 407 
TYR CE2 HE2  sing N N 408 
TYR CZ  OH   sing N N 409 
TYR OH  HH   sing N N 410 
TYR OXT HXT  sing N N 411 
VAL N   CA   sing N N 412 
VAL N   H    sing N N 413 
VAL N   H2   sing N N 414 
VAL CA  C    sing N N 415 
VAL CA  CB   sing N N 416 
VAL CA  HA   sing N N 417 
VAL C   O    doub N N 418 
VAL C   OXT  sing N N 419 
VAL CB  CG1  sing N N 420 
VAL CB  CG2  sing N N 421 
VAL CB  HB   sing N N 422 
VAL CG1 HG11 sing N N 423 
VAL CG1 HG12 sing N N 424 
VAL CG1 HG13 sing N N 425 
VAL CG2 HG21 sing N N 426 
VAL CG2 HG22 sing N N 427 
VAL CG2 HG23 sing N N 428 
VAL OXT HXT  sing N N 429 
# 
_pdbx_initial_refinement_model.id               1 
_pdbx_initial_refinement_model.entity_id_list   ? 
_pdbx_initial_refinement_model.type             'experimental model' 
_pdbx_initial_refinement_model.source_name      PDB 
_pdbx_initial_refinement_model.accession_code   3OV1 
_pdbx_initial_refinement_model.details          'pdb entry 3OV1' 
# 
_atom_sites.entry_id                    3S8L 
_atom_sites.fract_transf_matrix[1][1]   0.00194659 
_atom_sites.fract_transf_matrix[1][2]   -0.00899660 
_atom_sites.fract_transf_matrix[1][3]   0.02191432 
_atom_sites.fract_transf_matrix[2][1]   -0.02331909 
_atom_sites.fract_transf_matrix[2][2]   0.00314366 
_atom_sites.fract_transf_matrix[2][3]   0.00336196 
_atom_sites.fract_transf_matrix[3][1]   -0.00161349 
_atom_sites.fract_transf_matrix[3][2]   -0.00842357 
_atom_sites.fract_transf_matrix[3][3]   -0.00331485 
_atom_sites.fract_transf_vector[1]      -0.444892 
_atom_sites.fract_transf_vector[2]      0.199689 
_atom_sites.fract_transf_vector[3]      -0.030762 
# 
loop_
_atom_type.symbol 
C  
CL 
N  
O  
P  
S  
# 
loop_
_atom_site.group_PDB 
_atom_site.id 
_atom_site.type_symbol 
_atom_site.label_atom_id 
_atom_site.label_alt_id 
_atom_site.label_comp_id 
_atom_site.label_asym_id 
_atom_site.label_entity_id 
_atom_site.label_seq_id 
_atom_site.pdbx_PDB_ins_code 
_atom_site.Cartn_x 
_atom_site.Cartn_y 
_atom_site.Cartn_z 
_atom_site.occupancy 
_atom_site.B_iso_or_equiv 
_atom_site.pdbx_formal_charge 
_atom_site.auth_seq_id 
_atom_site.auth_comp_id 
_atom_site.auth_asym_id 
_atom_site.auth_atom_id 
_atom_site.pdbx_PDB_model_num 
ATOM   1   N  N   . GLU A 1 2   ? -4.167  16.666  -16.699 1.00 60.26 ? 54  GLU A N   1 
ATOM   2   C  CA  . GLU A 1 2   ? -4.978  15.751  -17.566 1.00 60.27 ? 54  GLU A CA  1 
ATOM   3   C  C   . GLU A 1 2   ? -4.915  14.312  -17.006 1.00 58.59 ? 54  GLU A C   1 
ATOM   4   O  O   . GLU A 1 2   ? -3.837  13.804  -16.640 1.00 58.38 ? 54  GLU A O   1 
ATOM   5   C  CB  . GLU A 1 2   ? -4.571  15.871  -19.061 1.00 61.20 ? 54  GLU A CB  1 
ATOM   6   C  CG  . GLU A 1 2   ? -4.055  14.596  -19.774 1.00 64.98 ? 54  GLU A CG  1 
ATOM   7   C  CD  . GLU A 1 2   ? -2.545  14.338  -19.613 1.00 69.21 ? 54  GLU A CD  1 
ATOM   8   O  OE1 . GLU A 1 2   ? -2.001  14.515  -18.487 1.00 70.89 ? 54  GLU A OE1 1 
ATOM   9   O  OE2 . GLU A 1 2   ? -1.905  13.946  -20.630 1.00 71.31 ? 54  GLU A OE2 1 
ATOM   10  N  N   . MET A 1 3   ? -6.084  13.673  -16.941 1.00 56.62 ? 55  MET A N   1 
ATOM   11  C  CA  . MET A 1 3   ? -6.298  12.528  -16.033 1.00 54.33 ? 55  MET A CA  1 
ATOM   12  C  C   . MET A 1 3   ? -5.760  11.164  -16.467 1.00 50.46 ? 55  MET A C   1 
ATOM   13  O  O   . MET A 1 3   ? -6.203  10.608  -17.467 1.00 50.45 ? 55  MET A O   1 
ATOM   14  C  CB  . MET A 1 3   ? -7.773  12.441  -15.609 1.00 55.61 ? 55  MET A CB  1 
ATOM   15  C  CG  . MET A 1 3   ? -8.012  12.931  -14.160 1.00 60.11 ? 55  MET A CG  1 
ATOM   16  S  SD  . MET A 1 3   ? -7.158  14.471  -13.646 1.00 70.55 ? 55  MET A SD  1 
ATOM   17  C  CE  . MET A 1 3   ? -6.399  13.932  -12.080 1.00 65.85 ? 55  MET A CE  1 
ATOM   18  N  N   . LYS A 1 4   ? -4.807  10.659  -15.674 1.00 45.97 ? 56  LYS A N   1 
ATOM   19  C  CA  . LYS A 1 4   ? -4.173  9.345   -15.854 1.00 41.14 ? 56  LYS A CA  1 
ATOM   20  C  C   . LYS A 1 4   ? -4.609  8.357   -14.782 1.00 37.10 ? 56  LYS A C   1 
ATOM   21  O  O   . LYS A 1 4   ? -4.793  8.719   -13.641 1.00 36.27 ? 56  LYS A O   1 
ATOM   22  C  CB  . LYS A 1 4   ? -2.669  9.479   -15.760 1.00 42.03 ? 56  LYS A CB  1 
ATOM   23  C  CG  . LYS A 1 4   ? -2.061  10.538  -16.706 1.00 43.72 ? 56  LYS A CG  1 
ATOM   24  C  CD  . LYS A 1 4   ? -0.798  10.015  -17.396 1.00 50.03 ? 56  LYS A CD  1 
ATOM   25  C  CE  . LYS A 1 4   ? -1.128  9.231   -18.706 1.00 52.36 ? 56  LYS A CE  1 
ATOM   26  N  NZ  . LYS A 1 4   ? -1.529  10.100  -19.875 1.00 53.83 ? 56  LYS A NZ  1 
ATOM   27  N  N   . PRO A 1 5   ? -4.719  7.079   -15.130 1.00 32.08 ? 57  PRO A N   1 
ATOM   28  C  CA  . PRO A 1 5   ? -5.012  6.144   -14.036 1.00 29.80 ? 57  PRO A CA  1 
ATOM   29  C  C   . PRO A 1 5   ? -3.844  6.072   -13.022 1.00 27.94 ? 57  PRO A C   1 
ATOM   30  O  O   . PRO A 1 5   ? -2.689  6.394   -13.354 1.00 28.81 ? 57  PRO A O   1 
ATOM   31  C  CB  . PRO A 1 5   ? -5.234  4.799   -14.769 1.00 28.63 ? 57  PRO A CB  1 
ATOM   32  C  CG  . PRO A 1 5   ? -4.557  4.969   -16.096 1.00 30.04 ? 57  PRO A CG  1 
ATOM   33  C  CD  . PRO A 1 5   ? -4.578  6.430   -16.441 1.00 32.82 ? 57  PRO A CD  1 
ATOM   34  N  N   . HIS A 1 6   ? -4.110  5.701   -11.779 1.00 26.35 ? 58  HIS A N   1 
ATOM   35  C  CA  . HIS A 1 6   ? -3.005  5.568   -10.810 1.00 25.21 ? 58  HIS A CA  1 
ATOM   36  C  C   . HIS A 1 6   ? -2.109  4.358   -11.053 1.00 26.95 ? 58  HIS A C   1 
ATOM   37  O  O   . HIS A 1 6   ? -2.610  3.238   -11.259 1.00 28.16 ? 58  HIS A O   1 
ATOM   38  C  CB  . HIS A 1 6   ? -3.568  5.459   -9.406  1.00 23.24 ? 58  HIS A CB  1 
ATOM   39  C  CG  . HIS A 1 6   ? -4.195  6.709   -8.949  1.00 22.27 ? 58  HIS A CG  1 
ATOM   40  N  ND1 . HIS A 1 6   ? -3.470  7.879   -8.845  1.00 25.33 ? 58  HIS A ND1 1 
ATOM   41  C  CD2 . HIS A 1 6   ? -5.467  7.016   -8.600  1.00 18.50 ? 58  HIS A CD2 1 
ATOM   42  C  CE1 . HIS A 1 6   ? -4.255  8.842   -8.401  1.00 24.71 ? 58  HIS A CE1 1 
ATOM   43  N  NE2 . HIS A 1 6   ? -5.471  8.351   -8.266  1.00 28.69 ? 58  HIS A NE2 1 
ATOM   44  N  N   . PRO A 1 7   ? -0.797  4.549   -10.916 1.00 25.62 ? 59  PRO A N   1 
ATOM   45  C  CA  . PRO A 1 7   ? 0.101   3.467   -11.227 1.00 26.10 ? 59  PRO A CA  1 
ATOM   46  C  C   . PRO A 1 7   ? 0.187   2.401   -10.117 1.00 25.45 ? 59  PRO A C   1 
ATOM   47  O  O   . PRO A 1 7   ? 0.959   1.433   -10.253 1.00 26.22 ? 59  PRO A O   1 
ATOM   48  C  CB  . PRO A 1 7   ? 1.444   4.184   -11.359 1.00 26.33 ? 59  PRO A CB  1 
ATOM   49  C  CG  . PRO A 1 7   ? 1.310   5.312   -10.321 1.00 27.75 ? 59  PRO A CG  1 
ATOM   50  C  CD  . PRO A 1 7   ? -0.075  5.802   -10.584 1.00 25.79 ? 59  PRO A CD  1 
ATOM   51  N  N   . TRP A 1 8   ? -0.581  2.595   -9.043  1.00 24.16 ? 60  TRP A N   1 
ATOM   52  C  CA  . TRP A 1 8   ? -0.457  1.759   -7.843  1.00 22.49 ? 60  TRP A CA  1 
ATOM   53  C  C   . TRP A 1 8   ? -1.629  0.816   -7.638  1.00 22.40 ? 60  TRP A C   1 
ATOM   54  O  O   . TRP A 1 8   ? -1.629  0.068   -6.690  1.00 21.64 ? 60  TRP A O   1 
ATOM   55  C  CB  . TRP A 1 8   ? -0.268  2.651   -6.599  1.00 22.92 ? 60  TRP A CB  1 
ATOM   56  C  CG  . TRP A 1 8   ? -1.157  3.886   -6.451  1.00 21.28 ? 60  TRP A CG  1 
ATOM   57  C  CD1 . TRP A 1 8   ? -0.817  5.159   -6.777  1.00 21.44 ? 60  TRP A CD1 1 
ATOM   58  C  CD2 . TRP A 1 8   ? -2.474  3.953   -5.937  1.00 23.04 ? 60  TRP A CD2 1 
ATOM   59  N  NE1 . TRP A 1 8   ? -1.859  6.006   -6.531  1.00 23.12 ? 60  TRP A NE1 1 
ATOM   60  C  CE2 . TRP A 1 8   ? -2.872  5.307   -5.961  1.00 18.97 ? 60  TRP A CE2 1 
ATOM   61  C  CE3 . TRP A 1 8   ? -3.364  3.008   -5.433  1.00 19.26 ? 60  TRP A CE3 1 
ATOM   62  C  CZ2 . TRP A 1 8   ? -4.139  5.730   -5.533  1.00 19.47 ? 60  TRP A CZ2 1 
ATOM   63  C  CZ3 . TRP A 1 8   ? -4.611  3.431   -4.987  1.00 22.41 ? 60  TRP A CZ3 1 
ATOM   64  C  CH2 . TRP A 1 8   ? -4.992  4.775   -5.030  1.00 20.46 ? 60  TRP A CH2 1 
ATOM   65  N  N   . PHE A 1 9   ? -2.646  0.860   -8.503  1.00 21.27 ? 61  PHE A N   1 
ATOM   66  C  CA  . PHE A 1 9   ? -3.776  -0.025  -8.242  1.00 20.57 ? 61  PHE A CA  1 
ATOM   67  C  C   . PHE A 1 9   ? -3.718  -1.295  -9.047  1.00 22.16 ? 61  PHE A C   1 
ATOM   68  O  O   . PHE A 1 9   ? -3.807  -1.250  -10.241 1.00 23.80 ? 61  PHE A O   1 
ATOM   69  C  CB  . PHE A 1 9   ? -5.123  0.669   -8.491  1.00 21.23 ? 61  PHE A CB  1 
ATOM   70  C  CG  . PHE A 1 9   ? -6.275  -0.178  -8.044  1.00 23.07 ? 61  PHE A CG  1 
ATOM   71  C  CD1 . PHE A 1 9   ? -6.662  -0.175  -6.682  1.00 24.46 ? 61  PHE A CD1 1 
ATOM   72  C  CD2 . PHE A 1 9   ? -6.887  -1.062  -8.936  1.00 22.65 ? 61  PHE A CD2 1 
ATOM   73  C  CE1 . PHE A 1 9   ? -7.668  -0.955  -6.222  1.00 27.97 ? 61  PHE A CE1 1 
ATOM   74  C  CE2 . PHE A 1 9   ? -7.927  -1.890  -8.465  1.00 24.23 ? 61  PHE A CE2 1 
ATOM   75  C  CZ  . PHE A 1 9   ? -8.316  -1.830  -7.125  1.00 25.82 ? 61  PHE A CZ  1 
ATOM   76  N  N   . PHE A 1 10  ? -3.521  -2.405  -8.344  1.00 20.38 ? 62  PHE A N   1 
ATOM   77  C  CA  . PHE A 1 10  ? -3.231  -3.694  -9.022  1.00 21.23 ? 62  PHE A CA  1 
ATOM   78  C  C   . PHE A 1 10  ? -4.366  -4.678  -8.919  1.00 20.68 ? 62  PHE A C   1 
ATOM   79  O  O   . PHE A 1 10  ? -4.182  -5.832  -9.386  1.00 21.42 ? 62  PHE A O   1 
ATOM   80  C  CB  . PHE A 1 10  ? -1.935  -4.308  -8.525  1.00 20.88 ? 62  PHE A CB  1 
ATOM   81  C  CG  . PHE A 1 10  ? -0.676  -3.738  -9.193  1.00 22.17 ? 62  PHE A CG  1 
ATOM   82  C  CD1 . PHE A 1 10  ? -0.201  -2.496  -8.866  1.00 21.83 ? 62  PHE A CD1 1 
ATOM   83  C  CD2 . PHE A 1 10  ? 0.046   -4.498  -10.070 1.00 26.47 ? 62  PHE A CD2 1 
ATOM   84  C  CE1 . PHE A 1 10  ? 0.937   -1.986  -9.443  1.00 23.29 ? 62  PHE A CE1 1 
ATOM   85  C  CE2 . PHE A 1 10  ? 1.187   -4.023  -10.659 1.00 30.72 ? 62  PHE A CE2 1 
ATOM   86  C  CZ  . PHE A 1 10  ? 1.647   -2.722  -10.329 1.00 28.60 ? 62  PHE A CZ  1 
ATOM   87  N  N   . GLY A 1 11  ? -5.510  -4.283  -8.369  1.00 19.85 ? 63  GLY A N   1 
ATOM   88  C  CA  . GLY A 1 11  ? -6.667  -5.191  -8.267  1.00 20.98 ? 63  GLY A CA  1 
ATOM   89  C  C   . GLY A 1 11  ? -6.361  -6.448  -7.474  1.00 22.39 ? 63  GLY A C   1 
ATOM   90  O  O   . GLY A 1 11  ? -5.623  -6.447  -6.473  1.00 20.90 ? 63  GLY A O   1 
ATOM   91  N  N   . LYS A 1 12  ? -6.911  -7.564  -7.931  1.00 24.79 ? 64  LYS A N   1 
ATOM   92  C  CA  . LYS A 1 12  ? -6.766  -8.787  -7.202  1.00 26.48 ? 64  LYS A CA  1 
ATOM   93  C  C   . LYS A 1 12  ? -5.439  -9.519  -7.504  1.00 29.56 ? 64  LYS A C   1 
ATOM   94  O  O   . LYS A 1 12  ? -5.446  -10.642 -7.961  1.00 31.76 ? 64  LYS A O   1 
ATOM   95  C  CB  . LYS A 1 12  ? -7.989  -9.715  -7.477  1.00 26.09 ? 64  LYS A CB  1 
ATOM   96  C  CG  . LYS A 1 12  ? -8.137  -10.790 -6.343  1.00 28.96 ? 64  LYS A CG  1 
ATOM   97  C  CD  . LYS A 1 12  ? -9.400  -11.700 -6.494  1.00 34.43 ? 64  LYS A CD  1 
ATOM   98  C  CE  . LYS A 1 12  ? -9.354  -12.825 -5.448  1.00 39.63 ? 64  LYS A CE  1 
ATOM   99  N  NZ  . LYS A 1 12  ? -10.630 -13.198 -4.685  1.00 46.66 ? 64  LYS A NZ  1 
ATOM   100 N  N   . ILE A 1 13  ? -4.281  -8.929  -7.279  1.00 29.74 ? 65  ILE A N   1 
ATOM   101 C  CA  . ILE A 1 13  ? -3.107  -9.818  -7.357  1.00 30.36 ? 65  ILE A CA  1 
ATOM   102 C  C   . ILE A 1 13  ? -2.858  -10.567 -6.034  1.00 29.04 ? 65  ILE A C   1 
ATOM   103 O  O   . ILE A 1 13  ? -3.154  -10.005 -4.962  1.00 29.82 ? 65  ILE A O   1 
ATOM   104 C  CB  . ILE A 1 13  ? -1.863  -9.134  -7.922  1.00 30.85 ? 65  ILE A CB  1 
ATOM   105 C  CG1 . ILE A 1 13  ? -1.332  -7.999  -7.017  1.00 33.79 ? 65  ILE A CG1 1 
ATOM   106 C  CG2 . ILE A 1 13  ? -2.094  -8.690  -9.411  1.00 34.99 ? 65  ILE A CG2 1 
ATOM   107 C  CD1 . ILE A 1 13  ? 0.128   -7.770  -7.371  1.00 37.83 ? 65  ILE A CD1 1 
ATOM   108 N  N   . PRO A 1 14  ? -2.338  -11.817 -6.078  1.00 26.54 ? 66  PRO A N   1 
ATOM   109 C  CA  . PRO A 1 14  ? -2.050  -12.488 -4.812  1.00 24.64 ? 66  PRO A CA  1 
ATOM   110 C  C   . PRO A 1 14  ? -1.036  -11.777 -3.990  1.00 24.05 ? 66  PRO A C   1 
ATOM   111 O  O   . PRO A 1 14  ? -0.188  -11.081 -4.570  1.00 24.23 ? 66  PRO A O   1 
ATOM   112 C  CB  . PRO A 1 14  ? -1.510  -13.840 -5.246  1.00 26.47 ? 66  PRO A CB  1 
ATOM   113 C  CG  . PRO A 1 14  ? -2.171  -14.065 -6.591  1.00 26.14 ? 66  PRO A CG  1 
ATOM   114 C  CD  . PRO A 1 14  ? -2.316  -12.763 -7.228  1.00 26.63 ? 66  PRO A CD  1 
ATOM   115 N  N   . ARG A 1 15  ? -1.154  -11.904 -2.646  1.00 22.40 ? 67  ARG A N   1 
ATOM   116 C  CA  . ARG A 1 15  ? -0.101  -11.438 -1.730  1.00 21.72 ? 67  ARG A CA  1 
ATOM   117 C  C   . ARG A 1 15  ? 1.320   -11.809 -2.216  1.00 21.29 ? 67  ARG A C   1 
ATOM   118 O  O   . ARG A 1 15  ? 2.259   -10.974 -2.224  1.00 18.89 ? 67  ARG A O   1 
ATOM   119 C  CB  . ARG A 1 15  ? -0.352  -12.029 -0.373  1.00 21.35 ? 67  ARG A CB  1 
ATOM   120 C  CG  . ARG A 1 15  ? 0.613   -11.565 0.725   1.00 21.52 ? 67  ARG A CG  1 
ATOM   121 C  CD  . ARG A 1 15  ? 0.320   -12.336 1.953   1.00 25.07 ? 67  ARG A CD  1 
ATOM   122 N  NE  . ARG A 1 15  ? 1.365   -12.184 2.956   1.00 25.09 ? 67  ARG A NE  1 
ATOM   123 C  CZ  . ARG A 1 15  ? 1.255   -11.390 4.028   1.00 23.87 ? 67  ARG A CZ  1 
ATOM   124 N  NH1 . ARG A 1 15  ? 0.164   -10.721 4.246   1.00 24.75 ? 67  ARG A NH1 1 
ATOM   125 N  NH2 . ARG A 1 15  ? 2.245   -11.342 4.915   1.00 22.86 ? 67  ARG A NH2 1 
ATOM   126 N  N   . ALA A 1 16  ? 1.508   -13.070 -2.665  1.00 20.21 ? 68  ALA A N   1 
ATOM   127 C  CA  . ALA A 1 16  ? 2.817   -13.512 -3.035  1.00 20.88 ? 68  ALA A CA  1 
ATOM   128 C  C   . ALA A 1 16  ? 3.281   -12.797 -4.322  1.00 21.63 ? 68  ALA A C   1 
ATOM   129 O  O   . ALA A 1 16  ? 4.447   -12.490 -4.487  1.00 23.68 ? 68  ALA A O   1 
ATOM   130 C  CB  . ALA A 1 16  ? 2.818   -15.059 -3.237  1.00 20.12 ? 68  ALA A CB  1 
ATOM   131 N  N   . LYS A 1 17  ? 2.368   -12.567 -5.241  1.00 20.55 ? 69  LYS A N   1 
ATOM   132 C  CA  . LYS A 1 17  ? 2.693   -11.926 -6.476  1.00 22.06 ? 69  LYS A CA  1 
ATOM   133 C  C   . LYS A 1 17  ? 3.091   -10.455 -6.244  1.00 21.64 ? 69  LYS A C   1 
ATOM   134 O  O   . LYS A 1 17  ? 3.962   -9.969  -6.848  1.00 21.79 ? 69  LYS A O   1 
ATOM   135 C  CB  . LYS A 1 17  ? 1.570   -12.032 -7.482  1.00 24.39 ? 69  LYS A CB  1 
ATOM   136 C  CG  . LYS A 1 17  ? 1.393   -13.396 -8.020  1.00 29.40 ? 69  LYS A CG  1 
ATOM   137 C  CD  . LYS A 1 17  ? 2.547   -13.782 -8.869  1.00 35.46 ? 69  LYS A CD  1 
ATOM   138 C  CE  . LYS A 1 17  ? 2.660   -12.895 -10.009 1.00 44.26 ? 69  LYS A CE  1 
ATOM   139 N  NZ  . LYS A 1 17  ? 2.691   -11.467 -9.647  1.00 50.07 ? 69  LYS A NZ  1 
ATOM   140 N  N   . ALA A 1 18  ? 2.407   -9.789  -5.337  1.00 21.67 ? 70  ALA A N   1 
ATOM   141 C  CA  . ALA A 1 18  ? 2.841   -8.424  -4.886  1.00 22.96 ? 70  ALA A CA  1 
ATOM   142 C  C   . ALA A 1 18  ? 4.247   -8.454  -4.389  1.00 23.06 ? 70  ALA A C   1 
ATOM   143 O  O   . ALA A 1 18  ? 5.046   -7.603  -4.779  1.00 25.12 ? 70  ALA A O   1 
ATOM   144 C  CB  . ALA A 1 18  ? 1.904   -7.912  -3.821  1.00 23.25 ? 70  ALA A CB  1 
ATOM   145 N  N   . GLU A 1 19  ? 4.590   -9.450  -3.556  1.00 22.48 ? 71  GLU A N   1 
ATOM   146 C  CA  . GLU A 1 19  ? 5.976   -9.609  -3.066  1.00 21.45 ? 71  GLU A CA  1 
ATOM   147 C  C   . GLU A 1 19  ? 6.942   -9.831  -4.209  1.00 22.87 ? 71  GLU A C   1 
ATOM   148 O  O   . GLU A 1 19  ? 8.019   -9.205  -4.263  1.00 21.32 ? 71  GLU A O   1 
ATOM   149 C  CB  . GLU A 1 19  ? 6.109   -10.653 -1.971  1.00 22.00 ? 71  GLU A CB  1 
ATOM   150 C  CG  . GLU A 1 19  ? 5.301   -10.406 -0.702  1.00 25.47 ? 71  GLU A CG  1 
ATOM   151 C  CD  . GLU A 1 19  ? 5.655   -11.355 0.417   1.00 31.00 ? 71  GLU A CD  1 
ATOM   152 O  OE1 . GLU A 1 19  ? 6.528   -12.208 0.229   1.00 39.27 ? 71  GLU A OE1 1 
ATOM   153 O  OE2 . GLU A 1 19  ? 5.057   -11.317 1.482   1.00 29.43 ? 71  GLU A OE2 1 
ATOM   154 N  N   . GLU A 1 20  ? 6.575   -10.712 -5.135  1.00 22.19 ? 72  GLU A N   1 
ATOM   155 C  CA  . GLU A 1 20  ? 7.397   -10.950 -6.319  1.00 23.84 ? 72  GLU A CA  1 
ATOM   156 C  C   . GLU A 1 20  ? 7.680   -9.690  -7.133  1.00 22.14 ? 72  GLU A C   1 
ATOM   157 O  O   . GLU A 1 20  ? 8.819   -9.499  -7.552  1.00 22.64 ? 72  GLU A O   1 
ATOM   158 C  CB  . GLU A 1 20  ? 6.804   -12.047 -7.235  1.00 23.87 ? 72  GLU A CB  1 
ATOM   159 C  CG  . GLU A 1 20  ? 7.503   -12.091 -8.605  1.00 26.62 ? 72  GLU A CG  1 
ATOM   160 C  CD  . GLU A 1 20  ? 6.865   -13.076 -9.607  1.00 29.30 ? 72  GLU A CD  1 
ATOM   161 O  OE1 . GLU A 1 20  ? 5.884   -13.754 -9.226  1.00 32.25 ? 72  GLU A OE1 1 
ATOM   162 O  OE2 . GLU A 1 20  ? 7.334   -13.137 -10.781 1.00 31.75 ? 72  GLU A OE2 1 
ATOM   163 N  N   . MET A 1 21  ? 6.691   -8.811  -7.297  1.00 21.49 ? 73  MET A N   1 
ATOM   164 C  CA  . MET A 1 21  ? 6.854   -7.699  -8.185  1.00 22.51 ? 73  MET A CA  1 
ATOM   165 C  C   . MET A 1 21  ? 7.641   -6.658  -7.378  1.00 22.70 ? 73  MET A C   1 
ATOM   166 O  O   . MET A 1 21  ? 8.596   -6.076  -7.889  1.00 22.95 ? 73  MET A O   1 
ATOM   167 C  CB  . MET A 1 21  ? 5.496   -7.176  -8.628  1.00 23.72 ? 73  MET A CB  1 
ATOM   168 C  CG  . MET A 1 21  ? 5.615   -6.020  -9.634  1.00 29.35 ? 73  MET A CG  1 
ATOM   169 S  SD  . MET A 1 21  ? 5.551   -4.418  -8.728  1.00 38.88 ? 73  MET A SD  1 
ATOM   170 C  CE  . MET A 1 21  ? 3.760   -4.340  -8.653  1.00 43.70 ? 73  MET A CE  1 
ATOM   171 N  N   . LEU A 1 22  ? 7.244   -6.433  -6.127  1.00 22.80 ? 74  LEU A N   1 
ATOM   172 C  CA  . LEU A 1 22  ? 7.975   -5.422  -5.332  1.00 22.88 ? 74  LEU A CA  1 
ATOM   173 C  C   . LEU A 1 22  ? 9.429   -5.720  -5.066  1.00 24.91 ? 74  LEU A C   1 
ATOM   174 O  O   . LEU A 1 22  ? 10.232  -4.785  -4.921  1.00 26.23 ? 74  LEU A O   1 
ATOM   175 C  CB  . LEU A 1 22  ? 7.195   -5.016  -4.084  1.00 22.53 ? 74  LEU A CB  1 
ATOM   176 C  CG  . LEU A 1 22  ? 5.871   -4.322  -4.402  1.00 21.06 ? 74  LEU A CG  1 
ATOM   177 C  CD1 . LEU A 1 22  ? 4.986   -4.293  -3.118  1.00 25.92 ? 74  LEU A CD1 1 
ATOM   178 C  CD2 . LEU A 1 22  ? 5.952   -2.902  -5.075  1.00 23.91 ? 74  LEU A CD2 1 
ATOM   179 N  N   A SER A 1 23  ? 9.784   -7.003  -5.006  0.50 24.62 ? 75  SER A N   1 
ATOM   180 N  N   B SER A 1 23  ? 9.799   -7.010  -5.023  0.50 24.90 ? 75  SER A N   1 
ATOM   181 C  CA  A SER A 1 23  ? 11.162  -7.337  -4.737  0.50 26.21 ? 75  SER A CA  1 
ATOM   182 C  CA  B SER A 1 23  ? 11.193  -7.398  -4.763  0.50 26.77 ? 75  SER A CA  1 
ATOM   183 C  C   A SER A 1 23  ? 12.095  -6.803  -5.803  0.50 25.97 ? 75  SER A C   1 
ATOM   184 C  C   B SER A 1 23  ? 12.145  -6.994  -5.887  0.50 26.25 ? 75  SER A C   1 
ATOM   185 O  O   A SER A 1 23  ? 13.251  -6.584  -5.495  0.50 27.59 ? 75  SER A O   1 
ATOM   186 O  O   B SER A 1 23  ? 13.358  -7.093  -5.733  0.50 27.16 ? 75  SER A O   1 
ATOM   187 C  CB  A SER A 1 23  ? 11.364  -8.833  -4.588  0.50 25.10 ? 75  SER A CB  1 
ATOM   188 C  CB  B SER A 1 23  ? 11.334  -8.904  -4.526  0.50 25.96 ? 75  SER A CB  1 
ATOM   189 O  OG  A SER A 1 23  ? 10.670  -9.275  -3.444  0.50 26.77 ? 75  SER A OG  1 
ATOM   190 O  OG  B SER A 1 23  ? 11.290  -9.641  -5.745  0.50 29.90 ? 75  SER A OG  1 
ATOM   191 N  N   . LYS A 1 24  ? 11.594  -6.614  -7.027  1.00 26.04 ? 76  LYS A N   1 
ATOM   192 C  CA  . LYS A 1 24  ? 12.398  -6.141  -8.156  1.00 26.53 ? 76  LYS A CA  1 
ATOM   193 C  C   . LYS A 1 24  ? 12.494  -4.619  -8.212  1.00 26.10 ? 76  LYS A C   1 
ATOM   194 O  O   . LYS A 1 24  ? 13.245  -4.065  -9.014  1.00 27.71 ? 76  LYS A O   1 
ATOM   195 C  CB  . LYS A 1 24  ? 11.842  -6.608  -9.475  1.00 26.37 ? 76  LYS A CB  1 
ATOM   196 C  CG  . LYS A 1 24  ? 11.739  -8.171  -9.548  1.00 25.53 ? 76  LYS A CG  1 
ATOM   197 C  CD  . LYS A 1 24  ? 11.296  -8.610  -10.890 1.00 28.92 ? 76  LYS A CD  1 
ATOM   198 C  CE  . LYS A 1 24  ? 9.851   -8.609  -10.969 1.00 32.57 ? 76  LYS A CE  1 
ATOM   199 N  NZ  . LYS A 1 24  ? 9.496   -9.315  -12.203 1.00 36.66 ? 76  LYS A NZ  1 
ATOM   200 N  N   . GLN A 1 25  ? 11.720  -3.966  -7.375  1.00 26.16 ? 77  GLN A N   1 
ATOM   201 C  CA  . GLN A 1 25  ? 11.828  -2.486  -7.299  1.00 22.35 ? 77  GLN A CA  1 
ATOM   202 C  C   . GLN A 1 25  ? 13.084  -2.128  -6.533  1.00 24.33 ? 77  GLN A C   1 
ATOM   203 O  O   . GLN A 1 25  ? 13.454  -2.796  -5.587  1.00 23.70 ? 77  GLN A O   1 
ATOM   204 C  CB  . GLN A 1 25  ? 10.591  -1.950  -6.576  1.00 22.39 ? 77  GLN A CB  1 
ATOM   205 C  CG  . GLN A 1 25  ? 9.363   -2.009  -7.347  1.00 21.49 ? 77  GLN A CG  1 
ATOM   206 C  CD  . GLN A 1 25  ? 9.388   -1.134  -8.546  1.00 27.92 ? 77  GLN A CD  1 
ATOM   207 O  OE1 . GLN A 1 25  ? 9.531   0.049   -8.448  1.00 28.18 ? 77  GLN A OE1 1 
ATOM   208 N  NE2 . GLN A 1 25  ? 9.240   -1.717  -9.685  1.00 29.20 ? 77  GLN A NE2 1 
ATOM   209 N  N   . ARG A 1 26  ? 13.739  -1.000  -6.867  1.00 24.80 ? 78  ARG A N   1 
ATOM   210 C  CA  . ARG A 1 26  ? 15.006  -0.641  -6.241  1.00 24.54 ? 78  ARG A CA  1 
ATOM   211 C  C   . ARG A 1 26  ? 14.849  0.245   -5.016  1.00 25.20 ? 78  ARG A C   1 
ATOM   212 O  O   . ARG A 1 26  ? 15.760  0.292   -4.145  1.00 25.96 ? 78  ARG A O   1 
ATOM   213 C  CB  . ARG A 1 26  ? 15.893  0.158   -7.225  1.00 25.23 ? 78  ARG A CB  1 
ATOM   214 C  CG  . ARG A 1 26  ? 16.541  -0.675  -8.345  1.00 25.56 ? 78  ARG A CG  1 
ATOM   215 C  CD  . ARG A 1 26  ? 17.222  0.260   -9.311  1.00 24.28 ? 78  ARG A CD  1 
ATOM   216 N  NE  . ARG A 1 26  ? 18.257  -0.420  -10.027 1.00 23.51 ? 78  ARG A NE  1 
ATOM   217 C  CZ  . ARG A 1 26  ? 19.020  0.155   -10.957 1.00 27.34 ? 78  ARG A CZ  1 
ATOM   218 N  NH1 . ARG A 1 26  ? 18.840  1.440   -11.248 1.00 22.74 ? 78  ARG A NH1 1 
ATOM   219 N  NH2 . ARG A 1 26  ? 19.939  -0.570  -11.610 1.00 25.02 ? 78  ARG A NH2 1 
ATOM   220 N  N   . HIS A 1 27  ? 13.752  0.985   -4.951  1.00 24.02 ? 79  HIS A N   1 
ATOM   221 C  CA  . HIS A 1 27  ? 13.646  2.088   -3.982  1.00 24.34 ? 79  HIS A CA  1 
ATOM   222 C  C   . HIS A 1 27  ? 12.667  1.786   -2.872  1.00 23.51 ? 79  HIS A C   1 
ATOM   223 O  O   . HIS A 1 27  ? 11.499  1.530   -3.152  1.00 24.05 ? 79  HIS A O   1 
ATOM   224 C  CB  . HIS A 1 27  ? 13.230  3.342   -4.744  1.00 25.26 ? 79  HIS A CB  1 
ATOM   225 C  CG  . HIS A 1 27  ? 14.226  3.704   -5.794  1.00 26.48 ? 79  HIS A CG  1 
ATOM   226 N  ND1 . HIS A 1 27  ? 15.507  4.061   -5.463  1.00 25.34 ? 79  HIS A ND1 1 
ATOM   227 C  CD2 . HIS A 1 27  ? 14.182  3.622   -7.153  1.00 27.57 ? 79  HIS A CD2 1 
ATOM   228 C  CE1 . HIS A 1 27  ? 16.212  4.231   -6.574  1.00 32.10 ? 79  HIS A CE1 1 
ATOM   229 N  NE2 . HIS A 1 27  ? 15.425  3.977   -7.615  1.00 27.91 ? 79  HIS A NE2 1 
ATOM   230 N  N   . ASP A 1 28  ? 13.114  1.899   -1.619  1.00 24.21 ? 80  ASP A N   1 
ATOM   231 C  CA  . ASP A 1 28  ? 12.202  1.685   -0.469  1.00 23.26 ? 80  ASP A CA  1 
ATOM   232 C  C   . ASP A 1 28  ? 11.001  2.587   -0.533  1.00 22.70 ? 80  ASP A C   1 
ATOM   233 O  O   . ASP A 1 28  ? 11.111  3.781   -0.893  1.00 23.04 ? 80  ASP A O   1 
ATOM   234 C  CB  . ASP A 1 28  ? 12.921  1.877   0.888   1.00 24.66 ? 80  ASP A CB  1 
ATOM   235 C  CG  . ASP A 1 28  ? 14.040  0.843   1.142   1.00 26.35 ? 80  ASP A CG  1 
ATOM   236 O  OD1 . ASP A 1 28  ? 14.811  1.096   2.044   1.00 30.26 ? 80  ASP A OD1 1 
ATOM   237 O  OD2 . ASP A 1 28  ? 14.177  -0.183  0.425   1.00 28.93 ? 80  ASP A OD2 1 
ATOM   238 N  N   . GLY A 1 29  ? 9.846   2.059   -0.148  1.00 20.86 ? 81  GLY A N   1 
ATOM   239 C  CA  . GLY A 1 29  ? 8.579   2.788   -0.302  1.00 21.27 ? 81  GLY A CA  1 
ATOM   240 C  C   . GLY A 1 29  ? 7.781   2.464   -1.589  1.00 21.61 ? 81  GLY A C   1 
ATOM   241 O  O   . GLY A 1 29  ? 6.635   2.833   -1.725  1.00 20.45 ? 81  GLY A O   1 
ATOM   242 N  N   . ALA A 1 30  ? 8.431   1.853   -2.570  1.00 20.47 ? 82  ALA A N   1 
ATOM   243 C  CA  . ALA A 1 30  ? 7.722   1.454   -3.797  1.00 20.76 ? 82  ALA A CA  1 
ATOM   244 C  C   . ALA A 1 30  ? 6.578   0.521   -3.327  1.00 18.92 ? 82  ALA A C   1 
ATOM   245 O  O   . ALA A 1 30  ? 6.799   -0.372  -2.529  1.00 21.19 ? 82  ALA A O   1 
ATOM   246 C  CB  . ALA A 1 30  ? 8.696   0.721   -4.787  1.00 19.21 ? 82  ALA A CB  1 
ATOM   247 N  N   . PHE A 1 31  ? 5.378   0.687   -3.857  1.00 19.84 ? 83  PHE A N   1 
ATOM   248 C  CA  . PHE A 1 31  ? 4.172   0.093   -3.250  1.00 17.47 ? 83  PHE A CA  1 
ATOM   249 C  C   . PHE A 1 31  ? 3.052   -0.127  -4.268  1.00 18.12 ? 83  PHE A C   1 
ATOM   250 O  O   . PHE A 1 31  ? 3.063   0.422   -5.436  1.00 20.40 ? 83  PHE A O   1 
ATOM   251 C  CB  . PHE A 1 31  ? 3.586   1.058   -2.203  1.00 18.87 ? 83  PHE A CB  1 
ATOM   252 C  CG  . PHE A 1 31  ? 2.822   2.231   -2.811  1.00 20.31 ? 83  PHE A CG  1 
ATOM   253 C  CD1 . PHE A 1 31  ? 1.429   2.230   -2.882  1.00 20.72 ? 83  PHE A CD1 1 
ATOM   254 C  CD2 . PHE A 1 31  ? 3.492   3.350   -3.296  1.00 21.28 ? 83  PHE A CD2 1 
ATOM   255 C  CE1 . PHE A 1 31  ? 0.702   3.322   -3.433  1.00 19.88 ? 83  PHE A CE1 1 
ATOM   256 C  CE2 . PHE A 1 31  ? 2.785   4.404   -3.853  1.00 20.82 ? 83  PHE A CE2 1 
ATOM   257 C  CZ  . PHE A 1 31  ? 1.422   4.426   -3.919  1.00 18.71 ? 83  PHE A CZ  1 
ATOM   258 N  N   . LEU A 1 32  ? 2.083   -0.895  -3.808  1.00 17.85 ? 84  LEU A N   1 
ATOM   259 C  CA  . LEU A 1 32  ? 0.850   -1.111  -4.563  1.00 18.34 ? 84  LEU A CA  1 
ATOM   260 C  C   . LEU A 1 32  ? -0.300  -1.336  -3.588  1.00 17.38 ? 84  LEU A C   1 
ATOM   261 O  O   . LEU A 1 32  ? -0.045  -1.700  -2.406  1.00 19.26 ? 84  LEU A O   1 
ATOM   262 C  CB  . LEU A 1 32  ? 1.037   -2.277  -5.531  1.00 18.95 ? 84  LEU A CB  1 
ATOM   263 C  CG  . LEU A 1 32  ? 1.337   -3.647  -4.917  1.00 17.53 ? 84  LEU A CG  1 
ATOM   264 C  CD1 . LEU A 1 32  ? -0.025  -4.364  -4.623  1.00 22.99 ? 84  LEU A CD1 1 
ATOM   265 C  CD2 . LEU A 1 32  ? 2.068   -4.460  -5.961  1.00 23.56 ? 84  LEU A CD2 1 
ATOM   266 N  N   . ILE A 1 33  ? -1.530  -1.062  -4.034  1.00 17.26 ? 85  ILE A N   1 
ATOM   267 C  CA  . ILE A 1 33  ? -2.736  -1.397  -3.335  1.00 17.34 ? 85  ILE A CA  1 
ATOM   268 C  C   . ILE A 1 33  ? -3.301  -2.572  -4.099  1.00 17.24 ? 85  ILE A C   1 
ATOM   269 O  O   . ILE A 1 33  ? -3.363  -2.558  -5.336  1.00 21.04 ? 85  ILE A O   1 
ATOM   270 C  CB  . ILE A 1 33  ? -3.741  -0.251  -3.369  1.00 18.66 ? 85  ILE A CB  1 
ATOM   271 C  CG1 . ILE A 1 33  ? -3.170  0.879   -2.459  1.00 18.93 ? 85  ILE A CG1 1 
ATOM   272 C  CG2 . ILE A 1 33  ? -5.114  -0.747  -2.873  1.00 18.71 ? 85  ILE A CG2 1 
ATOM   273 C  CD1 . ILE A 1 33  ? -3.368  0.558   -0.961  1.00 21.09 ? 85  ILE A CD1 1 
ATOM   274 N  N   . ARG A 1 34  ? -3.666  -3.598  -3.362  1.00 18.33 ? 86  ARG A N   1 
ATOM   275 C  CA  . ARG A 1 34  ? -4.351  -4.788  -3.949  1.00 18.73 ? 86  ARG A CA  1 
ATOM   276 C  C   . ARG A 1 34  ? -5.600  -5.146  -3.178  1.00 19.73 ? 86  ARG A C   1 
ATOM   277 O  O   . ARG A 1 34  ? -5.831  -4.694  -2.042  1.00 19.84 ? 86  ARG A O   1 
ATOM   278 C  CB  . ARG A 1 34  ? -3.395  -6.003  -3.932  1.00 16.89 ? 86  ARG A CB  1 
ATOM   279 C  CG  . ARG A 1 34  ? -2.823  -6.359  -2.538  1.00 17.34 ? 86  ARG A CG  1 
ATOM   280 C  CD  . ARG A 1 34  ? -1.767  -7.453  -2.599  1.00 17.19 ? 86  ARG A CD  1 
ATOM   281 N  NE  . ARG A 1 34  ? -1.164  -7.619  -1.299  1.00 18.80 ? 86  ARG A NE  1 
ATOM   282 C  CZ  . ARG A 1 34  ? -1.681  -8.318  -0.294  1.00 18.63 ? 86  ARG A CZ  1 
ATOM   283 N  NH1 . ARG A 1 34  ? -2.766  -9.073  -0.503  1.00 21.81 ? 86  ARG A NH1 1 
ATOM   284 N  NH2 . ARG A 1 34  ? -1.064  -8.360  0.881   1.00 18.76 ? 86  ARG A NH2 1 
ATOM   285 N  N   . GLU A 1 35  ? -6.436  -5.968  -3.792  1.00 20.14 ? 87  GLU A N   1 
ATOM   286 C  CA  . GLU A 1 35  ? -7.691  -6.416  -3.163  1.00 20.59 ? 87  GLU A CA  1 
ATOM   287 C  C   . GLU A 1 35  ? -7.338  -7.759  -2.520  1.00 21.24 ? 87  GLU A C   1 
ATOM   288 O  O   . GLU A 1 35  ? -6.934  -8.664  -3.237  1.00 22.33 ? 87  GLU A O   1 
ATOM   289 C  CB  . GLU A 1 35  ? -8.770  -6.539  -4.240  1.00 20.95 ? 87  GLU A CB  1 
ATOM   290 C  CG  . GLU A 1 35  ? -8.915  -5.265  -5.084  1.00 21.56 ? 87  GLU A CG  1 
ATOM   291 C  CD  . GLU A 1 35  ? -10.197 -5.224  -5.888  1.00 21.57 ? 87  GLU A CD  1 
ATOM   292 O  OE1 . GLU A 1 35  ? -11.271 -4.993  -5.298  1.00 24.12 ? 87  GLU A OE1 1 
ATOM   293 O  OE2 . GLU A 1 35  ? -10.113 -5.396  -7.129  1.00 22.56 ? 87  GLU A OE2 1 
ATOM   294 N  N   . SER A 1 36  ? -7.496  -7.881  -1.212  1.00 19.49 ? 88  SER A N   1 
ATOM   295 C  CA  . SER A 1 36  ? -7.065  -9.045  -0.432  1.00 19.84 ? 88  SER A CA  1 
ATOM   296 C  C   . SER A 1 36  ? -7.845  -10.248 -0.938  1.00 20.85 ? 88  SER A C   1 
ATOM   297 O  O   . SER A 1 36  ? -9.051  -10.133 -1.218  1.00 21.00 ? 88  SER A O   1 
ATOM   298 C  CB  . SER A 1 36  ? -7.460  -8.895  1.025   1.00 18.43 ? 88  SER A CB  1 
ATOM   299 O  OG  . SER A 1 36  ? -7.024  -10.038 1.779   1.00 21.81 ? 88  SER A OG  1 
ATOM   300 N  N   . GLU A 1 37  ? -7.137  -11.350 -1.083  1.00 21.97 ? 89  GLU A N   1 
ATOM   301 C  CA  . GLU A 1 37  ? -7.802  -12.602 -1.359  1.00 24.41 ? 89  GLU A CA  1 
ATOM   302 C  C   . GLU A 1 37  ? -8.235  -13.284 -0.048  1.00 24.48 ? 89  GLU A C   1 
ATOM   303 O  O   . GLU A 1 37  ? -9.228  -14.028 -0.028  1.00 25.49 ? 89  GLU A O   1 
ATOM   304 C  CB  . GLU A 1 37  ? -6.834  -13.507 -2.086  1.00 23.71 ? 89  GLU A CB  1 
ATOM   305 C  CG  . GLU A 1 37  ? -6.345  -12.977 -3.403  1.00 26.64 ? 89  GLU A CG  1 
ATOM   306 C  CD  . GLU A 1 37  ? -5.661  -14.091 -4.224  1.00 30.56 ? 89  GLU A CD  1 
ATOM   307 O  OE1 . GLU A 1 37  ? -6.180  -14.441 -5.287  1.00 30.81 ? 89  GLU A OE1 1 
ATOM   308 O  OE2 . GLU A 1 37  ? -4.632  -14.638 -3.806  1.00 31.11 ? 89  GLU A OE2 1 
ATOM   309 N  N   . SER A 1 38  ? -7.499  -13.049 1.020   1.00 24.53 ? 90  SER A N   1 
ATOM   310 C  CA  . SER A 1 38  ? -7.814  -13.696 2.296   1.00 27.11 ? 90  SER A CA  1 
ATOM   311 C  C   . SER A 1 38  ? -8.976  -13.003 3.019   1.00 28.12 ? 90  SER A C   1 
ATOM   312 O  O   . SER A 1 38  ? -9.676  -13.629 3.822   1.00 29.00 ? 90  SER A O   1 
ATOM   313 C  CB  . SER A 1 38  ? -6.591  -13.824 3.181   1.00 27.31 ? 90  SER A CB  1 
ATOM   314 O  OG  . SER A 1 38  ? -6.245  -12.551 3.646   1.00 27.73 ? 90  SER A OG  1 
ATOM   315 N  N   . ALA A 1 39  ? -9.234  -11.753 2.667   1.00 28.26 ? 91  ALA A N   1 
ATOM   316 C  CA  . ALA A 1 39  ? -10.351 -10.992 3.262   1.00 27.59 ? 91  ALA A CA  1 
ATOM   317 C  C   . ALA A 1 39  ? -11.051 -10.281 2.130   1.00 28.12 ? 91  ALA A C   1 
ATOM   318 O  O   . ALA A 1 39  ? -10.889 -9.069  1.946   1.00 26.88 ? 91  ALA A O   1 
ATOM   319 C  CB  . ALA A 1 39  ? -9.792  -9.969  4.303   1.00 28.49 ? 91  ALA A CB  1 
ATOM   320 N  N   . PRO A 1 40  ? -11.838 -11.028 1.314   1.00 28.47 ? 92  PRO A N   1 
ATOM   321 C  CA  . PRO A 1 40  ? -12.512 -10.388 0.156   1.00 27.68 ? 92  PRO A CA  1 
ATOM   322 C  C   . PRO A 1 40  ? -13.338 -9.189  0.570   1.00 27.05 ? 92  PRO A C   1 
ATOM   323 O  O   . PRO A 1 40  ? -14.065 -9.258  1.567   1.00 28.15 ? 92  PRO A O   1 
ATOM   324 C  CB  . PRO A 1 40  ? -13.478 -11.472 -0.378  1.00 28.65 ? 92  PRO A CB  1 
ATOM   325 C  CG  . PRO A 1 40  ? -13.047 -12.776 0.280   1.00 29.91 ? 92  PRO A CG  1 
ATOM   326 C  CD  . PRO A 1 40  ? -12.142 -12.469 1.455   1.00 28.04 ? 92  PRO A CD  1 
ATOM   327 N  N   . GLY A 1 41  ? -13.186 -8.077  -0.144  1.00 24.28 ? 93  GLY A N   1 
ATOM   328 C  CA  . GLY A 1 41  ? -13.912 -6.866  0.152   1.00 24.64 ? 93  GLY A CA  1 
ATOM   329 C  C   . GLY A 1 41  ? -12.973 -5.858  0.823   1.00 24.80 ? 93  GLY A C   1 
ATOM   330 O  O   . GLY A 1 41  ? -13.335 -4.678  0.953   1.00 26.01 ? 93  GLY A O   1 
ATOM   331 N  N   . ASP A 1 42  ? -11.784 -6.325  1.256   1.00 23.89 ? 94  ASP A N   1 
ATOM   332 C  CA  . ASP A 1 42  ? -10.810 -5.440  1.947   1.00 22.71 ? 94  ASP A CA  1 
ATOM   333 C  C   . ASP A 1 42  ? -9.584  -5.236  1.077   1.00 20.75 ? 94  ASP A C   1 
ATOM   334 O  O   . ASP A 1 42  ? -9.196  -6.102  0.264   1.00 21.43 ? 94  ASP A O   1 
ATOM   335 C  CB  . ASP A 1 42  ? -10.345 -6.044  3.272   1.00 23.07 ? 94  ASP A CB  1 
ATOM   336 C  CG  . ASP A 1 42  ? -11.368 -5.856  4.434   1.00 29.01 ? 94  ASP A CG  1 
ATOM   337 O  OD1 . ASP A 1 42  ? -12.541 -5.466  4.236   1.00 33.63 ? 94  ASP A OD1 1 
ATOM   338 O  OD2 . ASP A 1 42  ? -10.921 -6.065  5.572   1.00 34.97 ? 94  ASP A OD2 1 
ATOM   339 N  N   . PHE A 1 43  ? -8.916  -4.105  1.259   1.00 19.73 ? 95  PHE A N   1 
ATOM   340 C  CA  . PHE A 1 43  ? -7.742  -3.856  0.510   1.00 18.43 ? 95  PHE A CA  1 
ATOM   341 C  C   . PHE A 1 43  ? -6.540  -4.071  1.428   1.00 19.48 ? 95  PHE A C   1 
ATOM   342 O  O   . PHE A 1 43  ? -6.605  -3.885  2.671   1.00 21.16 ? 95  PHE A O   1 
ATOM   343 C  CB  . PHE A 1 43  ? -7.729  -2.387  -0.041  1.00 18.20 ? 95  PHE A CB  1 
ATOM   344 C  CG  . PHE A 1 43  ? -8.875  -2.083  -0.941  1.00 19.22 ? 95  PHE A CG  1 
ATOM   345 C  CD1 . PHE A 1 43  ? -10.066 -1.546  -0.432  1.00 21.79 ? 95  PHE A CD1 1 
ATOM   346 C  CD2 . PHE A 1 43  ? -8.805  -2.364  -2.282  1.00 19.92 ? 95  PHE A CD2 1 
ATOM   347 C  CE1 . PHE A 1 43  ? -11.153 -1.333  -1.287  1.00 22.52 ? 95  PHE A CE1 1 
ATOM   348 C  CE2 . PHE A 1 43  ? -9.907  -2.181  -3.112  1.00 21.96 ? 95  PHE A CE2 1 
ATOM   349 C  CZ  . PHE A 1 43  ? -11.053 -1.660  -2.625  1.00 20.22 ? 95  PHE A CZ  1 
ATOM   350 N  N   . SER A 1 44  ? -5.425  -4.365  0.796   1.00 19.69 ? 96  SER A N   1 
ATOM   351 C  CA  . SER A 1 44  ? -4.151  -4.364  1.457   1.00 19.51 ? 96  SER A CA  1 
ATOM   352 C  C   . SER A 1 44  ? -3.127  -3.516  0.699   1.00 19.86 ? 96  SER A C   1 
ATOM   353 O  O   . SER A 1 44  ? -3.129  -3.418  -0.547  1.00 21.24 ? 96  SER A O   1 
ATOM   354 C  CB  . SER A 1 44  ? -3.631  -5.816  1.508   1.00 20.23 ? 96  SER A CB  1 
ATOM   355 O  OG  . SER A 1 44  ? -4.540  -6.669  2.195   1.00 22.16 ? 96  SER A OG  1 
ATOM   356 N  N   . LEU A 1 45  ? -2.174  -2.985  1.456   1.00 19.36 ? 97  LEU A N   1 
ATOM   357 C  CA  . LEU A 1 45  ? -1.107  -2.167  0.897   1.00 18.38 ? 97  LEU A CA  1 
ATOM   358 C  C   . LEU A 1 45  ? 0.199   -2.960  1.050   1.00 18.96 ? 97  LEU A C   1 
ATOM   359 O  O   . LEU A 1 45  ? 0.550   -3.462  2.165   1.00 21.10 ? 97  LEU A O   1 
ATOM   360 C  CB  . LEU A 1 45  ? -1.082  -0.832  1.710   1.00 17.73 ? 97  LEU A CB  1 
ATOM   361 C  CG  . LEU A 1 45  ? 0.149   -0.001  1.500   1.00 18.74 ? 97  LEU A CG  1 
ATOM   362 C  CD1 . LEU A 1 45  ? 0.231   0.657   0.161   1.00 21.80 ? 97  LEU A CD1 1 
ATOM   363 C  CD2 . LEU A 1 45  ? 0.119   1.131   2.673   1.00 19.58 ? 97  LEU A CD2 1 
ATOM   364 N  N   . SER A 1 46  ? 0.928   -3.131  -0.044  1.00 19.02 ? 98  SER A N   1 
ATOM   365 C  CA  . SER A 1 46  ? 2.185   -3.845  -0.007  1.00 17.18 ? 98  SER A CA  1 
ATOM   366 C  C   . SER A 1 46  ? 3.331   -2.870  -0.353  1.00 18.47 ? 98  SER A C   1 
ATOM   367 O  O   . SER A 1 46  ? 3.192   -2.136  -1.297  1.00 18.85 ? 98  SER A O   1 
ATOM   368 C  CB  . SER A 1 46  ? 2.102   -4.988  -1.031  1.00 18.68 ? 98  SER A CB  1 
ATOM   369 O  OG  . SER A 1 46  ? 1.101   -5.886  -0.614  1.00 17.97 ? 98  SER A OG  1 
ATOM   370 N  N   . VAL A 1 47  ? 4.419   -2.887  0.430   1.00 18.46 ? 99  VAL A N   1 
ATOM   371 C  CA  . VAL A 1 47  ? 5.476   -1.888  0.317   1.00 19.90 ? 99  VAL A CA  1 
ATOM   372 C  C   . VAL A 1 47  ? 6.872   -2.498  0.358   1.00 20.50 ? 99  VAL A C   1 
ATOM   373 O  O   . VAL A 1 47  ? 7.179   -3.308  1.253   1.00 22.57 ? 99  VAL A O   1 
ATOM   374 C  CB  . VAL A 1 47  ? 5.356   -0.808  1.473   1.00 18.63 ? 99  VAL A CB  1 
ATOM   375 C  CG1 . VAL A 1 47  ? 6.262   0.416   1.112   1.00 23.89 ? 99  VAL A CG1 1 
ATOM   376 C  CG2 . VAL A 1 47  ? 3.880   -0.369  1.696   1.00 22.63 ? 99  VAL A CG2 1 
ATOM   377 N  N   . LYS A 1 48  ? 7.753   -2.085  -0.575  1.00 22.47 ? 100 LYS A N   1 
ATOM   378 C  CA  . LYS A 1 48  ? 9.147   -2.525  -0.558  1.00 23.39 ? 100 LYS A CA  1 
ATOM   379 C  C   . LYS A 1 48  ? 9.902   -1.862  0.591   1.00 25.37 ? 100 LYS A C   1 
ATOM   380 O  O   . LYS A 1 48  ? 9.922   -0.630  0.672   1.00 24.10 ? 100 LYS A O   1 
ATOM   381 C  CB  . LYS A 1 48  ? 9.890   -2.159  -1.830  1.00 22.44 ? 100 LYS A CB  1 
ATOM   382 C  CG  . LYS A 1 48  ? 11.322  -2.853  -1.879  1.00 23.69 ? 100 LYS A CG  1 
ATOM   383 C  CD  . LYS A 1 48  ? 12.245  -2.138  -2.686  1.00 30.16 ? 100 LYS A CD  1 
ATOM   384 C  CE  . LYS A 1 48  ? 13.691  -2.484  -2.372  1.00 32.98 ? 100 LYS A CE  1 
ATOM   385 N  NZ  . LYS A 1 48  ? 14.029  -3.902  -2.696  1.00 37.90 ? 100 LYS A NZ  1 
ATOM   386 N  N   . PHE A 1 49  ? 10.555  -2.685  1.405   1.00 26.12 ? 101 PHE A N   1 
ATOM   387 C  CA  . PHE A 1 49  ? 11.553  -2.161  2.339   1.00 29.18 ? 101 PHE A CA  1 
ATOM   388 C  C   . PHE A 1 49  ? 12.797  -3.059  2.402   1.00 31.10 ? 101 PHE A C   1 
ATOM   389 O  O   . PHE A 1 49  ? 12.736  -4.185  2.911   1.00 29.64 ? 101 PHE A O   1 
ATOM   390 C  CB  . PHE A 1 49  ? 11.010  -2.035  3.751   1.00 29.83 ? 101 PHE A CB  1 
ATOM   391 C  CG  . PHE A 1 49  ? 12.041  -1.437  4.687   1.00 32.35 ? 101 PHE A CG  1 
ATOM   392 C  CD1 . PHE A 1 49  ? 12.504  -2.137  5.811   1.00 36.33 ? 101 PHE A CD1 1 
ATOM   393 C  CD2 . PHE A 1 49  ? 12.596  -0.210  4.373   1.00 29.71 ? 101 PHE A CD2 1 
ATOM   394 C  CE1 . PHE A 1 49  ? 13.497  -1.594  6.642   1.00 36.79 ? 101 PHE A CE1 1 
ATOM   395 C  CE2 . PHE A 1 49  ? 13.599  0.353   5.198   1.00 34.68 ? 101 PHE A CE2 1 
ATOM   396 C  CZ  . PHE A 1 49  ? 14.038  -0.330  6.322   1.00 33.20 ? 101 PHE A CZ  1 
ATOM   397 N  N   . GLY A 1 50  ? 13.940  -2.572  1.950   1.00 32.73 ? 102 GLY A N   1 
ATOM   398 C  CA  . GLY A 1 50  ? 15.125  -3.420  1.906   1.00 34.18 ? 102 GLY A CA  1 
ATOM   399 C  C   . GLY A 1 50  ? 14.842  -4.699  1.112   1.00 35.12 ? 102 GLY A C   1 
ATOM   400 O  O   . GLY A 1 50  ? 14.290  -4.679  -0.010  1.00 35.41 ? 102 GLY A O   1 
ATOM   401 N  N   . ASN A 1 51  ? 15.168  -5.831  1.719   1.00 35.24 ? 103 ASN A N   1 
ATOM   402 C  CA  . ASN A 1 51  ? 14.973  -7.136  1.059   1.00 35.56 ? 103 ASN A CA  1 
ATOM   403 C  C   . ASN A 1 51  ? 13.645  -7.780  1.486   1.00 33.82 ? 103 ASN A C   1 
ATOM   404 O  O   . ASN A 1 51  ? 13.345  -8.954  1.165   1.00 34.78 ? 103 ASN A O   1 
ATOM   405 C  CB  . ASN A 1 51  ? 16.178  -8.024  1.390   1.00 36.81 ? 103 ASN A CB  1 
ATOM   406 C  CG  . ASN A 1 51  ? 17.563  -7.261  1.143   1.00 42.57 ? 103 ASN A CG  1 
ATOM   407 O  OD1 . ASN A 1 51  ? 17.844  -6.754  0.031   1.00 44.17 ? 103 ASN A OD1 1 
ATOM   408 N  ND2 . ASN A 1 51  ? 18.362  -7.141  2.196   1.00 44.88 ? 103 ASN A ND2 1 
ATOM   409 N  N   A ASP A 1 52  ? 12.829  -7.010  2.192   0.50 31.96 ? 104 ASP A N   1 
ATOM   410 N  N   B ASP A 1 52  ? 12.821  -6.970  2.102   0.50 31.97 ? 104 ASP A N   1 
ATOM   411 C  CA  A ASP A 1 52  ? 11.534  -7.467  2.627   0.50 30.07 ? 104 ASP A CA  1 
ATOM   412 C  CA  B ASP A 1 52  ? 11.558  -7.358  2.620   0.50 30.28 ? 104 ASP A CA  1 
ATOM   413 C  C   A ASP A 1 52  ? 10.450  -6.774  1.825   0.50 28.35 ? 104 ASP A C   1 
ATOM   414 C  C   B ASP A 1 52  ? 10.446  -6.757  1.796   0.50 28.53 ? 104 ASP A C   1 
ATOM   415 O  O   A ASP A 1 52  ? 10.686  -5.765  1.209   0.50 28.11 ? 104 ASP A O   1 
ATOM   416 O  O   B ASP A 1 52  ? 10.654  -5.754  1.167   0.50 28.26 ? 104 ASP A O   1 
ATOM   417 C  CB  A ASP A 1 52  ? 11.298  -7.122  4.100   0.50 30.57 ? 104 ASP A CB  1 
ATOM   418 C  CB  B ASP A 1 52  ? 11.466  -6.610  3.903   0.50 31.14 ? 104 ASP A CB  1 
ATOM   419 C  CG  A ASP A 1 52  ? 12.132  -7.924  5.029   0.50 33.11 ? 104 ASP A CG  1 
ATOM   420 C  CG  B ASP A 1 52  ? 11.318  -7.443  5.020   0.50 32.02 ? 104 ASP A CG  1 
ATOM   421 O  OD1 A ASP A 1 52  ? 12.290  -9.128  4.802   0.50 34.64 ? 104 ASP A OD1 1 
ATOM   422 O  OD1 B ASP A 1 52  ? 12.351  -7.776  5.625   0.50 36.70 ? 104 ASP A OD1 1 
ATOM   423 O  OD2 A ASP A 1 52  ? 12.641  -7.363  5.998   0.50 34.77 ? 104 ASP A OD2 1 
ATOM   424 O  OD2 B ASP A 1 52  ? 10.158  -7.703  5.325   0.50 32.89 ? 104 ASP A OD2 1 
ATOM   425 N  N   . VAL A 1 53  ? 9.248   -7.287  1.907   1.00 26.15 ? 105 VAL A N   1 
ATOM   426 C  CA  . VAL A 1 53  ? 8.088   -6.482  1.479   1.00 23.72 ? 105 VAL A CA  1 
ATOM   427 C  C   . VAL A 1 53  ? 7.152   -6.509  2.659   1.00 24.41 ? 105 VAL A C   1 
ATOM   428 O  O   . VAL A 1 53  ? 6.863   -7.622  3.245   1.00 25.04 ? 105 VAL A O   1 
ATOM   429 C  CB  . VAL A 1 53  ? 7.366   -7.087  0.232   1.00 22.03 ? 105 VAL A CB  1 
ATOM   430 C  CG1 . VAL A 1 53  ? 6.010   -6.412  -0.064  1.00 21.71 ? 105 VAL A CG1 1 
ATOM   431 C  CG2 . VAL A 1 53  ? 8.232   -6.994  -0.928  1.00 22.14 ? 105 VAL A CG2 1 
ATOM   432 N  N   . GLN A 1 54  ? 6.679   -5.351  3.097   1.00 21.38 ? 106 GLN A N   1 
ATOM   433 C  CA  . GLN A 1 54  ? 5.806   -5.296  4.245   1.00 22.61 ? 106 GLN A CA  1 
ATOM   434 C  C   . GLN A 1 54  ? 4.343   -5.146  3.693   1.00 22.96 ? 106 GLN A C   1 
ATOM   435 O  O   . GLN A 1 54  ? 4.107   -4.455  2.665   1.00 23.69 ? 106 GLN A O   1 
ATOM   436 C  CB  . GLN A 1 54  ? 6.142   -4.044  5.096   1.00 23.78 ? 106 GLN A CB  1 
ATOM   437 C  CG  . GLN A 1 54  ? 7.569   -3.984  5.406   1.00 26.21 ? 106 GLN A CG  1 
ATOM   438 C  CD  . GLN A 1 54  ? 7.918   -3.076  6.529   1.00 32.56 ? 106 GLN A CD  1 
ATOM   439 O  OE1 . GLN A 1 54  ? 9.077   -3.015  6.912   1.00 35.23 ? 106 GLN A OE1 1 
ATOM   440 N  NE2 . GLN A 1 54  ? 6.951   -2.362  7.061   1.00 29.43 ? 106 GLN A NE2 1 
ATOM   441 N  N   . HIS A 1 55  ? 3.393   -5.730  4.415   1.00 21.63 ? 107 HIS A N   1 
ATOM   442 C  CA  . HIS A 1 55  ? 1.993   -5.608  4.124   1.00 20.26 ? 107 HIS A CA  1 
ATOM   443 C  C   . HIS A 1 55  ? 1.205   -4.952  5.226   1.00 19.55 ? 107 HIS A C   1 
ATOM   444 O  O   . HIS A 1 55  ? 1.403   -5.240  6.398   1.00 21.71 ? 107 HIS A O   1 
ATOM   445 C  CB  . HIS A 1 55  ? 1.378   -6.969  3.900   1.00 21.67 ? 107 HIS A CB  1 
ATOM   446 C  CG  . HIS A 1 55  ? 2.112   -7.749  2.865   1.00 22.38 ? 107 HIS A CG  1 
ATOM   447 N  ND1 . HIS A 1 55  ? 1.880   -7.575  1.518   1.00 22.58 ? 107 HIS A ND1 1 
ATOM   448 C  CD2 . HIS A 1 55  ? 3.127   -8.642  2.970   1.00 22.21 ? 107 HIS A CD2 1 
ATOM   449 C  CE1 . HIS A 1 55  ? 2.692   -8.364  0.834   1.00 19.99 ? 107 HIS A CE1 1 
ATOM   450 N  NE2 . HIS A 1 55  ? 3.448   -9.033  1.692   1.00 20.69 ? 107 HIS A NE2 1 
ATOM   451 N  N   . PHE A 1 56  ? 0.257   -4.089  4.849   1.00 21.79 ? 108 PHE A N   1 
ATOM   452 C  CA  . PHE A 1 56  ? -0.614  -3.379  5.838   1.00 20.74 ? 108 PHE A CA  1 
ATOM   453 C  C   . PHE A 1 56  ? -2.058  -3.626  5.413   1.00 21.99 ? 108 PHE A C   1 
ATOM   454 O  O   . PHE A 1 56  ? -2.358  -3.605  4.224   1.00 22.13 ? 108 PHE A O   1 
ATOM   455 C  CB  . PHE A 1 56  ? -0.373  -1.828  5.861   1.00 22.23 ? 108 PHE A CB  1 
ATOM   456 C  CG  . PHE A 1 56  ? 1.069   -1.475  6.146   1.00 19.16 ? 108 PHE A CG  1 
ATOM   457 C  CD1 . PHE A 1 56  ? 2.024   -1.526  5.137   1.00 22.44 ? 108 PHE A CD1 1 
ATOM   458 C  CD2 . PHE A 1 56  ? 1.464   -1.221  7.439   1.00 23.62 ? 108 PHE A CD2 1 
ATOM   459 C  CE1 . PHE A 1 56  ? 3.351   -1.305  5.411   1.00 22.22 ? 108 PHE A CE1 1 
ATOM   460 C  CE2 . PHE A 1 56  ? 2.788   -1.007  7.722   1.00 23.09 ? 108 PHE A CE2 1 
ATOM   461 C  CZ  . PHE A 1 56  ? 3.727   -1.055  6.752   1.00 22.44 ? 108 PHE A CZ  1 
ATOM   462 N  N   . LYS A 1 57  ? -2.922  -3.894  6.407   1.00 21.51 ? 109 LYS A N   1 
ATOM   463 C  CA  . LYS A 1 57  ? -4.355  -3.928  6.223   1.00 21.60 ? 109 LYS A CA  1 
ATOM   464 C  C   . LYS A 1 57  ? -4.863  -2.512  5.994   1.00 22.33 ? 109 LYS A C   1 
ATOM   465 O  O   . LYS A 1 57  ? -4.480  -1.613  6.778   1.00 22.16 ? 109 LYS A O   1 
ATOM   466 C  CB  . LYS A 1 57  ? -5.042  -4.466  7.494   1.00 21.78 ? 109 LYS A CB  1 
ATOM   467 C  CG  . LYS A 1 57  ? -4.507  -5.781  7.983   1.00 22.76 ? 109 LYS A CG  1 
ATOM   468 C  CD  . LYS A 1 57  ? -5.511  -6.237  9.048   1.00 22.49 ? 109 LYS A CD  1 
ATOM   469 C  CE  . LYS A 1 57  ? -5.083  -5.769  10.407  1.00 29.63 ? 109 LYS A CE  1 
ATOM   470 N  NZ  . LYS A 1 57  ? -5.917  -6.406  11.495  1.00 29.84 ? 109 LYS A NZ  1 
ATOM   471 N  N   . VAL A 1 58  ? -5.676  -2.294  4.954   1.00 20.22 ? 110 VAL A N   1 
ATOM   472 C  CA  . VAL A 1 58  ? -6.476  -1.065  4.853   1.00 21.35 ? 110 VAL A CA  1 
ATOM   473 C  C   . VAL A 1 58  ? -7.713  -1.251  5.703   1.00 22.50 ? 110 VAL A C   1 
ATOM   474 O  O   . VAL A 1 58  ? -8.620  -2.032  5.333   1.00 23.62 ? 110 VAL A O   1 
ATOM   475 C  CB  . VAL A 1 58  ? -6.743  -0.627  3.385   1.00 19.86 ? 110 VAL A CB  1 
ATOM   476 C  CG1 . VAL A 1 58  ? -7.547  0.682   3.332   1.00 18.76 ? 110 VAL A CG1 1 
ATOM   477 C  CG2 . VAL A 1 58  ? -5.397  -0.440  2.664   1.00 20.39 ? 110 VAL A CG2 1 
ATOM   478 N  N   . LEU A 1 59  ? -7.751  -0.544  6.840   1.00 22.97 ? 111 LEU A N   1 
ATOM   479 C  CA  . LEU A 1 59  ? -8.840  -0.668  7.797   1.00 23.52 ? 111 LEU A CA  1 
ATOM   480 C  C   . LEU A 1 59  ? -9.955  0.308   7.473   1.00 25.22 ? 111 LEU A C   1 
ATOM   481 O  O   . LEU A 1 59  ? -9.731  1.342   6.838   1.00 24.28 ? 111 LEU A O   1 
ATOM   482 C  CB  . LEU A 1 59  ? -8.318  -0.479  9.246   1.00 23.06 ? 111 LEU A CB  1 
ATOM   483 C  CG  . LEU A 1 59  ? -7.199  -1.443  9.626   1.00 24.33 ? 111 LEU A CG  1 
ATOM   484 C  CD1 . LEU A 1 59  ? -6.679  -1.099  10.967  1.00 25.45 ? 111 LEU A CD1 1 
ATOM   485 C  CD2 . LEU A 1 59  ? -7.792  -2.831  9.649   1.00 24.05 ? 111 LEU A CD2 1 
ATOM   486 N  N   . ARG A 1 60  ? -11.184 -0.036  7.898   1.00 25.20 ? 112 ARG A N   1 
ATOM   487 C  CA  . ARG A 1 60  ? -12.331 0.863   7.744   1.00 26.13 ? 112 ARG A CA  1 
ATOM   488 C  C   . ARG A 1 60  ? -12.948 1.254   9.064   1.00 25.59 ? 112 ARG A C   1 
ATOM   489 O  O   . ARG A 1 60  ? -13.003 0.438   9.988   1.00 25.63 ? 112 ARG A O   1 
ATOM   490 C  CB  . ARG A 1 60  ? -13.452 0.168   6.958   1.00 27.13 ? 112 ARG A CB  1 
ATOM   491 C  CG  . ARG A 1 60  ? -13.022 -0.400  5.679   1.00 29.59 ? 112 ARG A CG  1 
ATOM   492 C  CD  . ARG A 1 60  ? -12.401 0.658   4.782   1.00 31.09 ? 112 ARG A CD  1 
ATOM   493 N  NE  . ARG A 1 60  ? -13.379 1.487   4.051   1.00 31.78 ? 112 ARG A NE  1 
ATOM   494 C  CZ  . ARG A 1 60  ? -14.138 1.064   3.024   1.00 36.30 ? 112 ARG A CZ  1 
ATOM   495 N  NH1 . ARG A 1 60  ? -14.055 -0.217  2.642   1.00 36.58 ? 112 ARG A NH1 1 
ATOM   496 N  NH2 . ARG A 1 60  ? -15.014 1.913   2.424   1.00 28.28 ? 112 ARG A NH2 1 
ATOM   497 N  N   . ASP A 1 61  ? -13.461 2.484   9.149   1.00 26.21 ? 113 ASP A N   1 
ATOM   498 C  CA  . ASP A 1 61  ? -14.229 2.891   10.320  1.00 27.08 ? 113 ASP A CA  1 
ATOM   499 C  C   . ASP A 1 61  ? -15.693 2.523   10.068  1.00 28.74 ? 113 ASP A C   1 
ATOM   500 O  O   . ASP A 1 61  ? -16.020 1.832   9.071   1.00 27.70 ? 113 ASP A O   1 
ATOM   501 C  CB  . ASP A 1 61  ? -13.951 4.384   10.642  1.00 25.84 ? 113 ASP A CB  1 
ATOM   502 C  CG  . ASP A 1 61  ? -14.693 5.320   9.744   1.00 29.82 ? 113 ASP A CG  1 
ATOM   503 O  OD1 . ASP A 1 61  ? -15.342 4.882   8.763   1.00 26.55 ? 113 ASP A OD1 1 
ATOM   504 O  OD2 . ASP A 1 61  ? -14.674 6.554   10.035  1.00 30.35 ? 113 ASP A OD2 1 
ATOM   505 N  N   . GLY A 1 62  ? -16.592 2.955   10.943  1.00 30.11 ? 114 GLY A N   1 
ATOM   506 C  CA  . GLY A 1 62  ? -18.012 2.644   10.766  1.00 33.44 ? 114 GLY A CA  1 
ATOM   507 C  C   . GLY A 1 62  ? -18.681 3.322   9.573   1.00 34.30 ? 114 GLY A C   1 
ATOM   508 O  O   . GLY A 1 62  ? -19.661 2.796   8.979   1.00 35.67 ? 114 GLY A O   1 
ATOM   509 N  N   . ALA A 1 63  ? -18.159 4.496   9.218   1.00 34.79 ? 115 ALA A N   1 
ATOM   510 C  CA  . ALA A 1 63  ? -18.671 5.325   8.142   1.00 34.04 ? 115 ALA A CA  1 
ATOM   511 C  C   . ALA A 1 63  ? -18.057 4.951   6.803   1.00 33.82 ? 115 ALA A C   1 
ATOM   512 O  O   . ALA A 1 63  ? -18.367 5.595   5.819   1.00 35.84 ? 115 ALA A O   1 
ATOM   513 C  CB  . ALA A 1 63  ? -18.412 6.817   8.459   1.00 34.23 ? 115 ALA A CB  1 
ATOM   514 N  N   . GLY A 1 64  ? -17.217 3.908   6.757   1.00 31.44 ? 116 GLY A N   1 
ATOM   515 C  CA  . GLY A 1 64  ? -16.505 3.533   5.528   1.00 30.00 ? 116 GLY A CA  1 
ATOM   516 C  C   . GLY A 1 64  ? -15.227 4.293   5.164   1.00 28.88 ? 116 GLY A C   1 
ATOM   517 O  O   . GLY A 1 64  ? -14.757 4.172   4.031   1.00 30.01 ? 116 GLY A O   1 
ATOM   518 N  N   . LYS A 1 65  ? -14.655 5.097   6.068   1.00 27.99 ? 117 LYS A N   1 
ATOM   519 C  CA  . LYS A 1 65  ? -13.378 5.787   5.807   1.00 25.62 ? 117 LYS A CA  1 
ATOM   520 C  C   . LYS A 1 65  ? -12.235 4.802   5.904   1.00 24.54 ? 117 LYS A C   1 
ATOM   521 O  O   . LYS A 1 65  ? -12.378 3.768   6.544   1.00 26.77 ? 117 LYS A O   1 
ATOM   522 C  CB  . LYS A 1 65  ? -13.166 6.942   6.810   1.00 26.54 ? 117 LYS A CB  1 
ATOM   523 C  CG  . LYS A 1 65  ? -14.231 7.996   6.583   1.00 29.29 ? 117 LYS A CG  1 
ATOM   524 C  CD  . LYS A 1 65  ? -13.892 9.345   7.115   1.00 32.79 ? 117 LYS A CD  1 
ATOM   525 C  CE  . LYS A 1 65  ? -15.169 10.138  7.080   1.00 37.43 ? 117 LYS A CE  1 
ATOM   526 N  NZ  . LYS A 1 65  ? -14.902 11.486  6.537   1.00 42.03 ? 117 LYS A NZ  1 
ATOM   527 N  N   . TYR A 1 66  ? -11.089 5.116   5.304   1.00 22.24 ? 118 TYR A N   1 
ATOM   528 C  CA  . TYR A 1 66  ? -9.964  4.187   5.222   1.00 22.55 ? 118 TYR A CA  1 
ATOM   529 C  C   . TYR A 1 66  ? -8.839  4.673   6.071   1.00 23.19 ? 118 TYR A C   1 
ATOM   530 O  O   . TYR A 1 66  ? -8.542  5.902   6.022   1.00 23.88 ? 118 TYR A O   1 
ATOM   531 C  CB  . TYR A 1 66  ? -9.411  4.222   3.821   1.00 22.02 ? 118 TYR A CB  1 
ATOM   532 C  CG  . TYR A 1 66  ? -10.443 3.770   2.746   1.00 22.05 ? 118 TYR A CG  1 
ATOM   533 C  CD1 . TYR A 1 66  ? -11.206 4.696   2.042   1.00 23.17 ? 118 TYR A CD1 1 
ATOM   534 C  CD2 . TYR A 1 66  ? -10.603 2.360   2.426   1.00 23.30 ? 118 TYR A CD2 1 
ATOM   535 C  CE1 . TYR A 1 66  ? -12.128 4.291   1.042   1.00 24.83 ? 118 TYR A CE1 1 
ATOM   536 C  CE2 . TYR A 1 66  ? -11.514 1.965   1.451   1.00 22.12 ? 118 TYR A CE2 1 
ATOM   537 C  CZ  . TYR A 1 66  ? -12.253 2.903   0.759   1.00 24.97 ? 118 TYR A CZ  1 
ATOM   538 O  OH  . TYR A 1 66  ? -13.155 2.542   -0.217  1.00 25.80 ? 118 TYR A OH  1 
ATOM   539 N  N   . PHE A 1 67  ? -8.155  3.738   6.731   1.00 21.02 ? 119 PHE A N   1 
ATOM   540 C  CA  . PHE A 1 67  ? -6.943  4.099   7.492   1.00 20.49 ? 119 PHE A CA  1 
ATOM   541 C  C   . PHE A 1 67  ? -5.929  2.963   7.670   1.00 20.43 ? 119 PHE A C   1 
ATOM   542 O  O   . PHE A 1 67  ? -6.293  1.768   7.517   1.00 21.46 ? 119 PHE A O   1 
ATOM   543 C  CB  . PHE A 1 67  ? -7.339  4.714   8.867   1.00 19.64 ? 119 PHE A CB  1 
ATOM   544 C  CG  . PHE A 1 67  ? -7.982  3.737   9.845   1.00 22.07 ? 119 PHE A CG  1 
ATOM   545 C  CD1 . PHE A 1 67  ? -7.216  3.146   10.890  1.00 21.68 ? 119 PHE A CD1 1 
ATOM   546 C  CD2 . PHE A 1 67  ? -9.345  3.450   9.801   1.00 23.18 ? 119 PHE A CD2 1 
ATOM   547 C  CE1 . PHE A 1 67  ? -7.791  2.245   11.820  1.00 20.35 ? 119 PHE A CE1 1 
ATOM   548 C  CE2 . PHE A 1 67  ? -9.929  2.603   10.749  1.00 22.98 ? 119 PHE A CE2 1 
ATOM   549 C  CZ  . PHE A 1 67  ? -9.158  1.982   11.770  1.00 22.38 ? 119 PHE A CZ  1 
ATOM   550 N  N   . LEU A 1 68  ? -4.673  3.331   7.987   1.00 20.62 ? 120 LEU A N   1 
ATOM   551 C  CA  . LEU A 1 68  ? -3.702  2.315   8.403   1.00 20.50 ? 120 LEU A CA  1 
ATOM   552 C  C   . LEU A 1 68  ? -3.542  2.226   9.909   1.00 22.43 ? 120 LEU A C   1 
ATOM   553 O  O   . LEU A 1 68  ? -3.538  1.100   10.503  1.00 21.45 ? 120 LEU A O   1 
ATOM   554 C  CB  . LEU A 1 68  ? -2.346  2.553   7.757   1.00 20.65 ? 120 LEU A CB  1 
ATOM   555 C  CG  . LEU A 1 68  ? -2.288  2.618   6.236   1.00 20.63 ? 120 LEU A CG  1 
ATOM   556 C  CD1 . LEU A 1 68  ? -0.832  2.781   5.787   1.00 22.61 ? 120 LEU A CD1 1 
ATOM   557 C  CD2 . LEU A 1 68  ? -2.983  1.365   5.646   1.00 20.77 ? 120 LEU A CD2 1 
ATOM   558 N  N   . TRP A 1 69  ? -3.394  3.419   10.524  1.00 21.80 ? 121 TRP A N   1 
ATOM   559 C  CA  . TRP A 1 69  ? -3.117  3.488   11.945  1.00 23.58 ? 121 TRP A CA  1 
ATOM   560 C  C   . TRP A 1 69  ? -4.148  4.345   12.648  1.00 24.44 ? 121 TRP A C   1 
ATOM   561 O  O   . TRP A 1 69  ? -4.958  3.818   13.373  1.00 23.39 ? 121 TRP A O   1 
ATOM   562 C  CB  . TRP A 1 69  ? -1.708  4.043   12.198  1.00 23.67 ? 121 TRP A CB  1 
ATOM   563 C  CG  . TRP A 1 69  ? -0.600  3.129   11.673  1.00 24.51 ? 121 TRP A CG  1 
ATOM   564 C  CD1 . TRP A 1 69  ? 0.141   3.336   10.564  1.00 25.50 ? 121 TRP A CD1 1 
ATOM   565 C  CD2 . TRP A 1 69  ? -0.130  1.888   12.252  1.00 22.54 ? 121 TRP A CD2 1 
ATOM   566 N  NE1 . TRP A 1 69  ? 1.055   2.330   10.405  1.00 24.16 ? 121 TRP A NE1 1 
ATOM   567 C  CE2 . TRP A 1 69  ? 0.940   1.434   11.428  1.00 23.17 ? 121 TRP A CE2 1 
ATOM   568 C  CE3 . TRP A 1 69  ? -0.450  1.165   13.398  1.00 25.05 ? 121 TRP A CE3 1 
ATOM   569 C  CZ2 . TRP A 1 69  ? 1.668   0.259   11.690  1.00 23.02 ? 121 TRP A CZ2 1 
ATOM   570 C  CZ3 . TRP A 1 69  ? 0.302   -0.077  13.661  1.00 28.31 ? 121 TRP A CZ3 1 
ATOM   571 C  CH2 . TRP A 1 69  ? 1.345   -0.476  12.812  1.00 25.80 ? 121 TRP A CH2 1 
ATOM   572 N  N   . VAL A 1 70  ? -4.070  5.658   12.420  1.00 24.21 ? 122 VAL A N   1 
ATOM   573 C  CA  . VAL A 1 70  ? -4.897  6.609   13.177  1.00 26.07 ? 122 VAL A CA  1 
ATOM   574 C  C   . VAL A 1 70  ? -5.587  7.628   12.286  1.00 23.00 ? 122 VAL A C   1 
ATOM   575 O  O   . VAL A 1 70  ? -6.768  7.819   12.424  1.00 23.35 ? 122 VAL A O   1 
ATOM   576 C  CB  . VAL A 1 70  ? -4.091  7.322   14.374  1.00 27.78 ? 122 VAL A CB  1 
ATOM   577 C  CG1 . VAL A 1 70  ? -4.948  8.387   15.021  1.00 28.15 ? 122 VAL A CG1 1 
ATOM   578 C  CG2 . VAL A 1 70  ? -3.728  6.297   15.448  1.00 30.19 ? 122 VAL A CG2 1 
ATOM   579 N  N   . VAL A 1 71  ? -4.878  8.261   11.366  1.00 23.40 ? 123 VAL A N   1 
ATOM   580 C  CA  . VAL A 1 71  ? -5.515  9.274   10.518  1.00 23.05 ? 123 VAL A CA  1 
ATOM   581 C  C   . VAL A 1 71  ? -6.308  8.515   9.433   1.00 24.48 ? 123 VAL A C   1 
ATOM   582 O  O   . VAL A 1 71  ? -5.797  7.560   8.885   1.00 22.80 ? 123 VAL A O   1 
ATOM   583 C  CB  . VAL A 1 71  ? -4.431  10.223  9.932   1.00 24.54 ? 123 VAL A CB  1 
ATOM   584 C  CG1 . VAL A 1 71  ? -5.059  11.310  9.068   1.00 26.59 ? 123 VAL A CG1 1 
ATOM   585 C  CG2 . VAL A 1 71  ? -3.649  10.851  11.099  1.00 26.18 ? 123 VAL A CG2 1 
ATOM   586 N  N   . LYS A 1 72  ? -7.525  8.956   9.165   1.00 22.93 ? 124 LYS A N   1 
ATOM   587 C  CA  . LYS A 1 72  ? -8.440  8.267   8.183   1.00 24.32 ? 124 LYS A CA  1 
ATOM   588 C  C   . LYS A 1 72  ? -8.895  9.207   7.073   1.00 23.48 ? 124 LYS A C   1 
ATOM   589 O  O   . LYS A 1 72  ? -8.876  10.443  7.220   1.00 24.31 ? 124 LYS A O   1 
ATOM   590 C  CB  . LYS A 1 72  ? -9.576  7.576   8.912   1.00 22.79 ? 124 LYS A CB  1 
ATOM   591 C  CG  . LYS A 1 72  ? -10.606 8.563   9.547   1.00 23.28 ? 124 LYS A CG  1 
ATOM   592 C  CD  . LYS A 1 72  ? -11.530 7.802   10.450  1.00 24.21 ? 124 LYS A CD  1 
ATOM   593 C  CE  . LYS A 1 72  ? -12.425 8.740   11.237  1.00 23.34 ? 124 LYS A CE  1 
ATOM   594 N  NZ  . LYS A 1 72  ? -13.571 8.032   11.975  1.00 24.05 ? 124 LYS A NZ  1 
ATOM   595 N  N   A PHE A 1 73  ? -9.316  8.640   5.970   0.50 24.07 ? 125 PHE A N   1 
ATOM   596 N  N   B PHE A 1 73  ? -9.308  8.647   5.940   0.50 24.34 ? 125 PHE A N   1 
ATOM   597 C  CA  A PHE A 1 73  ? -9.555  9.374   4.750   0.50 23.46 ? 125 PHE A CA  1 
ATOM   598 C  CA  B PHE A 1 73  ? -9.586  9.457   4.756   0.50 23.79 ? 125 PHE A CA  1 
ATOM   599 C  C   A PHE A 1 73  ? -10.810 8.928   4.007   0.50 24.00 ? 125 PHE A C   1 
ATOM   600 C  C   B PHE A 1 73  ? -10.796 8.934   4.014   0.50 24.26 ? 125 PHE A C   1 
ATOM   601 O  O   A PHE A 1 73  ? -11.236 7.831   4.176   0.50 23.50 ? 125 PHE A O   1 
ATOM   602 O  O   B PHE A 1 73  ? -11.172 7.762   4.164   0.50 23.63 ? 125 PHE A O   1 
ATOM   603 C  CB  A PHE A 1 73  ? -8.322  9.275   3.831   0.50 22.82 ? 125 PHE A CB  1 
ATOM   604 C  CB  B PHE A 1 73  ? -8.364  9.510   3.796   0.50 23.85 ? 125 PHE A CB  1 
ATOM   605 C  CG  A PHE A 1 73  ? -7.019  9.410   4.561   0.50 20.70 ? 125 PHE A CG  1 
ATOM   606 C  CG  B PHE A 1 73  ? -7.186  10.223  4.382   0.50 22.24 ? 125 PHE A CG  1 
ATOM   607 C  CD1 A PHE A 1 73  ? -6.425  10.598  4.664   0.50 17.72 ? 125 PHE A CD1 1 
ATOM   608 C  CD1 B PHE A 1 73  ? -6.965  11.566  4.102   0.50 22.72 ? 125 PHE A CD1 1 
ATOM   609 C  CD2 A PHE A 1 73  ? -6.437  8.337   5.168   0.50 18.01 ? 125 PHE A CD2 1 
ATOM   610 C  CD2 B PHE A 1 73  ? -6.330  9.547   5.266   0.50 21.55 ? 125 PHE A CD2 1 
ATOM   611 C  CE1 A PHE A 1 73  ? -5.281  10.737  5.344   0.50 17.49 ? 125 PHE A CE1 1 
ATOM   612 C  CE1 B PHE A 1 73  ? -5.899  12.229  4.697   0.50 21.63 ? 125 PHE A CE1 1 
ATOM   613 C  CE2 A PHE A 1 73  ? -5.282  8.496   5.851   0.50 20.36 ? 125 PHE A CE2 1 
ATOM   614 C  CE2 B PHE A 1 73  ? -5.289  10.171  5.840   0.50 22.58 ? 125 PHE A CE2 1 
ATOM   615 C  CZ  A PHE A 1 73  ? -4.723  9.717   5.913   0.50 18.95 ? 125 PHE A CZ  1 
ATOM   616 C  CZ  B PHE A 1 73  ? -5.056  11.525  5.555   0.50 22.33 ? 125 PHE A CZ  1 
ATOM   617 N  N   . ASN A 1 74  ? -11.364 9.804   3.192   1.00 23.37 ? 126 ASN A N   1 
ATOM   618 C  CA  . ASN A 1 74  ? -12.598 9.493   2.480   1.00 25.07 ? 126 ASN A CA  1 
ATOM   619 C  C   . ASN A 1 74  ? -12.323 8.611   1.265   1.00 23.74 ? 126 ASN A C   1 
ATOM   620 O  O   . ASN A 1 74  ? -13.280 8.183   0.585   1.00 25.03 ? 126 ASN A O   1 
ATOM   621 C  CB  . ASN A 1 74  ? -13.223 10.779  1.955   1.00 26.90 ? 126 ASN A CB  1 
ATOM   622 C  CG  . ASN A 1 74  ? -13.805 11.660  3.085   1.00 30.46 ? 126 ASN A CG  1 
ATOM   623 O  OD1 . ASN A 1 74  ? -13.681 11.353  4.266   1.00 36.12 ? 126 ASN A OD1 1 
ATOM   624 N  ND2 . ASN A 1 74  ? -14.437 12.749  2.699   1.00 37.50 ? 126 ASN A ND2 1 
ATOM   625 N  N   . SER A 1 75  ? -11.039 8.347   0.971   1.00 23.84 ? 127 SER A N   1 
ATOM   626 C  CA  . SER A 1 75  ? -10.673 7.512   -0.232  1.00 21.24 ? 127 SER A CA  1 
ATOM   627 C  C   . SER A 1 75  ? -9.355  6.820   -0.053  1.00 22.58 ? 127 SER A C   1 
ATOM   628 O  O   . SER A 1 75  ? -8.448  7.282   0.704   1.00 18.86 ? 127 SER A O   1 
ATOM   629 C  CB  . SER A 1 75  ? -10.622 8.365   -1.502  1.00 21.48 ? 127 SER A CB  1 
ATOM   630 O  OG  . SER A 1 75  ? -9.594  9.358   -1.347  1.00 23.49 ? 127 SER A OG  1 
ATOM   631 N  N   . LEU A 1 76  ? -9.217  5.651   -0.704  1.00 20.95 ? 128 LEU A N   1 
ATOM   632 C  CA  . LEU A 1 76  ? -7.877  5.056   -0.791  1.00 21.29 ? 128 LEU A CA  1 
ATOM   633 C  C   . LEU A 1 76  ? -6.880  6.039   -1.389  1.00 19.26 ? 128 LEU A C   1 
ATOM   634 O  O   . LEU A 1 76  ? -5.727  6.024   -1.013  1.00 19.89 ? 128 LEU A O   1 
ATOM   635 C  CB  . LEU A 1 76  ? -7.891  3.834   -1.737  1.00 20.88 ? 128 LEU A CB  1 
ATOM   636 C  CG  . LEU A 1 76  ? -8.714  2.602   -1.277  1.00 21.67 ? 128 LEU A CG  1 
ATOM   637 C  CD1 . LEU A 1 76  ? -8.945  1.721   -2.523  1.00 20.44 ? 128 LEU A CD1 1 
ATOM   638 C  CD2 . LEU A 1 76  ? -7.966  1.887   -0.187  1.00 23.31 ? 128 LEU A CD2 1 
ATOM   639 N  N   . ASN A 1 77  ? -7.306  6.847   -2.367  1.00 19.53 ? 129 ASN A N   1 
ATOM   640 C  CA  . ASN A 1 77  ? -6.411  7.794   -3.066  1.00 20.20 ? 129 ASN A CA  1 
ATOM   641 C  C   . ASN A 1 77  ? -5.787  8.745   -2.024  1.00 20.81 ? 129 ASN A C   1 
ATOM   642 O  O   . ASN A 1 77  ? -4.566  9.009   -2.057  1.00 21.27 ? 129 ASN A O   1 
ATOM   643 C  CB  . ASN A 1 77  ? -7.237  8.634   -4.034  1.00 20.97 ? 129 ASN A CB  1 
ATOM   644 C  CG  . ASN A 1 77  ? -6.381  9.331   -5.103  1.00 20.92 ? 129 ASN A CG  1 
ATOM   645 O  OD1 . ASN A 1 77  ? -5.139  9.538   -4.950  1.00 25.55 ? 129 ASN A OD1 1 
ATOM   646 N  ND2 . ASN A 1 77  ? -7.017  9.711   -6.167  1.00 18.48 ? 129 ASN A ND2 1 
ATOM   647 N  N   . GLU A 1 78  ? -6.640  9.292   -1.155  1.00 19.89 ? 130 GLU A N   1 
ATOM   648 C  CA  . GLU A 1 78  ? -6.168  10.208  -0.088  1.00 20.10 ? 130 GLU A CA  1 
ATOM   649 C  C   . GLU A 1 78  ? -5.281  9.543   0.946   1.00 20.52 ? 130 GLU A C   1 
ATOM   650 O  O   . GLU A 1 78  ? -4.281  10.147  1.407   1.00 20.67 ? 130 GLU A O   1 
ATOM   651 C  CB  . GLU A 1 78  ? -7.334  10.901  0.572   1.00 20.51 ? 130 GLU A CB  1 
ATOM   652 C  CG  . GLU A 1 78  ? -8.001  11.952  -0.352  1.00 22.84 ? 130 GLU A CG  1 
ATOM   653 C  CD  . GLU A 1 78  ? -9.417  12.291  0.132   1.00 30.50 ? 130 GLU A CD  1 
ATOM   654 O  OE1 . GLU A 1 78  ? -9.616  13.372  0.757   1.00 29.43 ? 130 GLU A OE1 1 
ATOM   655 O  OE2 . GLU A 1 78  ? -10.323 11.444  -0.020  1.00 25.14 ? 130 GLU A OE2 1 
ATOM   656 N  N   . LEU A 1 79  ? -5.629  8.305   1.352   1.00 19.72 ? 131 LEU A N   1 
ATOM   657 C  CA  . LEU A 1 79  ? -4.771  7.540   2.244   1.00 19.34 ? 131 LEU A CA  1 
ATOM   658 C  C   . LEU A 1 79  ? -3.362  7.326   1.660   1.00 20.57 ? 131 LEU A C   1 
ATOM   659 O  O   . LEU A 1 79  ? -2.364  7.461   2.376   1.00 20.10 ? 131 LEU A O   1 
ATOM   660 C  CB  . LEU A 1 79  ? -5.433  6.169   2.558   1.00 20.51 ? 131 LEU A CB  1 
ATOM   661 C  CG  . LEU A 1 79  ? -4.688  5.185   3.486   1.00 20.00 ? 131 LEU A CG  1 
ATOM   662 C  CD1 . LEU A 1 79  ? -5.695  4.065   3.919   1.00 20.36 ? 131 LEU A CD1 1 
ATOM   663 C  CD2 . LEU A 1 79  ? -3.326  4.563   2.976   1.00 26.57 ? 131 LEU A CD2 1 
ATOM   664 N  N   . VAL A 1 80  ? -3.309  6.936   0.362   1.00 19.82 ? 132 VAL A N   1 
ATOM   665 C  CA  . VAL A 1 80  ? -2.047  6.736   -0.351  1.00 19.87 ? 132 VAL A CA  1 
ATOM   666 C  C   . VAL A 1 80  ? -1.275  8.036   -0.280  1.00 19.54 ? 132 VAL A C   1 
ATOM   667 O  O   . VAL A 1 80  ? -0.089  8.036   0.054   1.00 19.88 ? 132 VAL A O   1 
ATOM   668 C  CB  . VAL A 1 80  ? -2.280  6.297   -1.833  1.00 19.92 ? 132 VAL A CB  1 
ATOM   669 C  CG1 . VAL A 1 80  ? -1.056  6.474   -2.665  1.00 22.16 ? 132 VAL A CG1 1 
ATOM   670 C  CG2 . VAL A 1 80  ? -2.586  4.782   -1.835  1.00 21.53 ? 132 VAL A CG2 1 
ATOM   671 N  N   . ASP A 1 81  ? -1.912  9.127   -0.635  1.00 19.30 ? 133 ASP A N   1 
ATOM   672 C  CA  . ASP A 1 81  ? -1.143  10.369  -0.783  1.00 20.41 ? 133 ASP A CA  1 
ATOM   673 C  C   . ASP A 1 81  ? -0.637  10.887  0.553   1.00 21.36 ? 133 ASP A C   1 
ATOM   674 O  O   . ASP A 1 81  ? 0.515   11.389  0.663   1.00 21.62 ? 133 ASP A O   1 
ATOM   675 C  CB  . ASP A 1 81  ? -2.005  11.422  -1.520  1.00 19.16 ? 133 ASP A CB  1 
ATOM   676 C  CG  . ASP A 1 81  ? -2.083  11.167  -3.056  1.00 24.37 ? 133 ASP A CG  1 
ATOM   677 O  OD1 . ASP A 1 81  ? -1.318  10.327  -3.583  1.00 25.11 ? 133 ASP A OD1 1 
ATOM   678 O  OD2 . ASP A 1 81  ? -2.940  11.803  -3.733  1.00 25.68 ? 133 ASP A OD2 1 
ATOM   679 N  N   . TYR A 1 82  ? -1.476  10.732  1.581   1.00 21.34 ? 134 TYR A N   1 
ATOM   680 C  CA  . TYR A 1 82  ? -1.078  11.091  2.935   1.00 20.94 ? 134 TYR A CA  1 
ATOM   681 C  C   . TYR A 1 82  ? 0.218   10.334  3.302   1.00 21.86 ? 134 TYR A C   1 
ATOM   682 O  O   . TYR A 1 82  ? 1.157   10.903  3.916   1.00 21.36 ? 134 TYR A O   1 
ATOM   683 C  CB  . TYR A 1 82  ? -2.206  10.774  3.911   1.00 20.52 ? 134 TYR A CB  1 
ATOM   684 C  CG  . TYR A 1 82  ? -1.786  11.028  5.368   1.00 20.90 ? 134 TYR A CG  1 
ATOM   685 C  CD1 . TYR A 1 82  ? -1.853  12.305  5.891   1.00 27.45 ? 134 TYR A CD1 1 
ATOM   686 C  CD2 . TYR A 1 82  ? -1.296  9.976   6.201   1.00 22.63 ? 134 TYR A CD2 1 
ATOM   687 C  CE1 . TYR A 1 82  ? -1.517  12.565  7.222   1.00 26.51 ? 134 TYR A CE1 1 
ATOM   688 C  CE2 . TYR A 1 82  ? -0.959  10.255  7.574   1.00 22.91 ? 134 TYR A CE2 1 
ATOM   689 C  CZ  . TYR A 1 82  ? -1.068  11.562  8.036   1.00 22.61 ? 134 TYR A CZ  1 
ATOM   690 O  OH  . TYR A 1 82  ? -0.722  11.870  9.346   1.00 26.66 ? 134 TYR A OH  1 
ATOM   691 N  N   . HIS A 1 83  ? 0.312   9.045   2.920   1.00 19.74 ? 135 HIS A N   1 
ATOM   692 C  CA  . HIS A 1 83  ? 1.425   8.297   3.339   1.00 19.17 ? 135 HIS A CA  1 
ATOM   693 C  C   . HIS A 1 83  ? 2.661   8.380   2.415   1.00 18.28 ? 135 HIS A C   1 
ATOM   694 O  O   . HIS A 1 83  ? 3.677   7.642   2.590   1.00 19.17 ? 135 HIS A O   1 
ATOM   695 C  CB  . HIS A 1 83  ? 0.982   6.838   3.626   1.00 17.97 ? 135 HIS A CB  1 
ATOM   696 C  CG  . HIS A 1 83  ? 0.305   6.704   4.949   1.00 19.89 ? 135 HIS A CG  1 
ATOM   697 N  ND1 . HIS A 1 83  ? -1.042  6.508   5.083   1.00 23.13 ? 135 HIS A ND1 1 
ATOM   698 C  CD2 . HIS A 1 83  ? 0.800   6.767   6.201   1.00 18.70 ? 135 HIS A CD2 1 
ATOM   699 C  CE1 . HIS A 1 83  ? -1.352  6.461   6.364   1.00 17.29 ? 135 HIS A CE1 1 
ATOM   700 N  NE2 . HIS A 1 83  ? -0.256  6.634   7.058   1.00 21.34 ? 135 HIS A NE2 1 
ATOM   701 N  N   . ARG A 1 84  ? 2.595   9.281   1.466   1.00 18.82 ? 136 ARG A N   1 
ATOM   702 C  CA  . ARG A 1 84  ? 3.803   9.671   0.690   1.00 19.82 ? 136 ARG A CA  1 
ATOM   703 C  C   . ARG A 1 84  ? 4.698   10.603  1.543   1.00 22.58 ? 136 ARG A C   1 
ATOM   704 O  O   . ARG A 1 84  ? 5.901   10.695  1.295   1.00 21.93 ? 136 ARG A O   1 
ATOM   705 C  CB  . ARG A 1 84  ? 3.438   10.393  -0.630  1.00 20.54 ? 136 ARG A CB  1 
ATOM   706 C  CG  . ARG A 1 84  ? 2.598   9.499   -1.582  1.00 18.49 ? 136 ARG A CG  1 
ATOM   707 C  CD  . ARG A 1 84  ? 2.238   10.305  -2.739  1.00 19.40 ? 136 ARG A CD  1 
ATOM   708 N  NE  . ARG A 1 84  ? 1.426   9.535   -3.752  1.00 21.90 ? 136 ARG A NE  1 
ATOM   709 C  CZ  . ARG A 1 84  ? 1.954   8.715   -4.661  1.00 22.01 ? 136 ARG A CZ  1 
ATOM   710 N  NH1 . ARG A 1 84  ? 3.281   8.481   -4.697  1.00 21.56 ? 136 ARG A NH1 1 
ATOM   711 N  NH2 . ARG A 1 84  ? 1.164   8.091   -5.553  1.00 23.10 ? 136 ARG A NH2 1 
ATOM   712 N  N   . SER A 1 85  ? 4.111   11.257  2.533   1.00 23.38 ? 137 SER A N   1 
ATOM   713 C  CA  . SER A 1 85  ? 4.984   12.080  3.397   1.00 24.25 ? 137 SER A CA  1 
ATOM   714 C  C   . SER A 1 85  ? 4.881   11.834  4.912   1.00 24.61 ? 137 SER A C   1 
ATOM   715 O  O   . SER A 1 85  ? 5.562   12.521  5.718   1.00 24.44 ? 137 SER A O   1 
ATOM   716 C  CB  . SER A 1 85  ? 4.753   13.562  3.063   1.00 25.03 ? 137 SER A CB  1 
ATOM   717 O  OG  . SER A 1 85  ? 3.392   13.943  3.297   1.00 24.83 ? 137 SER A OG  1 
ATOM   718 N  N   . THR A 1 86  ? 4.072   10.859  5.323   1.00 23.48 ? 138 THR A N   1 
ATOM   719 C  CA  . THR A 1 86  ? 3.987   10.382  6.677   1.00 23.25 ? 138 THR A CA  1 
ATOM   720 C  C   . THR A 1 86  ? 4.236   8.848   6.585   1.00 22.73 ? 138 THR A C   1 
ATOM   721 O  O   . THR A 1 86  ? 3.646   8.179   5.741   1.00 23.04 ? 138 THR A O   1 
ATOM   722 C  CB  . THR A 1 86  ? 2.611   10.760  7.374   1.00 24.50 ? 138 THR A CB  1 
ATOM   723 O  OG1 . THR A 1 86  ? 2.550   12.185  7.523   1.00 25.48 ? 138 THR A OG1 1 
ATOM   724 C  CG2 . THR A 1 86  ? 2.397   10.049  8.727   1.00 26.64 ? 138 THR A CG2 1 
ATOM   725 N  N   . SER A 1 87  ? 5.150   8.347   7.411   1.00 22.48 ? 139 SER A N   1 
ATOM   726 C  CA  . SER A 1 87  ? 5.599   6.948   7.293   1.00 21.03 ? 139 SER A CA  1 
ATOM   727 C  C   . SER A 1 87  ? 4.446   5.956   7.452   1.00 21.55 ? 139 SER A C   1 
ATOM   728 O  O   . SER A 1 87  ? 3.536   6.163   8.233   1.00 20.69 ? 139 SER A O   1 
ATOM   729 C  CB  . SER A 1 87  ? 6.699   6.612   8.285   1.00 21.15 ? 139 SER A CB  1 
ATOM   730 O  OG  . SER A 1 87  ? 7.108   5.257   8.073   1.00 21.41 ? 139 SER A OG  1 
ATOM   731 N  N   . VAL A 1 88  ? 4.434   4.913   6.623   1.00 23.03 ? 140 VAL A N   1 
ATOM   732 C  CA  . VAL A 1 88  ? 3.487   3.812   6.810   1.00 23.68 ? 140 VAL A CA  1 
ATOM   733 C  C   . VAL A 1 88  ? 3.849   2.867   7.938   1.00 23.03 ? 140 VAL A C   1 
ATOM   734 O  O   . VAL A 1 88  ? 2.968   2.140   8.411   1.00 22.22 ? 140 VAL A O   1 
ATOM   735 C  CB  . VAL A 1 88  ? 3.317   2.924   5.490   1.00 24.01 ? 140 VAL A CB  1 
ATOM   736 C  CG1 . VAL A 1 88  ? 2.719   3.781   4.400   1.00 26.57 ? 140 VAL A CG1 1 
ATOM   737 C  CG2 . VAL A 1 88  ? 4.669   2.218   5.120   1.00 21.66 ? 140 VAL A CG2 1 
ATOM   738 N  N   . SER A 1 89  ? 5.084   2.968   8.454   1.00 21.81 ? 141 SER A N   1 
ATOM   739 C  CA  . SER A 1 89  ? 5.583   2.033   9.425   1.00 20.45 ? 141 SER A CA  1 
ATOM   740 C  C   . SER A 1 89  ? 5.844   2.756   10.735  1.00 22.35 ? 141 SER A C   1 
ATOM   741 O  O   . SER A 1 89  ? 6.199   3.978   10.742  1.00 23.74 ? 141 SER A O   1 
ATOM   742 C  CB  . SER A 1 89  ? 6.858   1.349   8.915   1.00 20.89 ? 141 SER A CB  1 
ATOM   743 O  OG  . SER A 1 89  ? 7.597   0.707   9.963   1.00 20.81 ? 141 SER A OG  1 
ATOM   744 N  N   . ARG A 1 90  ? 5.615   2.002   11.802  1.00 22.62 ? 142 ARG A N   1 
ATOM   745 C  CA  . ARG A 1 90  ? 5.963   2.407   13.182  1.00 22.30 ? 142 ARG A CA  1 
ATOM   746 C  C   . ARG A 1 90  ? 7.369   1.961   13.565  1.00 23.26 ? 142 ARG A C   1 
ATOM   747 O  O   . ARG A 1 90  ? 7.817   2.286   14.664  1.00 24.73 ? 142 ARG A O   1 
ATOM   748 C  CB  . ARG A 1 90  ? 4.940   1.858   14.153  1.00 20.82 ? 142 ARG A CB  1 
ATOM   749 C  CG  . ARG A 1 90  ? 3.587   2.563   14.016  1.00 25.33 ? 142 ARG A CG  1 
ATOM   750 C  CD  . ARG A 1 90  ? 2.655   2.272   15.185  1.00 31.39 ? 142 ARG A CD  1 
ATOM   751 N  NE  . ARG A 1 90  ? 1.551   3.265   15.283  1.00 38.92 ? 142 ARG A NE  1 
ATOM   752 C  CZ  . ARG A 1 90  ? 0.419   3.137   16.000  1.00 37.86 ? 142 ARG A CZ  1 
ATOM   753 N  NH1 . ARG A 1 90  ? 0.163   2.022   16.701  1.00 41.76 ? 142 ARG A NH1 1 
ATOM   754 N  NH2 . ARG A 1 90  ? -0.498  4.111   15.974  1.00 34.67 ? 142 ARG A NH2 1 
ATOM   755 N  N   . ASN A 1 91  ? 8.058   1.208   12.691  1.00 25.24 ? 143 ASN A N   1 
ATOM   756 C  CA  . ASN A 1 91  ? 9.395   0.708   12.938  1.00 25.15 ? 143 ASN A CA  1 
ATOM   757 C  C   . ASN A 1 91  ? 10.509  1.326   12.078  1.00 24.07 ? 143 ASN A C   1 
ATOM   758 O  O   . ASN A 1 91  ? 11.702  1.209   12.422  1.00 24.52 ? 143 ASN A O   1 
ATOM   759 C  CB  . ASN A 1 91  ? 9.472   -0.791  12.665  1.00 28.18 ? 143 ASN A CB  1 
ATOM   760 C  CG  . ASN A 1 91  ? 8.635   -1.576  13.570  1.00 31.65 ? 143 ASN A CG  1 
ATOM   761 O  OD1 . ASN A 1 91  ? 8.545   -1.265  14.735  1.00 36.02 ? 143 ASN A OD1 1 
ATOM   762 N  ND2 . ASN A 1 91  ? 8.011   -2.640  13.048  1.00 38.11 ? 143 ASN A ND2 1 
ATOM   763 N  N   . GLN A 1 92  ? 10.142  1.877   10.932  1.00 24.41 ? 144 GLN A N   1 
ATOM   764 C  CA  . GLN A 1 92  ? 11.083  2.546   10.051  1.00 24.74 ? 144 GLN A CA  1 
ATOM   765 C  C   . GLN A 1 92  ? 10.372  3.714   9.406   1.00 23.46 ? 144 GLN A C   1 
ATOM   766 O  O   . GLN A 1 92  ? 9.157   3.769   9.365   1.00 23.37 ? 144 GLN A O   1 
ATOM   767 C  CB  . GLN A 1 92  ? 11.582  1.632   8.897   1.00 26.84 ? 144 GLN A CB  1 
ATOM   768 C  CG  . GLN A 1 92  ? 12.236  0.270   9.315   1.00 28.50 ? 144 GLN A CG  1 
ATOM   769 C  CD  . GLN A 1 92  ? 11.229  -0.900  9.537   1.00 35.61 ? 144 GLN A CD  1 
ATOM   770 O  OE1 . GLN A 1 92  ? 10.081  -0.842  9.110   1.00 36.87 ? 144 GLN A OE1 1 
ATOM   771 N  NE2 . GLN A 1 92  ? 11.693  -1.978  10.201  1.00 38.40 ? 144 GLN A NE2 1 
ATOM   772 N  N   . GLN A 1 93  ? 11.156  4.631   8.872   1.00 22.01 ? 145 GLN A N   1 
ATOM   773 C  CA  . GLN A 1 93  ? 10.635  5.701   8.048   1.00 22.73 ? 145 GLN A CA  1 
ATOM   774 C  C   . GLN A 1 93  ? 10.549  5.223   6.625   1.00 23.73 ? 145 GLN A C   1 
ATOM   775 O  O   . GLN A 1 93  ? 11.555  5.158   5.926   1.00 23.98 ? 145 GLN A O   1 
ATOM   776 C  CB  . GLN A 1 93  ? 11.556  6.922   8.121   1.00 22.07 ? 145 GLN A CB  1 
ATOM   777 C  CG  . GLN A 1 93  ? 11.526  7.551   9.491   1.00 23.52 ? 145 GLN A CG  1 
ATOM   778 C  CD  . GLN A 1 93  ? 10.151  8.104   9.842   1.00 23.87 ? 145 GLN A CD  1 
ATOM   779 O  OE1 . GLN A 1 93  ? 9.276   7.368   10.269  1.00 26.17 ? 145 GLN A OE1 1 
ATOM   780 N  NE2 . GLN A 1 93  ? 9.961   9.383   9.646   1.00 24.39 ? 145 GLN A NE2 1 
ATOM   781 N  N   . ILE A 1 94  ? 9.329   4.868   6.231   1.00 22.90 ? 146 ILE A N   1 
ATOM   782 C  CA  . ILE A 1 94  ? 9.030   4.345   4.905   1.00 23.74 ? 146 ILE A CA  1 
ATOM   783 C  C   . ILE A 1 94  ? 7.944   5.219   4.302   1.00 22.21 ? 146 ILE A C   1 
ATOM   784 O  O   . ILE A 1 94  ? 6.853   5.259   4.812   1.00 22.29 ? 146 ILE A O   1 
ATOM   785 C  CB  . ILE A 1 94  ? 8.551   2.845   4.937   1.00 25.44 ? 146 ILE A CB  1 
ATOM   786 C  CG1 . ILE A 1 94  ? 9.574   1.933   5.615   1.00 25.56 ? 146 ILE A CG1 1 
ATOM   787 C  CG2 . ILE A 1 94  ? 8.365   2.371   3.458   1.00 22.68 ? 146 ILE A CG2 1 
ATOM   788 C  CD1 . ILE A 1 94  ? 9.112   0.454   5.773   1.00 29.07 ? 146 ILE A CD1 1 
ATOM   789 N  N   . PHE A 1 95  ? 8.235   5.939   3.211   1.00 22.64 ? 147 PHE A N   1 
ATOM   790 C  CA  . PHE A 1 95  ? 7.249   6.822   2.595   1.00 22.46 ? 147 PHE A CA  1 
ATOM   791 C  C   . PHE A 1 95  ? 6.914   6.261   1.231   1.00 21.38 ? 147 PHE A C   1 
ATOM   792 O  O   . PHE A 1 95  ? 7.822   5.878   0.486   1.00 22.66 ? 147 PHE A O   1 
ATOM   793 C  CB  . PHE A 1 95  ? 7.817   8.204   2.387   1.00 23.18 ? 147 PHE A CB  1 
ATOM   794 C  CG  . PHE A 1 95  ? 8.300   8.793   3.643   1.00 20.26 ? 147 PHE A CG  1 
ATOM   795 C  CD1 . PHE A 1 95  ? 9.615   8.621   4.050   1.00 26.60 ? 147 PHE A CD1 1 
ATOM   796 C  CD2 . PHE A 1 95  ? 7.389   9.419   4.495   1.00 25.87 ? 147 PHE A CD2 1 
ATOM   797 C  CE1 . PHE A 1 95  ? 10.088  9.164   5.263   1.00 24.89 ? 147 PHE A CE1 1 
ATOM   798 C  CE2 . PHE A 1 95  ? 7.862   9.935   5.770   1.00 24.74 ? 147 PHE A CE2 1 
ATOM   799 C  CZ  . PHE A 1 95  ? 9.223   9.773   6.124   1.00 27.01 ? 147 PHE A CZ  1 
ATOM   800 N  N   . LEU A 1 96  ? 5.628   6.237   0.938   1.00 21.63 ? 148 LEU A N   1 
ATOM   801 C  CA  . LEU A 1 96  ? 5.128   5.678   -0.331  1.00 20.42 ? 148 LEU A CA  1 
ATOM   802 C  C   . LEU A 1 96  ? 5.678   6.416   -1.545  1.00 21.94 ? 148 LEU A C   1 
ATOM   803 O  O   . LEU A 1 96  ? 5.674   7.643   -1.609  1.00 20.93 ? 148 LEU A O   1 
ATOM   804 C  CB  . LEU A 1 96  ? 3.593   5.611   -0.381  1.00 19.12 ? 148 LEU A CB  1 
ATOM   805 C  CG  . LEU A 1 96  ? 2.967   4.786   0.726   1.00 19.07 ? 148 LEU A CG  1 
ATOM   806 C  CD1 . LEU A 1 96  ? 1.472   4.784   0.611   1.00 17.75 ? 148 LEU A CD1 1 
ATOM   807 C  CD2 . LEU A 1 96  ? 3.477   3.304   0.765   1.00 22.56 ? 148 LEU A CD2 1 
ATOM   808 N  N   . ARG A 1 97  ? 6.211   5.685   -2.500  1.00 19.89 ? 149 ARG A N   1 
ATOM   809 C  CA  . ARG A 1 97  ? 6.575   6.327   -3.768  1.00 22.43 ? 149 ARG A CA  1 
ATOM   810 C  C   . ARG A 1 97  ? 6.118   5.409   -4.873  1.00 23.54 ? 149 ARG A C   1 
ATOM   811 O  O   . ARG A 1 97  ? 6.061   4.202   -4.682  1.00 23.85 ? 149 ARG A O   1 
ATOM   812 C  CB  . ARG A 1 97  ? 8.081   6.524   -3.903  1.00 23.22 ? 149 ARG A CB  1 
ATOM   813 C  CG  . ARG A 1 97  ? 8.913   5.286   -3.472  1.00 27.02 ? 149 ARG A CG  1 
ATOM   814 C  CD  . ARG A 1 97  ? 10.447  5.506   -3.697  1.00 31.09 ? 149 ARG A CD  1 
ATOM   815 N  NE  . ARG A 1 97  ? 10.732  6.060   -5.033  1.00 35.37 ? 149 ARG A NE  1 
ATOM   816 C  CZ  . ARG A 1 97  ? 11.805  6.808   -5.322  1.00 39.44 ? 149 ARG A CZ  1 
ATOM   817 N  NH1 . ARG A 1 97  ? 12.702  7.066   -4.377  1.00 36.82 ? 149 ARG A NH1 1 
ATOM   818 N  NH2 . ARG A 1 97  ? 12.000  7.288   -6.546  1.00 41.30 ? 149 ARG A NH2 1 
ATOM   819 N  N   . ASP A 1 98  ? 5.843   5.986   -6.019  1.00 24.64 ? 150 ASP A N   1 
ATOM   820 C  CA  . ASP A 1 98  ? 5.329   5.213   -7.153  1.00 25.51 ? 150 ASP A CA  1 
ATOM   821 C  C   . ASP A 1 98  ? 6.320   4.177   -7.667  1.00 24.49 ? 150 ASP A C   1 
ATOM   822 O  O   . ASP A 1 98  ? 7.486   4.442   -7.773  1.00 24.51 ? 150 ASP A O   1 
ATOM   823 C  CB  . ASP A 1 98  ? 4.978   6.155   -8.283  1.00 27.60 ? 150 ASP A CB  1 
ATOM   824 C  CG  . ASP A 1 98  ? 3.681   6.916   -8.016  1.00 25.70 ? 150 ASP A CG  1 
ATOM   825 O  OD1 . ASP A 1 98  ? 2.926   6.513   -7.119  1.00 30.54 ? 150 ASP A OD1 1 
ATOM   826 O  OD2 . ASP A 1 98  ? 3.441   7.911   -8.713  1.00 31.77 ? 150 ASP A OD2 1 
ATOM   827 N  N   . ILE A 1 99  ? 5.818   3.007   -8.056  1.00 23.52 ? 151 ILE A N   1 
ATOM   828 C  CA  . ILE A 1 99  ? 6.679   2.021   -8.715  1.00 23.37 ? 151 ILE A CA  1 
ATOM   829 C  C   . ILE A 1 99  ? 7.367   2.620   -9.958  1.00 25.38 ? 151 ILE A C   1 
ATOM   830 O  O   . ILE A 1 99  ? 6.807   3.476   -10.618 1.00 25.75 ? 151 ILE A O   1 
ATOM   831 C  CB  . ILE A 1 99  ? 5.841   0.787   -9.158  1.00 22.55 ? 151 ILE A CB  1 
ATOM   832 C  CG1 . ILE A 1 99  ? 4.592   1.220   -9.922  1.00 25.26 ? 151 ILE A CG1 1 
ATOM   833 C  CG2 . ILE A 1 99  ? 5.523   -0.057  -7.941  1.00 21.34 ? 151 ILE A CG2 1 
ATOM   834 C  CD1 . ILE A 1 99  ? 3.836   0.126   -10.524 1.00 33.14 ? 151 ILE A CD1 1 
ATOM   835 N  N   . GLU A 1 100 ? 8.568   2.162   -10.264 1.00 28.92 ? 152 GLU A N   1 
ATOM   836 C  CA  . GLU A 1 100 ? 9.249   2.510   -11.511 1.00 34.19 ? 152 GLU A CA  1 
ATOM   837 C  C   . GLU A 1 100 ? 8.391   2.439   -12.781 1.00 39.46 ? 152 GLU A C   1 
ATOM   838 O  O   . GLU A 1 100 ? 8.175   3.496   -13.436 1.00 42.86 ? 152 GLU A O   1 
ATOM   839 C  CB  . GLU A 1 100 ? 10.496  1.649   -11.678 0.75 33.24 ? 152 GLU A CB  1 
ATOM   840 C  CG  . GLU A 1 100 ? 11.596  1.872   -10.641 0.75 33.27 ? 152 GLU A CG  1 
ATOM   841 C  CD  . GLU A 1 100 ? 12.524  0.631   -10.504 0.75 29.61 ? 152 GLU A CD  1 
ATOM   842 O  OE1 . GLU A 1 100 ? 12.557  -0.177  -11.452 0.75 35.94 ? 152 GLU A OE1 1 
ATOM   843 O  OE2 . GLU A 1 100 ? 13.167  0.427   -9.476  0.75 15.15 ? 152 GLU A OE2 1 
ATOM   844 N  N   . GLN A 1 101 ? 7.991   1.229   -13.148 1.00 44.14 ? 153 GLN A N   1 
ATOM   845 C  CA  . GLN A 1 101 ? 7.157   0.901   -14.321 1.00 48.66 ? 153 GLN A CA  1 
ATOM   846 C  C   . GLN A 1 101 ? 7.846   0.392   -15.620 1.00 50.51 ? 153 GLN A C   1 
ATOM   847 O  O   . GLN A 1 101 ? 8.540   1.120   -16.270 1.00 52.50 ? 153 GLN A O   1 
ATOM   848 C  CB  . GLN A 1 101 ? 6.244   2.049   -14.659 1.00 49.61 ? 153 GLN A CB  1 
ATOM   849 C  CG  . GLN A 1 101 ? 4.897   1.832   -14.161 1.00 55.12 ? 153 GLN A CG  1 
ATOM   850 C  CD  . GLN A 1 101 ? 4.448   0.426   -14.370 1.00 62.13 ? 153 GLN A CD  1 
ATOM   851 O  OE1 . GLN A 1 101 ? 4.145   -0.293  -13.432 1.00 64.33 ? 153 GLN A OE1 1 
ATOM   852 N  NE2 . GLN A 1 101 ? 4.357   0.037   -15.612 1.00 62.78 ? 153 GLN A NE2 1 
ATOM   853 N  N   . VAL A 1 102 ? 7.593   -0.851  -15.997 1.00 52.18 ? 154 VAL A N   1 
ATOM   854 C  CA  . VAL A 1 102 ? 8.169   -1.472  -17.210 1.00 52.95 ? 154 VAL A CA  1 
ATOM   855 C  C   . VAL A 1 102 ? 7.937   -0.620  -18.462 1.00 53.65 ? 154 VAL A C   1 
ATOM   856 O  O   . VAL A 1 102 ? 8.901   -0.150  -19.080 1.00 54.16 ? 154 VAL A O   1 
ATOM   857 C  CB  . VAL A 1 102 ? 7.656   -2.949  -17.442 1.00 53.42 ? 154 VAL A CB  1 
ATOM   858 C  CG1 . VAL A 1 102 ? 7.992   -3.444  -18.870 1.00 53.20 ? 154 VAL A CG1 1 
ATOM   859 C  CG2 . VAL A 1 102 ? 8.225   -3.932  -16.374 1.00 53.03 ? 154 VAL A CG2 1 
HETATM 860 C  C   . ACE B 2 1   ? 0.922   -9.734  7.973   1.00 29.03 ? 1   ACE B C   1 
HETATM 861 O  O   . ACE B 2 1   ? 1.294   -9.481  6.812   1.00 29.26 ? 1   ACE B O   1 
HETATM 862 C  CH3 . ACE B 2 1   ? 0.953   -11.177 8.507   1.00 30.60 ? 1   ACE B CH3 1 
HETATM 863 N  N   . PTR B 2 2   ? 0.488   -8.832  8.876   1.00 26.76 ? 2   PTR B N   1 
HETATM 864 C  CA  . PTR B 2 2   ? 0.361   -7.383  8.521   1.00 23.71 ? 2   PTR B CA  1 
HETATM 865 C  C   . PTR B 2 2   ? 1.032   -6.534  9.596   1.00 23.61 ? 2   PTR B C   1 
HETATM 866 O  O   . PTR B 2 2   ? 0.895   -6.814  10.777  1.00 26.24 ? 2   PTR B O   1 
HETATM 867 C  CB  . PTR B 2 2   ? -1.114  -6.970  8.379   1.00 22.51 ? 2   PTR B CB  1 
HETATM 868 C  CG  . PTR B 2 2   ? -1.812  -7.838  7.329   1.00 20.45 ? 2   PTR B CG  1 
HETATM 869 C  CD1 . PTR B 2 2   ? -2.387  -9.040  7.740   1.00 24.93 ? 2   PTR B CD1 1 
HETATM 870 C  CD2 . PTR B 2 2   ? -1.813  -7.460  5.981   1.00 20.38 ? 2   PTR B CD2 1 
HETATM 871 C  CE1 . PTR B 2 2   ? -2.980  -9.828  6.773   1.00 23.24 ? 2   PTR B CE1 1 
HETATM 872 C  CE2 . PTR B 2 2   ? -2.413  -8.290  4.997   1.00 21.60 ? 2   PTR B CE2 1 
HETATM 873 C  CZ  . PTR B 2 2   ? -2.970  -9.490  5.432   1.00 21.12 ? 2   PTR B CZ  1 
HETATM 874 O  OH  . PTR B 2 2   ? -3.597  -10.423 4.616   1.00 22.15 ? 2   PTR B OH  1 
HETATM 875 P  P   . PTR B 2 2   ? -3.447  -10.346 2.983   1.00 22.46 ? 2   PTR B P   1 
HETATM 876 O  O1P . PTR B 2 2   ? -4.495  -9.418  2.420   1.00 23.49 ? 2   PTR B O1P 1 
HETATM 877 O  O2P . PTR B 2 2   ? -2.108  -10.146 2.611   1.00 22.44 ? 2   PTR B O2P 1 
HETATM 878 O  O3P . PTR B 2 2   ? -3.867  -11.862 2.608   1.00 24.01 ? 2   PTR B O3P 1 
HETATM 879 N  N   . 192 B 2 3   ? 1.758   -5.549  9.140   1.00 25.52 ? 3   192 B N   1 
HETATM 880 O  O   . 192 B 2 3   ? 1.884   -3.842  12.349  1.00 23.90 ? 3   192 B O   1 
HETATM 881 C  CA  . 192 B 2 3   ? 2.501   -4.694  10.081  1.00 22.99 ? 3   192 B CA  1 
HETATM 882 C  C   . 192 B 2 3   ? 1.548   -4.079  11.163  1.00 24.82 ? 3   192 B C   1 
HETATM 883 C  CB1 . 192 B 2 3   ? 3.812   -5.333  10.559  1.00 22.42 ? 3   192 B CB1 1 
HETATM 884 C  CG  . 192 B 2 3   ? 4.608   -4.592  9.457   1.00 27.65 ? 3   192 B CG  1 
HETATM 885 C  CB2 . 192 B 2 3   ? 3.353   -3.710  9.249   1.00 25.07 ? 3   192 B CB2 1 
ATOM   886 N  N   . ASN B 2 4   ? 0.362   -3.774  10.706  1.00 22.64 ? 4   ASN B N   1 
ATOM   887 C  CA  . ASN B 2 4   ? -0.657  -3.094  11.512  1.00 24.24 ? 4   ASN B CA  1 
ATOM   888 C  C   . ASN B 2 4   ? -1.745  -4.062  11.967  1.00 24.85 ? 4   ASN B C   1 
ATOM   889 O  O   . ASN B 2 4   ? -2.796  -3.624  12.371  1.00 26.28 ? 4   ASN B O   1 
ATOM   890 C  CB  . ASN B 2 4   ? -1.192  -1.821  10.762  1.00 22.93 ? 4   ASN B CB  1 
ATOM   891 C  CG  . ASN B 2 4   ? -2.007  -2.149  9.455   1.00 25.05 ? 4   ASN B CG  1 
ATOM   892 O  OD1 . ASN B 2 4   ? -1.930  -3.290  8.956   1.00 20.50 ? 4   ASN B OD1 1 
ATOM   893 N  ND2 . ASN B 2 4   ? -2.862  -1.214  9.029   1.00 22.75 ? 4   ASN B ND2 1 
HETATM 894 N  N   . NH2 B 2 5   ? -1.499  -5.388  12.008  1.00 25.19 ? 5   NH2 B N   1 
HETATM 895 CL CL  . CL  C 3 .   ? 6.587   10.383  9.561   1.00 36.53 ? 1   CL  A CL  1 
HETATM 896 C  C1  . GOL D 4 .   ? 17.629  -5.598  -6.402  1.00 36.18 ? 2   GOL A C1  1 
HETATM 897 O  O1  . GOL D 4 .   ? 17.167  -6.789  -6.869  1.00 40.30 ? 2   GOL A O1  1 
HETATM 898 C  C2  . GOL D 4 .   ? 16.478  -4.683  -6.078  1.00 40.21 ? 2   GOL A C2  1 
HETATM 899 O  O2  . GOL D 4 .   ? 16.016  -4.859  -4.738  1.00 39.10 ? 2   GOL A O2  1 
HETATM 900 C  C3  . GOL D 4 .   ? 17.084  -3.345  -6.183  1.00 36.30 ? 2   GOL A C3  1 
HETATM 901 O  O3  . GOL D 4 .   ? 18.123  -3.287  -5.327  1.00 38.15 ? 2   GOL A O3  1 
HETATM 902 O  O   . HOH E 5 .   ? 8.597   -3.969  10.835  1.00 35.42 ? 4   HOH A O   1 
HETATM 903 O  O   . HOH E 5 .   ? 3.948   -7.869  6.570   1.00 28.56 ? 5   HOH A O   1 
HETATM 904 O  O   . HOH E 5 .   ? -6.548  -11.236 6.207   1.00 24.85 ? 6   HOH A O   1 
HETATM 905 O  O   . HOH E 5 .   ? -4.508  -11.793 -0.086  1.00 22.54 ? 7   HOH A O   1 
HETATM 906 O  O   . HOH E 5 .   ? -3.144  -13.672 -1.630  1.00 27.69 ? 8   HOH A O   1 
HETATM 907 O  O   . HOH E 5 .   ? -4.400  -9.674  -2.753  1.00 22.73 ? 9   HOH A O   1 
HETATM 908 O  O   . HOH E 5 .   ? -0.366  -15.265 -2.263  1.00 29.35 ? 10  HOH A O   1 
HETATM 909 O  O   . HOH E 5 .   ? 4.017   -13.137 2.719   1.00 36.46 ? 11  HOH A O   1 
HETATM 910 O  O   . HOH E 5 .   ? 3.145   2.454   -7.249  1.00 31.79 ? 12  HOH A O   1 
HETATM 911 O  O   . HOH E 5 .   ? 10.299  6.373   -0.435  1.00 37.69 ? 13  HOH A O   1 
HETATM 912 O  O   . HOH E 5 .   ? 8.386   11.224  0.106   1.00 31.65 ? 14  HOH A O   1 
HETATM 913 O  O   . HOH E 5 .   ? 11.059  5.686   2.040   1.00 28.67 ? 15  HOH A O   1 
HETATM 914 O  O   . HOH E 5 .   ? 12.661  -0.542  14.659  1.00 32.76 ? 16  HOH A O   1 
HETATM 915 O  O   . HOH E 5 .   ? 1.480   13.168  5.253   1.00 26.76 ? 17  HOH A O   1 
HETATM 916 O  O   . HOH E 5 .   ? 5.662   10.766  -3.919  1.00 30.55 ? 18  HOH A O   1 
HETATM 917 O  O   . HOH E 5 .   ? -3.642  5.945   8.603   1.00 28.24 ? 19  HOH A O   1 
HETATM 918 O  O   . HOH E 5 .   ? -0.095  9.880   11.330  1.00 35.33 ? 20  HOH A O   1 
HETATM 919 O  O   . HOH E 5 .   ? -1.769  7.543   11.168  1.00 36.32 ? 21  HOH A O   1 
HETATM 920 O  O   . HOH E 5 .   ? -3.924  12.864  1.605   1.00 37.15 ? 22  HOH A O   1 
HETATM 921 O  O   . HOH E 5 .   ? -3.457  11.587  -6.380  1.00 25.12 ? 23  HOH A O   1 
HETATM 922 O  O   . HOH E 5 .   ? -1.617  8.833   -5.879  1.00 26.70 ? 24  HOH A O   1 
HETATM 923 O  O   . HOH E 5 .   ? -10.298 12.389  3.484   0.50 20.70 ? 25  HOH A O   1 
HETATM 924 O  O   . HOH E 5 .   ? -7.573  12.859  -4.277  1.00 34.17 ? 26  HOH A O   1 
HETATM 925 O  O   . HOH E 5 .   ? -16.171 8.822   9.876   1.00 29.57 ? 27  HOH A O   1 
HETATM 926 O  O   . HOH E 5 .   ? -13.608 4.490   -1.975  1.00 23.97 ? 28  HOH A O   1 
HETATM 927 O  O   . HOH E 5 .   ? -10.208 -2.218  3.017   1.00 22.73 ? 29  HOH A O   1 
HETATM 928 O  O   . HOH E 5 .   ? -8.385  -4.682  5.949   1.00 29.21 ? 30  HOH A O   1 
HETATM 929 O  O   . HOH E 5 .   ? 11.669  -11.208 -0.965  0.50 35.41 ? 31  HOH A O   1 
HETATM 930 O  O   . HOH E 5 .   ? -10.822 -10.825 -3.198  0.50 23.57 ? 32  HOH A O   1 
HETATM 931 O  O   . HOH E 5 .   ? 15.183  3.621   2.867   0.50 19.68 ? 33  HOH A O   1 
HETATM 932 O  O   . HOH E 5 .   ? 15.885  2.778   -1.124  1.00 28.40 ? 34  HOH A O   1 
HETATM 933 O  O   . HOH E 5 .   ? 11.586  1.474   -7.190  1.00 21.16 ? 35  HOH A O   1 
HETATM 934 O  O   . HOH E 5 .   ? 10.264  3.980   -7.053  1.00 29.93 ? 36  HOH A O   1 
HETATM 935 O  O   . HOH E 5 .   ? 11.188  5.945   -9.564  1.00 43.05 ? 37  HOH A O   1 
HETATM 936 O  O   . HOH E 5 .   ? 14.190  4.888   -10.874 1.00 36.05 ? 38  HOH A O   1 
HETATM 937 O  O   . HOH E 5 .   ? 6.392   8.941   -6.340  1.00 27.94 ? 39  HOH A O   1 
HETATM 938 O  O   . HOH E 5 .   ? 7.992   9.875   -1.622  0.50 25.01 ? 40  HOH A O   1 
HETATM 939 O  O   . HOH E 5 .   ? 1.758   -0.156  17.061  1.00 39.15 ? 41  HOH A O   1 
HETATM 940 O  O   . HOH E 5 .   ? 0.431   13.700  10.013  0.50 30.16 ? 42  HOH A O   1 
HETATM 941 O  O   . HOH E 5 .   ? 1.394   13.905  1.039   0.50 29.03 ? 43  HOH A O   1 
HETATM 942 O  O   . HOH E 5 .   ? -16.899 5.602   13.028  1.00 37.53 ? 44  HOH A O   1 
HETATM 943 O  O   . HOH E 5 .   ? -13.096 -2.534  2.962   1.00 35.52 ? 45  HOH A O   1 
HETATM 944 O  O   . HOH E 5 .   ? 8.841   -4.362  -10.252 1.00 31.23 ? 49  HOH A O   1 
HETATM 945 O  O   . HOH E 5 .   ? 6.289   -8.698  -12.053 0.50 26.73 ? 50  HOH A O   1 
HETATM 946 O  O   . HOH E 5 .   ? 7.083   -14.912 -12.340 1.00 32.82 ? 51  HOH A O   1 
HETATM 947 O  O   . HOH E 5 .   ? 3.851   -15.659 -11.038 0.50 30.66 ? 52  HOH A O   1 
HETATM 948 O  O   . HOH E 5 .   ? 6.827   -1.894  9.579   1.00 29.91 ? 170 HOH A O   1 
HETATM 949 O  O   . HOH E 5 .   ? 5.037   -0.890  11.332  1.00 22.25 ? 171 HOH A O   1 
HETATM 950 O  O   . HOH E 5 .   ? -10.687 -7.834  -1.722  0.50 17.72 ? 172 HOH A O   1 
HETATM 951 O  O   . HOH E 5 .   ? 13.222  5.537   -1.432  1.00 30.74 ? 173 HOH A O   1 
HETATM 952 O  O   . HOH E 5 .   ? 16.482  -5.395  -2.321  1.00 43.93 ? 174 HOH A O   1 
HETATM 953 O  O   . HOH E 5 .   ? 7.679   -7.905  6.825   0.50 33.35 ? 175 HOH A O   1 
HETATM 954 O  O   . HOH E 5 .   ? -4.330  1.486   14.995  0.50 28.34 ? 176 HOH A O   1 
HETATM 955 O  O   . HOH E 5 .   ? 9.727   -11.995 -11.207 0.50 25.78 ? 177 HOH A O   1 
HETATM 956 O  O   . HOH F 5 .   ? 4.435   -2.736  13.618  1.00 32.60 ? 6   HOH B O   1 
HETATM 957 O  O   . HOH F 5 .   ? -2.399  -14.023 3.971   1.00 37.39 ? 46  HOH B O   1 
HETATM 958 O  O   . HOH F 5 .   ? -0.766  -10.197 11.205  1.00 37.84 ? 47  HOH B O   1 
HETATM 959 O  O   . HOH F 5 .   ? -2.586  -7.846  12.062  0.50 25.43 ? 48  HOH B O   1 
# 
